data_7BPV
# 
_entry.id   7BPV 
# 
_audit_conform.dict_name       mmcif_pdbx.dic 
_audit_conform.dict_version    5.380 
_audit_conform.dict_location   http://mmcif.pdb.org/dictionaries/ascii/mmcif_pdbx.dic 
# 
loop_
_database_2.database_id 
_database_2.database_code 
_database_2.pdbx_database_accession 
_database_2.pdbx_DOI 
PDB   7BPV         pdb_00007bpv 10.2210/pdb7bpv/pdb 
WWPDB D_1300016283 ?            ?                   
# 
_pdbx_database_status.status_code                     REL 
_pdbx_database_status.status_code_sf                  REL 
_pdbx_database_status.status_code_mr                  ? 
_pdbx_database_status.entry_id                        7BPV 
_pdbx_database_status.recvd_initial_deposition_date   2020-03-23 
_pdbx_database_status.SG_entry                        N 
_pdbx_database_status.deposit_site                    PDBJ 
_pdbx_database_status.process_site                    PDBJ 
_pdbx_database_status.status_code_cs                  ? 
_pdbx_database_status.status_code_nmr_data            ? 
_pdbx_database_status.methods_development_category    ? 
_pdbx_database_status.pdb_format_compatible           Y 
# 
loop_
_audit_author.name 
_audit_author.pdbx_ordinal 
_audit_author.identifier_ORCID 
'Wang, S.C.'    1 ? 
'Satange, R.B.' 2 ? 
'Hou, M.H.'     3 ? 
# 
_citation.abstract                  ? 
_citation.abstract_id_CAS           ? 
_citation.book_id_ISBN              ? 
_citation.book_publisher            ? 
_citation.book_publisher_city       ? 
_citation.book_title                ? 
_citation.coordinate_linkage        ? 
_citation.country                   UK 
_citation.database_id_Medline       ? 
_citation.details                   ? 
_citation.id                        primary 
_citation.journal_abbrev            'Nucleic Acids Res.' 
_citation.journal_id_ASTM           NARHAD 
_citation.journal_id_CSD            0389 
_citation.journal_id_ISSN           1362-4962 
_citation.journal_full              ? 
_citation.journal_issue             ? 
_citation.journal_volume            49 
_citation.language                  ? 
_citation.page_first                9526 
_citation.page_last                 9538 
_citation.title                     
;Targeting the ALS/FTD-associated A-DNA kink with anthracene-based metal complex causes DNA backbone straightening and groove contraction.
;
_citation.year                      2021 
_citation.database_id_CSD           ? 
_citation.pdbx_database_id_DOI      10.1093/nar/gkab227 
_citation.pdbx_database_id_PubMed   33836081 
_citation.unpublished_flag          ? 
# 
loop_
_citation_author.citation_id 
_citation_author.name 
_citation_author.ordinal 
_citation_author.identifier_ORCID 
primary 'Jhan, C.R.'  1 ?                   
primary 'Satange, R.' 2 ?                   
primary 'Wang, S.C.'  3 ?                   
primary 'Zeng, J.Y.'  4 ?                   
primary 'Horng, Y.C.' 5 ?                   
primary 'Jin, P.'     6 0000-0001-6137-6659 
primary 'Neidle, S.'  7 0000-0003-0622-6548 
primary 'Hou, M.H.'   8 0000-0003-4170-1527 
# 
_cell.angle_alpha                  90.000 
_cell.angle_alpha_esd              ? 
_cell.angle_beta                   90.000 
_cell.angle_beta_esd               ? 
_cell.angle_gamma                  90.000 
_cell.angle_gamma_esd              ? 
_cell.entry_id                     7BPV 
_cell.details                      ? 
_cell.formula_units_Z              ? 
_cell.length_a                     28.348 
_cell.length_a_esd                 ? 
_cell.length_b                     46.647 
_cell.length_b_esd                 ? 
_cell.length_c                     47.859 
_cell.length_c_esd                 ? 
_cell.volume                       ? 
_cell.volume_esd                   ? 
_cell.Z_PDB                        4 
_cell.reciprocal_angle_alpha       ? 
_cell.reciprocal_angle_beta        ? 
_cell.reciprocal_angle_gamma       ? 
_cell.reciprocal_angle_alpha_esd   ? 
_cell.reciprocal_angle_beta_esd    ? 
_cell.reciprocal_angle_gamma_esd   ? 
_cell.reciprocal_length_a          ? 
_cell.reciprocal_length_b          ? 
_cell.reciprocal_length_c          ? 
_cell.reciprocal_length_a_esd      ? 
_cell.reciprocal_length_b_esd      ? 
_cell.reciprocal_length_c_esd      ? 
_cell.pdbx_unique_axis             ? 
# 
_symmetry.entry_id                         7BPV 
_symmetry.cell_setting                     ? 
_symmetry.Int_Tables_number                19 
_symmetry.space_group_name_Hall            ? 
_symmetry.space_group_name_H-M             'P 21 21 21' 
_symmetry.pdbx_full_space_group_name_H-M   ? 
# 
loop_
_entity.id 
_entity.type 
_entity.src_method 
_entity.pdbx_description 
_entity.formula_weight 
_entity.pdbx_number_of_molecules 
_entity.pdbx_ec 
_entity.pdbx_mutation 
_entity.pdbx_fragment 
_entity.details 
1 polymer     syn 
;RNA (5'-R(P*GP*UP*GP*GP*GP*CP*CP*GP*AP*C)-3')
;
3231.989 1  ? ? ? ? 
2 polymer     syn 
;DNA (5'-D(P*GP*TP*CP*GP*GP*CP*CP*CP*AP*C)-3')
;
3005.969 1  ? ? ? ? 
3 non-polymer syn 'SULFATE ION'                                   96.063   1  ? ? ? ? 
4 water       nat water                                           18.015   17 ? ? ? ? 
# 
loop_
_entity_poly.entity_id 
_entity_poly.type 
_entity_poly.nstd_linkage 
_entity_poly.nstd_monomer 
_entity_poly.pdbx_seq_one_letter_code 
_entity_poly.pdbx_seq_one_letter_code_can 
_entity_poly.pdbx_strand_id 
_entity_poly.pdbx_target_identifier 
1 polyribonucleotide      no no GUGGGCCGAC                                 GUGGGCCGAC S ? 
2 polydeoxyribonucleotide no no '(DG)(DT)(DC)(DG)(DG)(DC)(DC)(DC)(DA)(DC)' GTCGGCCCAC A ? 
# 
loop_
_entity_poly_seq.entity_id 
_entity_poly_seq.num 
_entity_poly_seq.mon_id 
_entity_poly_seq.hetero 
1 1  G  n 
1 2  U  n 
1 3  G  n 
1 4  G  n 
1 5  G  n 
1 6  C  n 
1 7  C  n 
1 8  G  n 
1 9  A  n 
1 10 C  n 
2 1  DG n 
2 2  DT n 
2 3  DC n 
2 4  DG n 
2 5  DG n 
2 6  DC n 
2 7  DC n 
2 8  DC n 
2 9  DA n 
2 10 DC n 
# 
loop_
_pdbx_entity_src_syn.entity_id 
_pdbx_entity_src_syn.pdbx_src_id 
_pdbx_entity_src_syn.pdbx_alt_source_flag 
_pdbx_entity_src_syn.pdbx_beg_seq_num 
_pdbx_entity_src_syn.pdbx_end_seq_num 
_pdbx_entity_src_syn.organism_scientific 
_pdbx_entity_src_syn.organism_common_name 
_pdbx_entity_src_syn.ncbi_taxonomy_id 
_pdbx_entity_src_syn.details 
1 1 sample 1 10 'synthetic construct' ? 32630 ? 
2 1 sample 1 10 'synthetic construct' ? 32630 ? 
# 
loop_
_struct_ref.id 
_struct_ref.db_name 
_struct_ref.db_code 
_struct_ref.pdbx_db_accession 
_struct_ref.pdbx_db_isoform 
_struct_ref.entity_id 
_struct_ref.pdbx_seq_one_letter_code 
_struct_ref.pdbx_align_begin 
1 PDB 7BPV 7BPV ? 1 ? 1 
2 PDB 7BPV 7BPV ? 2 ? 1 
# 
loop_
_struct_ref_seq.align_id 
_struct_ref_seq.ref_id 
_struct_ref_seq.pdbx_PDB_id_code 
_struct_ref_seq.pdbx_strand_id 
_struct_ref_seq.seq_align_beg 
_struct_ref_seq.pdbx_seq_align_beg_ins_code 
_struct_ref_seq.seq_align_end 
_struct_ref_seq.pdbx_seq_align_end_ins_code 
_struct_ref_seq.pdbx_db_accession 
_struct_ref_seq.db_align_beg 
_struct_ref_seq.pdbx_db_align_beg_ins_code 
_struct_ref_seq.db_align_end 
_struct_ref_seq.pdbx_db_align_end_ins_code 
_struct_ref_seq.pdbx_auth_seq_align_beg 
_struct_ref_seq.pdbx_auth_seq_align_end 
1 1 7BPV S 1 ? 10 ? 7BPV 1 ? 10 ? 1 10 
2 2 7BPV A 1 ? 10 ? 7BPV 1 ? 10 ? 1 10 
# 
loop_
_chem_comp.id 
_chem_comp.type 
_chem_comp.mon_nstd_flag 
_chem_comp.name 
_chem_comp.pdbx_synonyms 
_chem_comp.formula 
_chem_comp.formula_weight 
A   'RNA linking' y "ADENOSINE-5'-MONOPHOSPHATE"         ? 'C10 H14 N5 O7 P' 347.221 
C   'RNA linking' y "CYTIDINE-5'-MONOPHOSPHATE"          ? 'C9 H14 N3 O8 P'  323.197 
DA  'DNA linking' y "2'-DEOXYADENOSINE-5'-MONOPHOSPHATE" ? 'C10 H14 N5 O6 P' 331.222 
DC  'DNA linking' y "2'-DEOXYCYTIDINE-5'-MONOPHOSPHATE"  ? 'C9 H14 N3 O7 P'  307.197 
DG  'DNA linking' y "2'-DEOXYGUANOSINE-5'-MONOPHOSPHATE" ? 'C10 H14 N5 O7 P' 347.221 
DT  'DNA linking' y "THYMIDINE-5'-MONOPHOSPHATE"         ? 'C10 H15 N2 O8 P' 322.208 
G   'RNA linking' y "GUANOSINE-5'-MONOPHOSPHATE"         ? 'C10 H14 N5 O8 P' 363.221 
HOH non-polymer   . WATER                                ? 'H2 O'            18.015  
SO4 non-polymer   . 'SULFATE ION'                        ? 'O4 S -2'         96.063  
U   'RNA linking' y "URIDINE-5'-MONOPHOSPHATE"           ? 'C9 H13 N2 O9 P'  324.181 
# 
_exptl.absorpt_coefficient_mu     ? 
_exptl.absorpt_correction_T_max   ? 
_exptl.absorpt_correction_T_min   ? 
_exptl.absorpt_correction_type    ? 
_exptl.absorpt_process_details    ? 
_exptl.entry_id                   7BPV 
_exptl.crystals_number            1 
_exptl.details                    ? 
_exptl.method                     'X-RAY DIFFRACTION' 
_exptl.method_details             ? 
# 
_exptl_crystal.colour                      ? 
_exptl_crystal.density_diffrn              ? 
_exptl_crystal.density_Matthews            2.54 
_exptl_crystal.density_method              ? 
_exptl_crystal.density_percent_sol         51.50 
_exptl_crystal.description                 ? 
_exptl_crystal.F_000                       ? 
_exptl_crystal.id                          1 
_exptl_crystal.preparation                 ? 
_exptl_crystal.size_max                    ? 
_exptl_crystal.size_mid                    ? 
_exptl_crystal.size_min                    ? 
_exptl_crystal.size_rad                    ? 
_exptl_crystal.colour_lustre               ? 
_exptl_crystal.colour_modifier             ? 
_exptl_crystal.colour_primary              ? 
_exptl_crystal.density_meas                ? 
_exptl_crystal.density_meas_esd            ? 
_exptl_crystal.density_meas_gt             ? 
_exptl_crystal.density_meas_lt             ? 
_exptl_crystal.density_meas_temp           ? 
_exptl_crystal.density_meas_temp_esd       ? 
_exptl_crystal.density_meas_temp_gt        ? 
_exptl_crystal.density_meas_temp_lt        ? 
_exptl_crystal.pdbx_crystal_image_url      ? 
_exptl_crystal.pdbx_crystal_image_format   ? 
_exptl_crystal.pdbx_mosaicity              ? 
_exptl_crystal.pdbx_mosaicity_esd          ? 
# 
_exptl_crystal_grow.apparatus       ? 
_exptl_crystal_grow.atmosphere      ? 
_exptl_crystal_grow.crystal_id      1 
_exptl_crystal_grow.details         ? 
_exptl_crystal_grow.method          'VAPOR DIFFUSION, SITTING DROP' 
_exptl_crystal_grow.method_ref      ? 
_exptl_crystal_grow.pH              6.5 
_exptl_crystal_grow.pressure        ? 
_exptl_crystal_grow.pressure_esd    ? 
_exptl_crystal_grow.seeding         ? 
_exptl_crystal_grow.seeding_ref     ? 
_exptl_crystal_grow.temp            277 
_exptl_crystal_grow.temp_details    ? 
_exptl_crystal_grow.temp_esd        ? 
_exptl_crystal_grow.time            ? 
_exptl_crystal_grow.pdbx_details    '5 mM MgSO4, 50 mM Tris HCL, 50 Mm MES (pH-6.5),  2.9 M 1,6-Hexandiol' 
_exptl_crystal_grow.pdbx_pH_range   ? 
# 
_diffrn.ambient_environment              ? 
_diffrn.ambient_temp                     100 
_diffrn.ambient_temp_details             ? 
_diffrn.ambient_temp_esd                 ? 
_diffrn.crystal_id                       1 
_diffrn.crystal_support                  ? 
_diffrn.crystal_treatment                ? 
_diffrn.details                          ? 
_diffrn.id                               1 
_diffrn.ambient_pressure                 ? 
_diffrn.ambient_pressure_esd             ? 
_diffrn.ambient_pressure_gt              ? 
_diffrn.ambient_pressure_lt              ? 
_diffrn.ambient_temp_gt                  ? 
_diffrn.ambient_temp_lt                  ? 
_diffrn.pdbx_serial_crystal_experiment   N 
# 
_diffrn_detector.details                      ? 
_diffrn_detector.detector                     CCD 
_diffrn_detector.diffrn_id                    1 
_diffrn_detector.type                         'RAYONIX MX300HE' 
_diffrn_detector.area_resol_mean              ? 
_diffrn_detector.dtime                        ? 
_diffrn_detector.pdbx_frames_total            ? 
_diffrn_detector.pdbx_collection_time_total   ? 
_diffrn_detector.pdbx_collection_date         2020-02-19 
_diffrn_detector.pdbx_frequency               ? 
# 
_diffrn_radiation.collimation                      ? 
_diffrn_radiation.diffrn_id                        1 
_diffrn_radiation.filter_edge                      ? 
_diffrn_radiation.inhomogeneity                    ? 
_diffrn_radiation.monochromator                    ? 
_diffrn_radiation.polarisn_norm                    ? 
_diffrn_radiation.polarisn_ratio                   ? 
_diffrn_radiation.probe                            ? 
_diffrn_radiation.type                             ? 
_diffrn_radiation.xray_symbol                      ? 
_diffrn_radiation.wavelength_id                    1 
_diffrn_radiation.pdbx_monochromatic_or_laue_m_l   M 
_diffrn_radiation.pdbx_wavelength_list             ? 
_diffrn_radiation.pdbx_wavelength                  ? 
_diffrn_radiation.pdbx_diffrn_protocol             'SINGLE WAVELENGTH' 
_diffrn_radiation.pdbx_analyzer                    ? 
_diffrn_radiation.pdbx_scattering_type             x-ray 
# 
_diffrn_radiation_wavelength.id           1 
_diffrn_radiation_wavelength.wavelength   0.99984 
_diffrn_radiation_wavelength.wt           1.0 
# 
_diffrn_source.current                     ? 
_diffrn_source.details                     ? 
_diffrn_source.diffrn_id                   1 
_diffrn_source.power                       ? 
_diffrn_source.size                        ? 
_diffrn_source.source                      SYNCHROTRON 
_diffrn_source.target                      ? 
_diffrn_source.type                        'NSRRC BEAMLINE TPS 05A' 
_diffrn_source.voltage                     ? 
_diffrn_source.take-off_angle              ? 
_diffrn_source.pdbx_wavelength_list        0.99984 
_diffrn_source.pdbx_wavelength             ? 
_diffrn_source.pdbx_synchrotron_beamline   'TPS 05A' 
_diffrn_source.pdbx_synchrotron_site       NSRRC 
# 
_reflns.B_iso_Wilson_estimate            ? 
_reflns.entry_id                         7BPV 
_reflns.data_reduction_details           ? 
_reflns.data_reduction_method            ? 
_reflns.d_resolution_high                1.780 
_reflns.d_resolution_low                 30.000 
_reflns.details                          ? 
_reflns.limit_h_max                      ? 
_reflns.limit_h_min                      ? 
_reflns.limit_k_max                      ? 
_reflns.limit_k_min                      ? 
_reflns.limit_l_max                      ? 
_reflns.limit_l_min                      ? 
_reflns.number_all                       ? 
_reflns.number_obs                       6395 
_reflns.observed_criterion               ? 
_reflns.observed_criterion_F_max         ? 
_reflns.observed_criterion_F_min         ? 
_reflns.observed_criterion_I_max         ? 
_reflns.observed_criterion_I_min         ? 
_reflns.observed_criterion_sigma_F       ? 
_reflns.observed_criterion_sigma_I       ? 
_reflns.percent_possible_obs             98.800 
_reflns.R_free_details                   ? 
_reflns.Rmerge_F_all                     ? 
_reflns.Rmerge_F_obs                     ? 
_reflns.Friedel_coverage                 ? 
_reflns.number_gt                        ? 
_reflns.threshold_expression             ? 
_reflns.pdbx_redundancy                  6.400 
_reflns.pdbx_Rmerge_I_obs                0.048 
_reflns.pdbx_Rmerge_I_all                ? 
_reflns.pdbx_Rsym_value                  ? 
_reflns.pdbx_netI_over_av_sigmaI         ? 
_reflns.pdbx_netI_over_sigmaI            16.400 
_reflns.pdbx_res_netI_over_av_sigmaI_2   ? 
_reflns.pdbx_res_netI_over_sigmaI_2      ? 
_reflns.pdbx_chi_squared                 1.004 
_reflns.pdbx_scaling_rejects             ? 
_reflns.pdbx_d_res_high_opt              ? 
_reflns.pdbx_d_res_low_opt               ? 
_reflns.pdbx_d_res_opt_method            ? 
_reflns.phase_calculation_details        ? 
_reflns.pdbx_Rrim_I_all                  0.053 
_reflns.pdbx_Rpim_I_all                  0.021 
_reflns.pdbx_d_opt                       ? 
_reflns.pdbx_number_measured_all         40863 
_reflns.pdbx_diffrn_id                   1 
_reflns.pdbx_ordinal                     1 
_reflns.pdbx_CC_half                     ? 
_reflns.pdbx_CC_star                     ? 
_reflns.pdbx_R_split                     ? 
# 
loop_
_reflns_shell.d_res_high 
_reflns_shell.d_res_low 
_reflns_shell.meanI_over_sigI_all 
_reflns_shell.meanI_over_sigI_obs 
_reflns_shell.number_measured_all 
_reflns_shell.number_measured_obs 
_reflns_shell.number_possible 
_reflns_shell.number_unique_all 
_reflns_shell.number_unique_obs 
_reflns_shell.percent_possible_all 
_reflns_shell.percent_possible_obs 
_reflns_shell.Rmerge_F_all 
_reflns_shell.Rmerge_F_obs 
_reflns_shell.Rmerge_I_all 
_reflns_shell.Rmerge_I_obs 
_reflns_shell.meanI_over_sigI_gt 
_reflns_shell.meanI_over_uI_all 
_reflns_shell.meanI_over_uI_gt 
_reflns_shell.number_measured_gt 
_reflns_shell.number_unique_gt 
_reflns_shell.percent_possible_gt 
_reflns_shell.Rmerge_F_gt 
_reflns_shell.Rmerge_I_gt 
_reflns_shell.pdbx_redundancy 
_reflns_shell.pdbx_Rsym_value 
_reflns_shell.pdbx_chi_squared 
_reflns_shell.pdbx_netI_over_sigmaI_all 
_reflns_shell.pdbx_netI_over_sigmaI_obs 
_reflns_shell.pdbx_Rrim_I_all 
_reflns_shell.pdbx_Rpim_I_all 
_reflns_shell.pdbx_rejects 
_reflns_shell.pdbx_ordinal 
_reflns_shell.pdbx_diffrn_id 
_reflns_shell.pdbx_CC_half 
_reflns_shell.pdbx_CC_star 
_reflns_shell.pdbx_R_split 
1.780 1.840  ? ? ? ? ? ? 601 98.000  ? ? ? ? 0.452 ? ? ? ? ? ? ? ? 5.700 ? 1.009 ? ? 0.496 0.199 ? 1  1 0.913 ? ? 
1.840 1.920  ? ? ? ? ? ? 638 99.800  ? ? ? ? 0.347 ? ? ? ? ? ? ? ? 6.400 ? 1.004 ? ? 0.377 0.146 ? 2  1 0.958 ? ? 
1.920 2.000  ? ? ? ? ? ? 635 100.000 ? ? ? ? 0.237 ? ? ? ? ? ? ? ? 6.900 ? 1.002 ? ? 0.256 0.096 ? 3  1 0.982 ? ? 
2.000 2.110  ? ? ? ? ? ? 619 100.000 ? ? ? ? 0.171 ? ? ? ? ? ? ? ? 6.900 ? 1.002 ? ? 0.185 0.070 ? 4  1 0.985 ? ? 
2.110 2.240  ? ? ? ? ? ? 637 100.000 ? ? ? ? 0.138 ? ? ? ? ? ? ? ? 6.900 ? 1.009 ? ? 0.149 0.057 ? 5  1 0.991 ? ? 
2.240 2.420  ? ? ? ? ? ? 647 100.000 ? ? ? ? 0.093 ? ? ? ? ? ? ? ? 6.800 ? 1.001 ? ? 0.101 0.039 ? 6  1 0.991 ? ? 
2.420 2.660  ? ? ? ? ? ? 645 100.000 ? ? ? ? 0.074 ? ? ? ? ? ? ? ? 6.700 ? 1.002 ? ? 0.081 0.031 ? 7  1 0.995 ? ? 
2.660 3.040  ? ? ? ? ? ? 652 100.000 ? ? ? ? 0.062 ? ? ? ? ? ? ? ? 6.200 ? 1.008 ? ? 0.068 0.027 ? 8  1 0.996 ? ? 
3.040 3.830  ? ? ? ? ? ? 646 97.700  ? ? ? ? 0.046 ? ? ? ? ? ? ? ? 5.600 ? 1.000 ? ? 0.051 0.021 ? 9  1 0.997 ? ? 
3.830 30.000 ? ? ? ? ? ? 675 93.100  ? ? ? ? 0.037 ? ? ? ? ? ? ? ? 5.700 ? 1.000 ? ? 0.041 0.017 ? 10 1 0.998 ? ? 
# 
_refine.aniso_B[1][1]                            ? 
_refine.aniso_B[1][2]                            ? 
_refine.aniso_B[1][3]                            ? 
_refine.aniso_B[2][2]                            ? 
_refine.aniso_B[2][3]                            ? 
_refine.aniso_B[3][3]                            ? 
_refine.B_iso_max                                157.500 
_refine.B_iso_mean                               44.3265 
_refine.B_iso_min                                30.800 
_refine.correlation_coeff_Fo_to_Fc               ? 
_refine.correlation_coeff_Fo_to_Fc_free          ? 
_refine.details                                  ? 
_refine.diff_density_max                         ? 
_refine.diff_density_max_esd                     ? 
_refine.diff_density_min                         ? 
_refine.diff_density_min_esd                     ? 
_refine.diff_density_rms                         ? 
_refine.diff_density_rms_esd                     ? 
_refine.entry_id                                 7BPV 
_refine.pdbx_refine_id                           'X-RAY DIFFRACTION' 
_refine.ls_abs_structure_details                 ? 
_refine.ls_abs_structure_Flack                   ? 
_refine.ls_abs_structure_Flack_esd               ? 
_refine.ls_abs_structure_Rogers                  ? 
_refine.ls_abs_structure_Rogers_esd              ? 
_refine.ls_d_res_high                            1.7810 
_refine.ls_d_res_low                             21.6140 
_refine.ls_extinction_coef                       ? 
_refine.ls_extinction_coef_esd                   ? 
_refine.ls_extinction_expression                 ? 
_refine.ls_extinction_method                     ? 
_refine.ls_goodness_of_fit_all                   ? 
_refine.ls_goodness_of_fit_all_esd               ? 
_refine.ls_goodness_of_fit_obs                   ? 
_refine.ls_goodness_of_fit_obs_esd               ? 
_refine.ls_hydrogen_treatment                    ? 
_refine.ls_matrix_type                           ? 
_refine.ls_number_constraints                    ? 
_refine.ls_number_parameters                     ? 
_refine.ls_number_reflns_all                     ? 
_refine.ls_number_reflns_obs                     6361 
_refine.ls_number_reflns_R_free                  642 
_refine.ls_number_reflns_R_work                  ? 
_refine.ls_number_restraints                     ? 
_refine.ls_percent_reflns_obs                    98.6800 
_refine.ls_percent_reflns_R_free                 10.0900 
_refine.ls_R_factor_all                          ? 
_refine.ls_R_factor_obs                          0.2200 
_refine.ls_R_factor_R_free                       0.2378 
_refine.ls_R_factor_R_free_error                 ? 
_refine.ls_R_factor_R_free_error_details         ? 
_refine.ls_R_factor_R_work                       0.2180 
_refine.ls_R_Fsqd_factor_obs                     ? 
_refine.ls_R_I_factor_obs                        ? 
_refine.ls_redundancy_reflns_all                 ? 
_refine.ls_redundancy_reflns_obs                 ? 
_refine.ls_restrained_S_all                      ? 
_refine.ls_restrained_S_obs                      ? 
_refine.ls_shift_over_esd_max                    ? 
_refine.ls_shift_over_esd_mean                   ? 
_refine.ls_structure_factor_coef                 ? 
_refine.ls_weighting_details                     ? 
_refine.ls_weighting_scheme                      ? 
_refine.ls_wR_factor_all                         ? 
_refine.ls_wR_factor_obs                         ? 
_refine.ls_wR_factor_R_free                      ? 
_refine.ls_wR_factor_R_work                      ? 
_refine.occupancy_max                            ? 
_refine.occupancy_min                            ? 
_refine.solvent_model_details                    ? 
_refine.solvent_model_param_bsol                 ? 
_refine.solvent_model_param_ksol                 ? 
_refine.pdbx_R_complete                          ? 
_refine.ls_R_factor_gt                           ? 
_refine.ls_goodness_of_fit_gt                    ? 
_refine.ls_goodness_of_fit_ref                   ? 
_refine.ls_shift_over_su_max                     ? 
_refine.ls_shift_over_su_max_lt                  ? 
_refine.ls_shift_over_su_mean                    ? 
_refine.ls_shift_over_su_mean_lt                 ? 
_refine.pdbx_ls_sigma_I                          ? 
_refine.pdbx_ls_sigma_F                          1.340 
_refine.pdbx_ls_sigma_Fsqd                       ? 
_refine.pdbx_data_cutoff_high_absF               ? 
_refine.pdbx_data_cutoff_high_rms_absF           ? 
_refine.pdbx_data_cutoff_low_absF                ? 
_refine.pdbx_isotropic_thermal_model             ? 
_refine.pdbx_ls_cross_valid_method               THROUGHOUT 
_refine.pdbx_method_to_determine_struct          'MOLECULAR REPLACEMENT' 
_refine.pdbx_starting_model                      6L75 
_refine.pdbx_stereochemistry_target_values       ? 
_refine.pdbx_R_Free_selection_details            ? 
_refine.pdbx_stereochem_target_val_spec_case     ? 
_refine.pdbx_overall_ESU_R                       ? 
_refine.pdbx_overall_ESU_R_Free                  ? 
_refine.pdbx_solvent_vdw_probe_radii             1.1100 
_refine.pdbx_solvent_ion_probe_radii             ? 
_refine.pdbx_solvent_shrinkage_radii             0.9000 
_refine.pdbx_real_space_R                        ? 
_refine.pdbx_density_correlation                 ? 
_refine.pdbx_pd_number_of_powder_patterns        ? 
_refine.pdbx_pd_number_of_points                 ? 
_refine.pdbx_pd_meas_number_of_points            ? 
_refine.pdbx_pd_proc_ls_prof_R_factor            ? 
_refine.pdbx_pd_proc_ls_prof_wR_factor           ? 
_refine.pdbx_pd_Marquardt_correlation_coeff      ? 
_refine.pdbx_pd_Fsqrd_R_factor                   ? 
_refine.pdbx_pd_ls_matrix_band_width             ? 
_refine.pdbx_overall_phase_error                 28.8700 
_refine.pdbx_overall_SU_R_free_Cruickshank_DPI   ? 
_refine.pdbx_overall_SU_R_free_Blow_DPI          ? 
_refine.pdbx_overall_SU_R_Blow_DPI               ? 
_refine.pdbx_TLS_residual_ADP_flag               ? 
_refine.pdbx_diffrn_id                           1 
_refine.overall_SU_B                             ? 
_refine.overall_SU_ML                            0.1400 
_refine.overall_SU_R_Cruickshank_DPI             ? 
_refine.overall_SU_R_free                        ? 
_refine.overall_FOM_free_R_set                   ? 
_refine.overall_FOM_work_R_set                   ? 
_refine.pdbx_average_fsc_overall                 ? 
_refine.pdbx_average_fsc_work                    ? 
_refine.pdbx_average_fsc_free                    ? 
# 
_refine_hist.pdbx_refine_id                   'X-RAY DIFFRACTION' 
_refine_hist.cycle_id                         final 
_refine_hist.details                          ? 
_refine_hist.d_res_high                       1.7810 
_refine_hist.d_res_low                        21.6140 
_refine_hist.number_atoms_solvent             17 
_refine_hist.number_atoms_total               443 
_refine_hist.number_reflns_all                ? 
_refine_hist.number_reflns_obs                ? 
_refine_hist.number_reflns_R_free             ? 
_refine_hist.number_reflns_R_work             ? 
_refine_hist.R_factor_all                     ? 
_refine_hist.R_factor_obs                     ? 
_refine_hist.R_factor_R_free                  ? 
_refine_hist.R_factor_R_work                  ? 
_refine_hist.pdbx_number_residues_total       20 
_refine_hist.pdbx_B_iso_mean_ligand           83.16 
_refine_hist.pdbx_B_iso_mean_solvent          47.77 
_refine_hist.pdbx_number_atoms_protein        0 
_refine_hist.pdbx_number_atoms_nucleic_acid   421 
_refine_hist.pdbx_number_atoms_ligand         5 
_refine_hist.pdbx_number_atoms_lipid          ? 
_refine_hist.pdbx_number_atoms_carb           ? 
_refine_hist.pdbx_pseudo_atom_details         ? 
# 
loop_
_refine_ls_shell.pdbx_refine_id 
_refine_ls_shell.d_res_high 
_refine_ls_shell.d_res_low 
_refine_ls_shell.number_reflns_all 
_refine_ls_shell.number_reflns_obs 
_refine_ls_shell.number_reflns_R_free 
_refine_ls_shell.number_reflns_R_work 
_refine_ls_shell.percent_reflns_obs 
_refine_ls_shell.percent_reflns_R_free 
_refine_ls_shell.R_factor_all 
_refine_ls_shell.R_factor_obs 
_refine_ls_shell.R_factor_R_free 
_refine_ls_shell.R_factor_R_free_error 
_refine_ls_shell.R_factor_R_work 
_refine_ls_shell.redundancy_reflns_all 
_refine_ls_shell.redundancy_reflns_obs 
_refine_ls_shell.wR_factor_all 
_refine_ls_shell.wR_factor_obs 
_refine_ls_shell.wR_factor_R_free 
_refine_ls_shell.wR_factor_R_work 
_refine_ls_shell.pdbx_R_complete 
_refine_ls_shell.pdbx_total_number_of_bins_used 
_refine_ls_shell.pdbx_phase_error 
_refine_ls_shell.pdbx_fsc_work 
_refine_ls_shell.pdbx_fsc_free 
'X-RAY DIFFRACTION' 1.7810 1.9183 . . 125 1105 98.0000  . . . 0.2788 0.0000 0.2550 . . . . . . . . . . . 
'X-RAY DIFFRACTION' 1.9183 2.1112 . . 120 1128 100.0000 . . . 0.3408 0.0000 0.2732 . . . . . . . . . . . 
'X-RAY DIFFRACTION' 2.1112 2.4164 . . 134 1149 100.0000 . . . 0.2865 0.0000 0.2731 . . . . . . . . . . . 
'X-RAY DIFFRACTION' 2.4164 3.0430 . . 129 1169 100.0000 . . . 0.3185 0.0000 0.2893 . . . . . . . . . . . 
'X-RAY DIFFRACTION' 3.0430 21.61  . . 134 1168 96.0000  . . . 0.1903 0.0000 0.1778 . . . . . . . . . . . 
# 
_struct.entry_id                     7BPV 
_struct.title                        'r(GUGGGCCGAC)/d(GTCGGCCCAC) hybrid duplex structure' 
_struct.pdbx_model_details           ? 
_struct.pdbx_formula_weight          ? 
_struct.pdbx_formula_weight_method   ? 
_struct.pdbx_model_type_details      ? 
_struct.pdbx_CASP_flag               N 
# 
_struct_keywords.entry_id        7BPV 
_struct_keywords.text            'G4C2 repeat, DNA-RNA hybrid, GGCC motif, A-like DNA structure' 
_struct_keywords.pdbx_keywords   'DNA-RNA HYBRID' 
# 
loop_
_struct_asym.id 
_struct_asym.pdbx_blank_PDB_chainid_flag 
_struct_asym.pdbx_modified 
_struct_asym.entity_id 
_struct_asym.details 
A N N 1 ? 
B N N 2 ? 
C N N 3 ? 
D N N 4 ? 
E N N 4 ? 
# 
loop_
_struct_conn.id 
_struct_conn.conn_type_id 
_struct_conn.pdbx_leaving_atom_flag 
_struct_conn.pdbx_PDB_id 
_struct_conn.ptnr1_label_asym_id 
_struct_conn.ptnr1_label_comp_id 
_struct_conn.ptnr1_label_seq_id 
_struct_conn.ptnr1_label_atom_id 
_struct_conn.pdbx_ptnr1_label_alt_id 
_struct_conn.pdbx_ptnr1_PDB_ins_code 
_struct_conn.pdbx_ptnr1_standard_comp_id 
_struct_conn.ptnr1_symmetry 
_struct_conn.ptnr2_label_asym_id 
_struct_conn.ptnr2_label_comp_id 
_struct_conn.ptnr2_label_seq_id 
_struct_conn.ptnr2_label_atom_id 
_struct_conn.pdbx_ptnr2_label_alt_id 
_struct_conn.pdbx_ptnr2_PDB_ins_code 
_struct_conn.ptnr1_auth_asym_id 
_struct_conn.ptnr1_auth_comp_id 
_struct_conn.ptnr1_auth_seq_id 
_struct_conn.ptnr2_auth_asym_id 
_struct_conn.ptnr2_auth_comp_id 
_struct_conn.ptnr2_auth_seq_id 
_struct_conn.ptnr2_symmetry 
_struct_conn.pdbx_ptnr3_label_atom_id 
_struct_conn.pdbx_ptnr3_label_seq_id 
_struct_conn.pdbx_ptnr3_label_comp_id 
_struct_conn.pdbx_ptnr3_label_asym_id 
_struct_conn.pdbx_ptnr3_label_alt_id 
_struct_conn.pdbx_ptnr3_PDB_ins_code 
_struct_conn.details 
_struct_conn.pdbx_dist_value 
_struct_conn.pdbx_value_order 
_struct_conn.pdbx_role 
hydrog1  hydrog ? ? A G 1  N1 ? ? ? 1_555 B DC 10 N3 ? ? S G 1  A DC 10 1_555 ? ? ? ? ? ? WATSON-CRICK ? ? ? 
hydrog2  hydrog ? ? A G 1  N2 ? ? ? 1_555 B DC 10 O2 ? ? S G 1  A DC 10 1_555 ? ? ? ? ? ? WATSON-CRICK ? ? ? 
hydrog3  hydrog ? ? A G 1  O6 ? ? ? 1_555 B DC 10 N4 ? ? S G 1  A DC 10 1_555 ? ? ? ? ? ? WATSON-CRICK ? ? ? 
hydrog4  hydrog ? ? A U 2  N3 ? ? ? 1_555 B DA 9  N1 ? ? S U 2  A DA 9  1_555 ? ? ? ? ? ? WATSON-CRICK ? ? ? 
hydrog5  hydrog ? ? A U 2  O4 ? ? ? 1_555 B DA 9  N6 ? ? S U 2  A DA 9  1_555 ? ? ? ? ? ? WATSON-CRICK ? ? ? 
hydrog6  hydrog ? ? A G 3  N1 ? ? ? 1_555 B DC 8  N3 ? ? S G 3  A DC 8  1_555 ? ? ? ? ? ? WATSON-CRICK ? ? ? 
hydrog7  hydrog ? ? A G 3  N2 ? ? ? 1_555 B DC 8  O2 ? ? S G 3  A DC 8  1_555 ? ? ? ? ? ? WATSON-CRICK ? ? ? 
hydrog8  hydrog ? ? A G 3  O6 ? ? ? 1_555 B DC 8  N4 ? ? S G 3  A DC 8  1_555 ? ? ? ? ? ? WATSON-CRICK ? ? ? 
hydrog9  hydrog ? ? A G 4  N1 ? ? ? 1_555 B DC 7  N3 ? ? S G 4  A DC 7  1_555 ? ? ? ? ? ? WATSON-CRICK ? ? ? 
hydrog10 hydrog ? ? A G 4  N2 ? ? ? 1_555 B DC 7  O2 ? ? S G 4  A DC 7  1_555 ? ? ? ? ? ? WATSON-CRICK ? ? ? 
hydrog11 hydrog ? ? A G 4  O6 ? ? ? 1_555 B DC 7  N4 ? ? S G 4  A DC 7  1_555 ? ? ? ? ? ? WATSON-CRICK ? ? ? 
hydrog12 hydrog ? ? A G 5  N1 ? ? ? 1_555 B DC 6  N3 ? ? S G 5  A DC 6  1_555 ? ? ? ? ? ? WATSON-CRICK ? ? ? 
hydrog13 hydrog ? ? A G 5  N2 ? ? ? 1_555 B DC 6  O2 ? ? S G 5  A DC 6  1_555 ? ? ? ? ? ? WATSON-CRICK ? ? ? 
hydrog14 hydrog ? ? A G 5  O6 ? ? ? 1_555 B DC 6  N4 ? ? S G 5  A DC 6  1_555 ? ? ? ? ? ? WATSON-CRICK ? ? ? 
hydrog15 hydrog ? ? A C 6  N3 ? ? ? 1_555 B DG 5  N1 ? ? S C 6  A DG 5  1_555 ? ? ? ? ? ? WATSON-CRICK ? ? ? 
hydrog16 hydrog ? ? A C 6  N4 ? ? ? 1_555 B DG 5  O6 ? ? S C 6  A DG 5  1_555 ? ? ? ? ? ? WATSON-CRICK ? ? ? 
hydrog17 hydrog ? ? A C 6  O2 ? ? ? 1_555 B DG 5  N2 ? ? S C 6  A DG 5  1_555 ? ? ? ? ? ? WATSON-CRICK ? ? ? 
hydrog18 hydrog ? ? A C 7  N3 ? ? ? 1_555 B DG 4  N1 ? ? S C 7  A DG 4  1_555 ? ? ? ? ? ? WATSON-CRICK ? ? ? 
hydrog19 hydrog ? ? A C 7  N4 ? ? ? 1_555 B DG 4  O6 ? ? S C 7  A DG 4  1_555 ? ? ? ? ? ? WATSON-CRICK ? ? ? 
hydrog20 hydrog ? ? A C 7  O2 ? ? ? 1_555 B DG 4  N2 ? ? S C 7  A DG 4  1_555 ? ? ? ? ? ? WATSON-CRICK ? ? ? 
hydrog21 hydrog ? ? A G 8  N1 ? ? ? 1_555 B DC 3  N3 ? ? S G 8  A DC 3  1_555 ? ? ? ? ? ? WATSON-CRICK ? ? ? 
hydrog22 hydrog ? ? A G 8  N2 ? ? ? 1_555 B DC 3  O2 ? ? S G 8  A DC 3  1_555 ? ? ? ? ? ? WATSON-CRICK ? ? ? 
hydrog23 hydrog ? ? A G 8  O6 ? ? ? 1_555 B DC 3  N4 ? ? S G 8  A DC 3  1_555 ? ? ? ? ? ? WATSON-CRICK ? ? ? 
hydrog24 hydrog ? ? A A 9  N1 ? ? ? 1_555 B DT 2  N3 ? ? S A 9  A DT 2  1_555 ? ? ? ? ? ? WATSON-CRICK ? ? ? 
hydrog25 hydrog ? ? A A 9  N6 ? ? ? 1_555 B DT 2  O4 ? ? S A 9  A DT 2  1_555 ? ? ? ? ? ? WATSON-CRICK ? ? ? 
hydrog26 hydrog ? ? A C 10 N3 ? ? ? 1_555 B DG 1  N1 ? ? S C 10 A DG 1  1_555 ? ? ? ? ? ? WATSON-CRICK ? ? ? 
hydrog27 hydrog ? ? A C 10 N4 ? ? ? 1_555 B DG 1  O6 ? ? S C 10 A DG 1  1_555 ? ? ? ? ? ? WATSON-CRICK ? ? ? 
hydrog28 hydrog ? ? A C 10 O2 ? ? ? 1_555 B DG 1  N2 ? ? S C 10 A DG 1  1_555 ? ? ? ? ? ? WATSON-CRICK ? ? ? 
# 
_struct_conn_type.id          hydrog 
_struct_conn_type.criteria    ? 
_struct_conn_type.reference   ? 
# 
_struct_site.id                   AC1 
_struct_site.pdbx_evidence_code   Software 
_struct_site.pdbx_auth_asym_id    A 
_struct_site.pdbx_auth_comp_id    SO4 
_struct_site.pdbx_auth_seq_id     101 
_struct_site.pdbx_auth_ins_code   ? 
_struct_site.pdbx_num_residues    3 
_struct_site.details              'binding site for residue SO4 A 101' 
# 
loop_
_struct_site_gen.id 
_struct_site_gen.site_id 
_struct_site_gen.pdbx_num_res 
_struct_site_gen.label_comp_id 
_struct_site_gen.label_asym_id 
_struct_site_gen.label_seq_id 
_struct_site_gen.pdbx_auth_ins_code 
_struct_site_gen.auth_comp_id 
_struct_site_gen.auth_asym_id 
_struct_site_gen.auth_seq_id 
_struct_site_gen.label_atom_id 
_struct_site_gen.label_alt_id 
_struct_site_gen.symmetry 
_struct_site_gen.details 
1 AC1 3 DG  B 4 ? DG  A 4   . ? 1_555 ? 
2 AC1 3 DG  B 5 ? DG  A 5   . ? 1_555 ? 
3 AC1 3 HOH D . ? HOH S 103 . ? 1_555 ? 
# 
_atom_sites.entry_id                    7BPV 
_atom_sites.Cartn_transf_matrix[1][1]   ? 
_atom_sites.Cartn_transf_matrix[1][2]   ? 
_atom_sites.Cartn_transf_matrix[1][3]   ? 
_atom_sites.Cartn_transf_matrix[2][1]   ? 
_atom_sites.Cartn_transf_matrix[2][2]   ? 
_atom_sites.Cartn_transf_matrix[2][3]   ? 
_atom_sites.Cartn_transf_matrix[3][1]   ? 
_atom_sites.Cartn_transf_matrix[3][2]   ? 
_atom_sites.Cartn_transf_matrix[3][3]   ? 
_atom_sites.Cartn_transf_vector[1]      ? 
_atom_sites.Cartn_transf_vector[2]      ? 
_atom_sites.Cartn_transf_vector[3]      ? 
_atom_sites.fract_transf_matrix[1][1]   0.02795630 
_atom_sites.fract_transf_matrix[1][2]   -0.00463683 
_atom_sites.fract_transf_matrix[1][3]   -0.02100813 
_atom_sites.fract_transf_matrix[2][1]   0.01305588 
_atom_sites.fract_transf_matrix[2][2]   0.00254319 
_atom_sites.fract_transf_matrix[2][3]   0.01681262 
_atom_sites.fract_transf_matrix[3][1]   -0.00067775 
_atom_sites.fract_transf_matrix[3][2]   -0.02056486 
_atom_sites.fract_transf_matrix[3][3]   0.00363709 
_atom_sites.fract_transf_vector[1]      -0.157671 
_atom_sites.fract_transf_vector[2]      -0.053177 
_atom_sites.fract_transf_vector[3]      0.242242 
_atom_sites.solution_primary            ? 
_atom_sites.solution_secondary          ? 
_atom_sites.solution_hydrogens          ? 
_atom_sites.special_details             ? 
# 
loop_
_atom_type.symbol 
C 
N 
O 
P 
S 
# 
loop_
_atom_site.group_PDB 
_atom_site.id 
_atom_site.type_symbol 
_atom_site.label_atom_id 
_atom_site.label_alt_id 
_atom_site.label_comp_id 
_atom_site.label_asym_id 
_atom_site.label_entity_id 
_atom_site.label_seq_id 
_atom_site.pdbx_PDB_ins_code 
_atom_site.Cartn_x 
_atom_site.Cartn_y 
_atom_site.Cartn_z 
_atom_site.occupancy 
_atom_site.B_iso_or_equiv 
_atom_site.pdbx_formal_charge 
_atom_site.auth_seq_id 
_atom_site.auth_comp_id 
_atom_site.auth_asym_id 
_atom_site.auth_atom_id 
_atom_site.pdbx_PDB_model_num 
ATOM   1   O OP3   . G   A 1 1  ? 2.868   3.273   -16.411 1.00 157.50 ? 1   G   S OP3   1 
ATOM   2   P P     . G   A 1 1  ? 1.869   3.297   -15.317 1.00 150.96 ? 1   G   S P     1 
ATOM   3   O OP1   . G   A 1 1  ? 1.272   4.657   -15.305 1.00 154.04 ? 1   G   S OP1   1 
ATOM   4   O OP2   . G   A 1 1  ? 2.556   2.832   -14.084 1.00 154.31 ? 1   G   S OP2   1 
ATOM   5   O "O5'" . G   A 1 1  ? 0.712   2.243   -15.650 1.00 121.73 ? 1   G   S "O5'" 1 
ATOM   6   C "C5'" . G   A 1 1  ? -0.022  1.616   -14.604 1.00 84.68  ? 1   G   S "C5'" 1 
ATOM   7   C "C4'" . G   A 1 1  ? -1.358  1.079   -15.065 1.00 54.94  ? 1   G   S "C4'" 1 
ATOM   8   O "O4'" . G   A 1 1  ? -1.170  -0.230  -15.667 1.00 41.86  ? 1   G   S "O4'" 1 
ATOM   9   C "C3'" . G   A 1 1  ? -2.364  0.838   -13.945 1.00 47.26  ? 1   G   S "C3'" 1 
ATOM   10  O "O3'" . G   A 1 1  ? -3.112  1.991   -13.618 1.00 46.01  ? 1   G   S "O3'" 1 
ATOM   11  C "C2'" . G   A 1 1  ? -3.210  -0.298  -14.478 1.00 43.66  ? 1   G   S "C2'" 1 
ATOM   12  O "O2'" . G   A 1 1  ? -4.143  0.187   -15.434 1.00 43.17  ? 1   G   S "O2'" 1 
ATOM   13  C "C1'" . G   A 1 1  ? -2.152  -1.127  -15.192 1.00 39.84  ? 1   G   S "C1'" 1 
ATOM   14  N N9    . G   A 1 1  ? -1.487  -2.057  -14.256 1.00 46.36  ? 1   G   S N9    1 
ATOM   15  C C8    . G   A 1 1  ? -0.173  -1.996  -13.850 1.00 47.01  ? 1   G   S C8    1 
ATOM   16  N N7    . G   A 1 1  ? 0.159   -2.956  -13.021 1.00 39.31  ? 1   G   S N7    1 
ATOM   17  C C5    . G   A 1 1  ? -1.005  -3.691  -12.862 1.00 40.49  ? 1   G   S C5    1 
ATOM   18  C C6    . G   A 1 1  ? -1.252  -4.848  -12.086 1.00 44.14  ? 1   G   S C6    1 
ATOM   19  O O6    . G   A 1 1  ? -0.469  -5.469  -11.351 1.00 38.24  ? 1   G   S O6    1 
ATOM   20  N N1    . G   A 1 1  ? -2.566  -5.279  -12.215 1.00 39.57  ? 1   G   S N1    1 
ATOM   21  C C2    . G   A 1 1  ? -3.526  -4.677  -12.992 1.00 46.57  ? 1   G   S C2    1 
ATOM   22  N N2    . G   A 1 1  ? -4.746  -5.247  -12.982 1.00 40.32  ? 1   G   S N2    1 
ATOM   23  N N3    . G   A 1 1  ? -3.302  -3.596  -13.722 1.00 40.23  ? 1   G   S N3    1 
ATOM   24  C C4    . G   A 1 1  ? -2.030  -3.156  -13.619 1.00 44.84  ? 1   G   S C4    1 
ATOM   25  P P     . U   A 1 2  ? -3.406  2.351   -12.086 1.00 47.46  ? 2   U   S P     1 
ATOM   26  O OP1   . U   A 1 2  ? -4.041  3.697   -12.101 1.00 51.21  ? 2   U   S OP1   1 
ATOM   27  O OP2   . U   A 1 2  ? -2.203  2.114   -11.234 1.00 44.45  ? 2   U   S OP2   1 
ATOM   28  O "O5'" . U   A 1 2  ? -4.464  1.281   -11.604 1.00 41.01  ? 2   U   S "O5'" 1 
ATOM   29  C "C5'" . U   A 1 2  ? -5.685  1.085   -12.288 1.00 49.11  ? 2   U   S "C5'" 1 
ATOM   30  C "C4'" . U   A 1 2  ? -6.427  -0.097  -11.727 1.00 46.55  ? 2   U   S "C4'" 1 
ATOM   31  O "O4'" . U   A 1 2  ? -5.749  -1.333  -12.098 1.00 43.31  ? 2   U   S "O4'" 1 
ATOM   32  C "C3'" . U   A 1 2  ? -6.516  -0.186  -10.208 1.00 48.87  ? 2   U   S "C3'" 1 
ATOM   33  O "O3'" . U   A 1 2  ? -7.496  0.661   -9.636  1.00 45.31  ? 2   U   S "O3'" 1 
ATOM   34  C "C2'" . U   A 1 2  ? -6.803  -1.663  -10.005 1.00 45.18  ? 2   U   S "C2'" 1 
ATOM   35  O "O2'" . U   A 1 2  ? -8.143  -1.953  -10.375 1.00 48.31  ? 2   U   S "O2'" 1 
ATOM   36  C "C1'" . U   A 1 2  ? -5.890  -2.280  -11.058 1.00 42.73  ? 2   U   S "C1'" 1 
ATOM   37  N N1    . U   A 1 2  ? -4.555  -2.588  -10.491 1.00 40.64  ? 2   U   S N1    1 
ATOM   38  C C2    . U   A 1 2  ? -4.457  -3.784  -9.807  1.00 41.66  ? 2   U   S C2    1 
ATOM   39  O O2    . U   A 1 2  ? -5.400  -4.537  -9.705  1.00 38.02  ? 2   U   S O2    1 
ATOM   40  N N3    . U   A 1 2  ? -3.227  -4.076  -9.274  1.00 39.15  ? 2   U   S N3    1 
ATOM   41  C C4    . U   A 1 2  ? -2.113  -3.274  -9.356  1.00 32.83  ? 2   U   S C4    1 
ATOM   42  O O4    . U   A 1 2  ? -1.071  -3.660  -8.841  1.00 37.79  ? 2   U   S O4    1 
ATOM   43  C C5    . U   A 1 2  ? -2.287  -2.046  -10.071 1.00 36.91  ? 2   U   S C5    1 
ATOM   44  C C6    . U   A 1 2  ? -3.479  -1.743  -10.601 1.00 37.28  ? 2   U   S C6    1 
ATOM   45  P P     . G   A 1 3  ? -7.375  1.148   -8.110  1.00 52.77  ? 3   G   S P     1 
ATOM   46  O OP1   . G   A 1 3  ? -8.553  2.009   -7.847  1.00 56.76  ? 3   G   S OP1   1 
ATOM   47  O OP2   . G   A 1 3  ? -6.017  1.681   -7.810  1.00 48.70  ? 3   G   S OP2   1 
ATOM   48  O "O5'" . G   A 1 3  ? -7.487  -0.189  -7.247  1.00 49.25  ? 3   G   S "O5'" 1 
ATOM   49  C "C5'" . G   A 1 3  ? -8.738  -0.821  -7.043  1.00 56.30  ? 3   G   S "C5'" 1 
ATOM   50  C "C4'" . G   A 1 3  ? -8.588  -2.205  -6.462  1.00 50.81  ? 3   G   S "C4'" 1 
ATOM   51  O "O4'" . G   A 1 3  ? -7.584  -2.962  -7.193  1.00 47.22  ? 3   G   S "O4'" 1 
ATOM   52  C "C3'" . G   A 1 3  ? -8.115  -2.307  -5.025  1.00 47.73  ? 3   G   S "C3'" 1 
ATOM   53  O "O3'" . G   A 1 3  ? -9.115  -1.993  -4.074  1.00 55.53  ? 3   G   S "O3'" 1 
ATOM   54  C "C2'" . G   A 1 3  ? -7.648  -3.751  -4.961  1.00 41.43  ? 3   G   S "C2'" 1 
ATOM   55  O "O2'" . G   A 1 3  ? -8.770  -4.625  -4.969  1.00 44.31  ? 3   G   S "O2'" 1 
ATOM   56  C "C1'" . G   A 1 3  ? -6.958  -3.882  -6.316  1.00 40.67  ? 3   G   S "C1'" 1 
ATOM   57  N N9    . G   A 1 3  ? -5.517  -3.573  -6.233  1.00 41.55  ? 3   G   S N9    1 
ATOM   58  C C8    . G   A 1 3  ? -4.842  -2.432  -6.606  1.00 41.17  ? 3   G   S C8    1 
ATOM   59  N N7    . G   A 1 3  ? -3.549  -2.511  -6.385  1.00 35.71  ? 3   G   S N7    1 
ATOM   60  C C5    . G   A 1 3  ? -3.367  -3.771  -5.832  1.00 34.81  ? 3   G   S C5    1 
ATOM   61  C C6    . G   A 1 3  ? -2.192  -4.420  -5.384  1.00 35.32  ? 3   G   S C6    1 
ATOM   62  O O6    . G   A 1 3  ? -1.023  -4.004  -5.383  1.00 39.23  ? 3   G   S O6    1 
ATOM   63  N N1    . G   A 1 3  ? -2.474  -5.691  -4.893  1.00 35.97  ? 3   G   S N1    1 
ATOM   64  C C2    . G   A 1 3  ? -3.727  -6.248  -4.833  1.00 35.37  ? 3   G   S C2    1 
ATOM   65  N N2    . G   A 1 3  ? -3.837  -7.495  -4.332  1.00 36.62  ? 3   G   S N2    1 
ATOM   66  N N3    . G   A 1 3  ? -4.828  -5.644  -5.248  1.00 38.99  ? 3   G   S N3    1 
ATOM   67  C C4    . G   A 1 3  ? -4.567  -4.422  -5.731  1.00 37.48  ? 3   G   S C4    1 
ATOM   68  P P     . G   A 1 4  ? -8.698  -1.404  -2.637  1.00 54.91  ? 4   G   S P     1 
ATOM   69  O OP1   . G   A 1 4  ? -9.974  -1.141  -1.924  1.00 63.03  ? 4   G   S OP1   1 
ATOM   70  O OP2   . G   A 1 4  ? -7.677  -0.336  -2.773  1.00 65.02  ? 4   G   S OP2   1 
ATOM   71  O "O5'" . G   A 1 4  ? -7.940  -2.614  -1.927  1.00 58.96  ? 4   G   S "O5'" 1 
ATOM   72  C "C5'" . G   A 1 4  ? -8.662  -3.740  -1.474  1.00 52.16  ? 4   G   S "C5'" 1 
ATOM   73  C "C4'" . G   A 1 4  ? -7.768  -4.911  -1.136  1.00 38.01  ? 4   G   S "C4'" 1 
ATOM   74  O "O4'" . G   A 1 4  ? -6.768  -5.139  -2.165  1.00 38.61  ? 4   G   S "O4'" 1 
ATOM   75  C "C3'" . G   A 1 4  ? -6.948  -4.849  0.137   1.00 34.56  ? 4   G   S "C3'" 1 
ATOM   76  O "O3'" . G   A 1 4  ? -7.723  -5.048  1.304   1.00 40.23  ? 4   G   S "O3'" 1 
ATOM   77  C "C2'" . G   A 1 4  ? -5.951  -5.972  -0.098  1.00 40.13  ? 4   G   S "C2'" 1 
ATOM   78  O "O2'" . G   A 1 4  ? -6.604  -7.215  0.054   1.00 44.16  ? 4   G   S "O2'" 1 
ATOM   79  C "C1'" . G   A 1 4  ? -5.653  -5.796  -1.586  1.00 38.94  ? 4   G   S "C1'" 1 
ATOM   80  N N9    . G   A 1 4  ? -4.432  -5.000  -1.808  1.00 36.29  ? 4   G   S N9    1 
ATOM   81  C C8    . G   A 1 4  ? -4.324  -3.744  -2.350  1.00 35.72  ? 4   G   S C8    1 
ATOM   82  N N7    . G   A 1 4  ? -3.081  -3.324  -2.406  1.00 38.98  ? 4   G   S N7    1 
ATOM   83  C C5    . G   A 1 4  ? -2.326  -4.373  -1.884  1.00 37.81  ? 4   G   S C5    1 
ATOM   84  C C6    . G   A 1 4  ? -0.920  -4.499  -1.698  1.00 39.68  ? 4   G   S C6    1 
ATOM   85  O O6    . G   A 1 4  ? -0.022  -3.679  -1.971  1.00 39.11  ? 4   G   S O6    1 
ATOM   86  N N1    . G   A 1 4  ? -0.587  -5.732  -1.136  1.00 37.41  ? 4   G   S N1    1 
ATOM   87  C C2    . G   A 1 4  ? -1.494  -6.710  -0.795  1.00 30.80  ? 4   G   S C2    1 
ATOM   88  N N2    . G   A 1 4  ? -0.974  -7.825  -0.252  1.00 32.47  ? 4   G   S N2    1 
ATOM   89  N N3    . G   A 1 4  ? -2.804  -6.600  -0.965  1.00 33.09  ? 4   G   S N3    1 
ATOM   90  C C4    . G   A 1 4  ? -3.151  -5.415  -1.509  1.00 37.43  ? 4   G   S C4    1 
ATOM   91  P P     . G   A 1 5  ? -7.186  -4.567  2.746   1.00 41.48  ? 5   G   S P     1 
ATOM   92  O OP1   . G   A 1 5  ? -8.321  -4.750  3.691   1.00 39.17  ? 5   G   S OP1   1 
ATOM   93  O OP2   . G   A 1 5  ? -6.506  -3.253  2.667   1.00 39.40  ? 5   G   S OP2   1 
ATOM   94  O "O5'" . G   A 1 5  ? -6.048  -5.615  3.128   1.00 38.89  ? 5   G   S "O5'" 1 
ATOM   95  C "C5'" . G   A 1 5  ? -6.362  -6.956  3.462   1.00 36.79  ? 5   G   S "C5'" 1 
ATOM   96  C "C4'" . G   A 1 5  ? -5.156  -7.687  4.006   1.00 38.14  ? 5   G   S "C4'" 1 
ATOM   97  O "O4'" . G   A 1 5  ? -4.169  -7.871  2.956   1.00 41.71  ? 5   G   S "O4'" 1 
ATOM   98  C "C3'" . G   A 1 5  ? -4.390  -6.982  5.112   1.00 39.47  ? 5   G   S "C3'" 1 
ATOM   99  O "O3'" . G   A 1 5  ? -4.987  -7.144  6.383   1.00 44.71  ? 5   G   S "O3'" 1 
ATOM   100 C "C2'" . G   A 1 5  ? -3.016  -7.621  5.008   1.00 39.25  ? 5   G   S "C2'" 1 
ATOM   101 O "O2'" . G   A 1 5  ? -3.063  -8.936  5.543   1.00 43.65  ? 5   G   S "O2'" 1 
ATOM   102 C "C1'" . G   A 1 5  ? -2.870  -7.734  3.495   1.00 44.47  ? 5   G   S "C1'" 1 
ATOM   103 N N9    . G   A 1 5  ? -2.249  -6.536  2.897   1.00 37.98  ? 5   G   S N9    1 
ATOM   104 C C8    . G   A 1 5  ? -2.903  -5.504  2.273   1.00 37.25  ? 5   G   S C8    1 
ATOM   105 N N7    . G   A 1 5  ? -2.091  -4.584  1.818   1.00 38.62  ? 5   G   S N7    1 
ATOM   106 C C5    . G   A 1 5  ? -0.817  -5.035  2.159   1.00 37.57  ? 5   G   S C5    1 
ATOM   107 C C6    . G   A 1 5  ? 0.475   -4.467  1.932   1.00 35.49  ? 5   G   S C6    1 
ATOM   108 O O6    . G   A 1 5  ? 0.798   -3.406  1.366   1.00 36.20  ? 5   G   S O6    1 
ATOM   109 N N1    . G   A 1 5  ? 1.476   -5.265  2.447   1.00 35.48  ? 5   G   S N1    1 
ATOM   110 C C2    . G   A 1 5  ? 1.297   -6.452  3.096   1.00 33.24  ? 5   G   S C2    1 
ATOM   111 N N2    . G   A 1 5  ? 2.423   -7.060  3.516   1.00 33.74  ? 5   G   S N2    1 
ATOM   112 N N3    . G   A 1 5  ? 0.100   -6.998  3.305   1.00 33.56  ? 5   G   S N3    1 
ATOM   113 C C4    . G   A 1 5  ? -0.903  -6.242  2.822   1.00 36.10  ? 5   G   S C4    1 
ATOM   114 P P     . C   A 1 6  ? -5.020  -5.915  7.414   1.00 43.06  ? 6   C   S P     1 
ATOM   115 O OP1   . C   A 1 6  ? -5.784  -6.357  8.606   1.00 43.73  ? 6   C   S OP1   1 
ATOM   116 O OP2   . C   A 1 6  ? -5.400  -4.692  6.655   1.00 45.77  ? 6   C   S OP2   1 
ATOM   117 O "O5'" . C   A 1 6  ? -3.507  -5.716  7.848   1.00 42.73  ? 6   C   S "O5'" 1 
ATOM   118 C "C5'" . C   A 1 6  ? -2.859  -6.716  8.604   1.00 40.56  ? 6   C   S "C5'" 1 
ATOM   119 C "C4'" . C   A 1 6  ? -1.381  -6.485  8.654   1.00 38.02  ? 6   C   S "C4'" 1 
ATOM   120 O "O4'" . C   A 1 6  ? -0.826  -6.521  7.316   1.00 34.19  ? 6   C   S "O4'" 1 
ATOM   121 C "C3'" . C   A 1 6  ? -0.928  -5.135  9.176   1.00 38.75  ? 6   C   S "C3'" 1 
ATOM   122 O "O3'" . C   A 1 6  ? -1.020  -5.012  10.578  1.00 44.81  ? 6   C   S "O3'" 1 
ATOM   123 C "C2'" . C   A 1 6  ? 0.486   -5.069  8.648   1.00 38.33  ? 6   C   S "C2'" 1 
ATOM   124 O "O2'" . C   A 1 6  ? 1.315   -5.943  9.398   1.00 37.73  ? 6   C   S "O2'" 1 
ATOM   125 C "C1'" . C   A 1 6  ? 0.292   -5.656  7.254   1.00 38.78  ? 6   C   S "C1'" 1 
ATOM   126 N N1    . C   A 1 6  ? 0.018   -4.579  6.278   1.00 35.48  ? 6   C   S N1    1 
ATOM   127 C C2    . C   A 1 6  ? 1.129   -3.901  5.769   1.00 36.42  ? 6   C   S C2    1 
ATOM   128 O O2    . C   A 1 6  ? 2.259   -4.272  6.129   1.00 37.41  ? 6   C   S O2    1 
ATOM   129 N N3    . C   A 1 6  ? 0.946   -2.898  4.884   1.00 33.89  ? 6   C   S N3    1 
ATOM   130 C C4    . C   A 1 6  ? -0.285  -2.545  4.534   1.00 34.04  ? 6   C   S C4    1 
ATOM   131 N N4    . C   A 1 6  ? -0.428  -1.536  3.658   1.00 34.95  ? 6   C   S N4    1 
ATOM   132 C C5    . C   A 1 6  ? -1.439  -3.209  5.055   1.00 38.44  ? 6   C   S C5    1 
ATOM   133 C C6    . C   A 1 6  ? -1.249  -4.200  5.928   1.00 36.70  ? 6   C   S C6    1 
ATOM   134 P P     . C   A 1 7  ? -1.280  -3.570  11.239  1.00 43.64  ? 7   C   S P     1 
ATOM   135 O OP1   . C   A 1 7  ? -1.602  -3.834  12.666  1.00 44.14  ? 7   C   S OP1   1 
ATOM   136 O OP2   . C   A 1 7  ? -2.221  -2.777  10.396  1.00 42.69  ? 7   C   S OP2   1 
ATOM   137 O "O5'" . C   A 1 7  ? 0.114   -2.806  11.090  1.00 43.14  ? 7   C   S "O5'" 1 
ATOM   138 C "C5'" . C   A 1 7  ? 1.301   -3.327  11.668  1.00 46.85  ? 7   C   S "C5'" 1 
ATOM   139 C "C4'" . C   A 1 7  ? 2.548   -2.670  11.119  1.00 40.50  ? 7   C   S "C4'" 1 
ATOM   140 O "O4'" . C   A 1 7  ? 2.626   -2.836  9.679   1.00 46.30  ? 7   C   S "O4'" 1 
ATOM   141 C "C3'" . C   A 1 7  ? 2.690   -1.170  11.311  1.00 44.33  ? 7   C   S "C3'" 1 
ATOM   142 O "O3'" . C   A 1 7  ? 3.067   -0.801  12.623  1.00 49.24  ? 7   C   S "O3'" 1 
ATOM   143 C "C2'" . C   A 1 7  ? 3.730   -0.818  10.257  1.00 41.81  ? 7   C   S "C2'" 1 
ATOM   144 O "O2'" . C   A 1 7  ? 5.020   -1.222  10.686  1.00 42.58  ? 7   C   S "O2'" 1 
ATOM   145 C "C1'" . C   A 1 7  ? 3.298   -1.732  9.109   1.00 46.98  ? 7   C   S "C1'" 1 
ATOM   146 N N1    . C   A 1 7  ? 2.382   -1.040  8.171   1.00 41.71  ? 7   C   S N1    1 
ATOM   147 C C2    . C   A 1 7  ? 2.954   -0.230  7.184   1.00 40.78  ? 7   C   S C2    1 
ATOM   148 O O2    . C   A 1 7  ? 4.191   -0.142  7.124   1.00 41.79  ? 7   C   S O2    1 
ATOM   149 N N3    . C   A 1 7  ? 2.153   0.419   6.310   1.00 37.38  ? 7   C   S N3    1 
ATOM   150 C C4    . C   A 1 7  ? 0.825   0.304   6.396   1.00 37.14  ? 7   C   S C4    1 
ATOM   151 N N4    . C   A 1 7  ? 0.069   0.976   5.516   1.00 36.95  ? 7   C   S N4    1 
ATOM   152 C C5    . C   A 1 7  ? 0.213   -0.499  7.402   1.00 37.67  ? 7   C   S C5    1 
ATOM   153 C C6    . C   A 1 7  ? 1.016   -1.152  8.257   1.00 39.67  ? 7   C   S C6    1 
ATOM   154 P P     . G   A 1 8  ? 2.683   0.657   13.182  1.00 55.50  ? 8   G   S P     1 
ATOM   155 O OP1   . G   A 1 8  ? 3.450   0.803   14.442  1.00 64.22  ? 8   G   S OP1   1 
ATOM   156 O OP2   . G   A 1 8  ? 1.212   0.849   13.172  1.00 61.25  ? 8   G   S OP2   1 
ATOM   157 O "O5'" . G   A 1 8  ? 3.234   1.677   12.087  1.00 52.70  ? 8   G   S "O5'" 1 
ATOM   158 C "C5'" . G   A 1 8  ? 4.518   2.245   12.243  1.00 57.25  ? 8   G   S "C5'" 1 
ATOM   159 C "C4'" . G   A 1 8  ? 5.036   2.941   11.008  1.00 46.85  ? 8   G   S "C4'" 1 
ATOM   160 O "O4'" . G   A 1 8  ? 4.562   2.335   9.781   1.00 44.51  ? 8   G   S "O4'" 1 
ATOM   161 C "C3'" . G   A 1 8  ? 4.688   4.402   10.816  1.00 39.42  ? 8   G   S "C3'" 1 
ATOM   162 O "O3'" . G   A 1 8  ? 5.359   5.260   11.713  1.00 46.85  ? 8   G   S "O3'" 1 
ATOM   163 C "C2'" . G   A 1 8  ? 5.106   4.611   9.374   1.00 35.06  ? 8   G   S "C2'" 1 
ATOM   164 O "O2'" . G   A 1 8  ? 6.524   4.637   9.289   1.00 36.26  ? 8   G   S "O2'" 1 
ATOM   165 C "C1'" . G   A 1 8  ? 4.614   3.306   8.744   1.00 38.20  ? 8   G   S "C1'" 1 
ATOM   166 N N9    . G   A 1 8  ? 3.269   3.495   8.176   1.00 34.43  ? 8   G   S N9    1 
ATOM   167 C C8    . G   A 1 8  ? 2.083   2.943   8.591   1.00 39.41  ? 8   G   S C8    1 
ATOM   168 N N7    . G   A 1 8  ? 1.053   3.343   7.884   1.00 39.82  ? 8   G   S N7    1 
ATOM   169 C C5    . G   A 1 8  ? 1.592   4.221   6.954   1.00 37.03  ? 8   G   S C5    1 
ATOM   170 C C6    . G   A 1 8  ? 0.954   4.955   5.919   1.00 37.33  ? 8   G   S C6    1 
ATOM   171 O O6    . G   A 1 8  ? -0.249  4.972   5.630   1.00 38.97  ? 8   G   S O6    1 
ATOM   172 N N1    . G   A 1 8  ? 1.857   5.732   5.205   1.00 33.70  ? 8   G   S N1    1 
ATOM   173 C C2    . G   A 1 8  ? 3.217   5.779   5.456   1.00 36.76  ? 8   G   S C2    1 
ATOM   174 N N2    . G   A 1 8  ? 3.957   6.583   4.668   1.00 34.63  ? 8   G   S N2    1 
ATOM   175 N N3    . G   A 1 8  ? 3.820   5.075   6.405   1.00 38.62  ? 8   G   S N3    1 
ATOM   176 C C4    . G   A 1 8  ? 2.955   4.328   7.118   1.00 36.40  ? 8   G   S C4    1 
ATOM   177 P P     . A   A 1 9  ? 4.846   6.766   11.919  1.00 41.91  ? 9   A   S P     1 
ATOM   178 O OP1   . A   A 1 9  ? 5.631   7.363   13.032  1.00 43.15  ? 9   A   S OP1   1 
ATOM   179 O OP2   . A   A 1 9  ? 3.362   6.848   11.960  1.00 38.61  ? 9   A   S OP2   1 
ATOM   180 O "O5'" . A   A 1 9  ? 5.230   7.505   10.577  1.00 39.97  ? 9   A   S "O5'" 1 
ATOM   181 C "C5'" . A   A 1 9  ? 6.572   7.716   10.185  1.00 43.41  ? 9   A   S "C5'" 1 
ATOM   182 C "C4'" . A   A 1 9  ? 6.618   8.713   9.059   1.00 42.73  ? 9   A   S "C4'" 1 
ATOM   183 O "O4'" . A   A 1 9  ? 5.948   8.169   7.897   1.00 38.29  ? 9   A   S "O4'" 1 
ATOM   184 C "C3'" . A   A 1 9  ? 5.879   10.006  9.320   1.00 43.54  ? 9   A   S "C3'" 1 
ATOM   185 O "O3'" . A   A 1 9  ? 6.628   10.895  10.114  1.00 42.21  ? 9   A   S "O3'" 1 
ATOM   186 C "C2'" . A   A 1 9  ? 5.595   10.512  7.915   1.00 45.65  ? 9   A   S "C2'" 1 
ATOM   187 O "O2'" . A   A 1 9  ? 6.784   11.051  7.343   1.00 42.74  ? 9   A   S "O2'" 1 
ATOM   188 C "C1'" . A   A 1 9  ? 5.274   9.201   7.202   1.00 43.40  ? 9   A   S "C1'" 1 
ATOM   189 N N9    . A   A 1 9  ? 3.827   8.880   7.182   1.00 42.54  ? 9   A   S N9    1 
ATOM   190 C C8    . A   A 1 9  ? 3.170   7.950   7.952   1.00 39.06  ? 9   A   S C8    1 
ATOM   191 N N7    . A   A 1 9  ? 1.884   7.847   7.704   1.00 35.65  ? 9   A   S N7    1 
ATOM   192 C C5    . A   A 1 9  ? 1.668   8.761   6.690   1.00 35.45  ? 9   A   S C5    1 
ATOM   193 C C6    . A   A 1 9  ? 0.509   9.136   5.984   1.00 41.31  ? 9   A   S C6    1 
ATOM   194 N N6    . A   A 1 9  ? -0.708  8.614   6.184   1.00 39.67  ? 9   A   S N6    1 
ATOM   195 N N1    . A   A 1 9  ? 0.641   10.099  5.044   1.00 38.43  ? 9   A   S N1    1 
ATOM   196 C C2    . A   A 1 9  ? 1.853   10.615  4.826   1.00 41.52  ? 9   A   S C2    1 
ATOM   197 N N3    . A   A 1 9  ? 3.017   10.343  5.421   1.00 42.03  ? 9   A   S N3    1 
ATOM   198 C C4    . A   A 1 9  ? 2.855   9.401   6.359   1.00 38.01  ? 9   A   S C4    1 
ATOM   199 P P     . C   A 1 10 ? 5.870   11.948  11.035  1.00 40.82  ? 10  C   S P     1 
ATOM   200 O OP1   . C   A 1 10 ? 6.879   12.741  11.780  1.00 45.53  ? 10  C   S OP1   1 
ATOM   201 O OP2   . C   A 1 10 ? 4.741   11.323  11.766  1.00 36.23  ? 10  C   S OP2   1 
ATOM   202 O "O5'" . C   A 1 10 ? 5.234   12.938  9.962   1.00 36.92  ? 10  C   S "O5'" 1 
ATOM   203 C "C5'" . C   A 1 10 ? 6.079   13.730  9.135   1.00 39.88  ? 10  C   S "C5'" 1 
ATOM   204 C "C4'" . C   A 1 10 ? 5.269   14.605  8.209   1.00 35.01  ? 10  C   S "C4'" 1 
ATOM   205 O "O4'" . C   A 1 10 ? 4.515   13.767  7.304   1.00 37.65  ? 10  C   S "O4'" 1 
ATOM   206 C "C3'" . C   A 1 10 ? 4.217   15.455  8.894   1.00 35.47  ? 10  C   S "C3'" 1 
ATOM   207 O "O3'" . C   A 1 10 ? 4.745   16.652  9.435   1.00 39.86  ? 10  C   S "O3'" 1 
ATOM   208 C "C2'" . C   A 1 10 ? 3.184   15.680  7.796   1.00 35.70  ? 10  C   S "C2'" 1 
ATOM   209 O "O2'" . C   A 1 10 ? 3.561   16.762  6.957   1.00 43.92  ? 10  C   S "O2'" 1 
ATOM   210 C "C1'" . C   A 1 10 ? 3.276   14.376  7.003   1.00 36.65  ? 10  C   S "C1'" 1 
ATOM   211 N N1    . C   A 1 10 ? 2.192   13.440  7.358   1.00 36.37  ? 10  C   S N1    1 
ATOM   212 C C2    . C   A 1 10 ? 0.966   13.611  6.716   1.00 40.11  ? 10  C   S C2    1 
ATOM   213 O O2    . C   A 1 10 ? 0.853   14.546  5.900   1.00 35.25  ? 10  C   S O2    1 
ATOM   214 N N3    . C   A 1 10 ? -0.049  12.772  7.011   1.00 35.32  ? 10  C   S N3    1 
ATOM   215 C C4    . C   A 1 10 ? 0.137   11.802  7.912   1.00 38.86  ? 10  C   S C4    1 
ATOM   216 N N4    . C   A 1 10 ? -0.885  10.988  8.179   1.00 36.54  ? 10  C   S N4    1 
ATOM   217 C C5    . C   A 1 10 ? 1.378   11.607  8.585   1.00 34.23  ? 10  C   S C5    1 
ATOM   218 C C6    . C   A 1 10 ? 2.382   12.437  8.277   1.00 35.11  ? 10  C   S C6    1 
ATOM   219 O OP3   . DG  B 2 1  ? -9.210  9.635   2.877   1.00 129.03 ? 1   DG  A OP3   1 
ATOM   220 P P     . DG  B 2 1  ? -9.359  10.498  1.682   1.00 124.16 ? 1   DG  A P     1 
ATOM   221 O OP1   . DG  B 2 1  ? -8.402  10.004  0.669   1.00 125.03 ? 1   DG  A OP1   1 
ATOM   222 O OP2   . DG  B 2 1  ? -10.801 10.545  1.346   1.00 133.69 ? 1   DG  A OP2   1 
ATOM   223 O "O5'" . DG  B 2 1  ? -8.933  11.988  2.082   1.00 95.42  ? 1   DG  A "O5'" 1 
ATOM   224 C "C5'" . DG  B 2 1  ? -9.292  13.075  1.242   1.00 72.40  ? 1   DG  A "C5'" 1 
ATOM   225 C "C4'" . DG  B 2 1  ? -8.107  13.985  1.016   1.00 51.05  ? 1   DG  A "C4'" 1 
ATOM   226 O "O4'" . DG  B 2 1  ? -7.714  14.566  2.273   1.00 40.01  ? 1   DG  A "O4'" 1 
ATOM   227 C "C3'" . DG  B 2 1  ? -6.859  13.293  0.507   1.00 42.81  ? 1   DG  A "C3'" 1 
ATOM   228 O "O3'" . DG  B 2 1  ? -6.894  13.224  -0.890  1.00 41.72  ? 1   DG  A "O3'" 1 
ATOM   229 C "C2'" . DG  B 2 1  ? -5.765  14.233  0.990   1.00 37.43  ? 1   DG  A "C2'" 1 
ATOM   230 C "C1'" . DG  B 2 1  ? -6.297  14.624  2.355   1.00 41.36  ? 1   DG  A "C1'" 1 
ATOM   231 N N9    . DG  B 2 1  ? -5.850  13.743  3.434   1.00 42.81  ? 1   DG  A N9    1 
ATOM   232 C C8    . DG  B 2 1  ? -6.617  12.838  4.134   1.00 49.95  ? 1   DG  A C8    1 
ATOM   233 N N7    . DG  B 2 1  ? -5.947  12.199  5.059   1.00 45.01  ? 1   DG  A N7    1 
ATOM   234 C C5    . DG  B 2 1  ? -4.653  12.701  4.961   1.00 41.24  ? 1   DG  A C5    1 
ATOM   235 C C6    . DG  B 2 1  ? -3.483  12.386  5.713   1.00 40.34  ? 1   DG  A C6    1 
ATOM   236 O O6    . DG  B 2 1  ? -3.345  11.565  6.639   1.00 38.00  ? 1   DG  A O6    1 
ATOM   237 N N1    . DG  B 2 1  ? -2.389  13.116  5.292   1.00 35.96  ? 1   DG  A N1    1 
ATOM   238 C C2    . DG  B 2 1  ? -2.406  14.047  4.286   1.00 37.11  ? 1   DG  A C2    1 
ATOM   239 N N2    . DG  B 2 1  ? -1.236  14.658  4.037   1.00 36.66  ? 1   DG  A N2    1 
ATOM   240 N N3    . DG  B 2 1  ? -3.488  14.357  3.571   1.00 35.30  ? 1   DG  A N3    1 
ATOM   241 C C4    . DG  B 2 1  ? -4.575  13.653  3.967   1.00 39.50  ? 1   DG  A C4    1 
ATOM   242 P P     . DT  B 2 2  ? -6.083  12.073  -1.660  1.00 48.16  ? 2   DT  A P     1 
ATOM   243 O OP1   . DT  B 2 2  ? -6.366  12.266  -3.102  1.00 53.93  ? 2   DT  A OP1   1 
ATOM   244 O OP2   . DT  B 2 2  ? -6.339  10.753  -1.030  1.00 47.53  ? 2   DT  A OP2   1 
ATOM   245 O "O5'" . DT  B 2 2  ? -4.564  12.439  -1.411  1.00 45.57  ? 2   DT  A "O5'" 1 
ATOM   246 C "C5'" . DT  B 2 2  ? -4.012  13.621  -1.986  1.00 43.94  ? 2   DT  A "C5'" 1 
ATOM   247 C "C4'" . DT  B 2 2  ? -2.568  13.747  -1.579  1.00 42.31  ? 2   DT  A "C4'" 1 
ATOM   248 O "O4'" . DT  B 2 2  ? -2.495  13.905  -0.147  1.00 42.38  ? 2   DT  A "O4'" 1 
ATOM   249 C "C3'" . DT  B 2 2  ? -1.722  12.518  -1.878  1.00 40.84  ? 2   DT  A "C3'" 1 
ATOM   250 O "O3'" . DT  B 2 2  ? -1.261  12.592  -3.207  1.00 51.53  ? 2   DT  A "O3'" 1 
ATOM   251 C "C2'" . DT  B 2 2  ? -0.588  12.676  -0.865  1.00 39.63  ? 2   DT  A "C2'" 1 
ATOM   252 C "C1'" . DT  B 2 2  ? -1.322  13.263  0.341   1.00 44.04  ? 2   DT  A "C1'" 1 
ATOM   253 N N1    . DT  B 2 2  ? -1.710  12.239  1.353   1.00 40.30  ? 2   DT  A N1    1 
ATOM   254 C C2    . DT  B 2 2  ? -0.780  11.846  2.279   1.00 40.41  ? 2   DT  A C2    1 
ATOM   255 O O2    . DT  B 2 2  ? 0.347   12.302  2.313   1.00 43.92  ? 2   DT  A O2    1 
ATOM   256 N N3    . DT  B 2 2  ? -1.213  10.899  3.170   1.00 42.78  ? 2   DT  A N3    1 
ATOM   257 C C4    . DT  B 2 2  ? -2.462  10.317  3.221   1.00 41.46  ? 2   DT  A C4    1 
ATOM   258 O O4    . DT  B 2 2  ? -2.761  9.478   4.059   1.00 39.24  ? 2   DT  A O4    1 
ATOM   259 C C5    . DT  B 2 2  ? -3.393  10.770  2.219   1.00 42.15  ? 2   DT  A C5    1 
ATOM   260 C C7    . DT  B 2 2  ? -4.778  10.208  2.178   1.00 44.77  ? 2   DT  A C7    1 
ATOM   261 C C6    . DT  B 2 2  ? -2.978  11.697  1.337   1.00 38.65  ? 2   DT  A C6    1 
ATOM   262 P P     . DC  B 2 3  ? -0.636  11.307  -3.939  1.00 51.38  ? 3   DC  A P     1 
ATOM   263 O OP1   . DC  B 2 3  ? -0.236  11.731  -5.295  1.00 59.03  ? 3   DC  A OP1   1 
ATOM   264 O OP2   . DC  B 2 3  ? -1.553  10.151  -3.767  1.00 47.77  ? 3   DC  A OP2   1 
ATOM   265 O "O5'" . DC  B 2 3  ? 0.710   11.067  -3.134  1.00 48.14  ? 3   DC  A "O5'" 1 
ATOM   266 C "C5'" . DC  B 2 3  ? 1.132   9.768   -2.825  1.00 42.45  ? 3   DC  A "C5'" 1 
ATOM   267 C "C4'" . DC  B 2 3  ? 2.246   9.834   -1.805  1.00 41.78  ? 3   DC  A "C4'" 1 
ATOM   268 O "O4'" . DC  B 2 3  ? 1.687   10.218  -0.529  1.00 40.60  ? 3   DC  A "O4'" 1 
ATOM   269 C "C3'" . DC  B 2 3  ? 2.962   8.519   -1.551  1.00 40.10  ? 3   DC  A "C3'" 1 
ATOM   270 O "O3'" . DC  B 2 3  ? 4.044   8.380   -2.452  1.00 40.82  ? 3   DC  A "O3'" 1 
ATOM   271 C "C2'" . DC  B 2 3  ? 3.461   8.703   -0.129  1.00 42.11  ? 3   DC  A "C2'" 1 
ATOM   272 C "C1'" . DC  B 2 3  ? 2.341   9.531   0.509   1.00 46.04  ? 3   DC  A "C1'" 1 
ATOM   273 N N1    . DC  B 2 3  ? 1.346   8.711   1.256   1.00 38.91  ? 3   DC  A N1    1 
ATOM   274 C C2    . DC  B 2 3  ? 1.745   8.095   2.442   1.00 37.71  ? 3   DC  A C2    1 
ATOM   275 O O2    . DC  B 2 3  ? 2.908   8.252   2.829   1.00 38.00  ? 3   DC  A O2    1 
ATOM   276 N N3    . DC  B 2 3  ? 0.853   7.339   3.124   1.00 41.25  ? 3   DC  A N3    1 
ATOM   277 C C4    . DC  B 2 3  ? -0.395  7.198   2.664   1.00 42.61  ? 3   DC  A C4    1 
ATOM   278 N N4    . DC  B 2 3  ? -1.246  6.444   3.377   1.00 40.38  ? 3   DC  A N4    1 
ATOM   279 C C5    . DC  B 2 3  ? -0.823  7.825   1.455   1.00 43.20  ? 3   DC  A C5    1 
ATOM   280 C C6    . DC  B 2 3  ? 0.075   8.561   0.786   1.00 43.21  ? 3   DC  A C6    1 
ATOM   281 P P     . DG  B 2 4  ? 4.583   6.922   -2.845  1.00 42.19  ? 4   DG  A P     1 
ATOM   282 O OP1   . DG  B 2 4  ? 5.547   7.078   -3.951  1.00 46.56  ? 4   DG  A OP1   1 
ATOM   283 O OP2   . DG  B 2 4  ? 3.403   6.036   -3.002  1.00 37.34  ? 4   DG  A OP2   1 
ATOM   284 O "O5'" . DG  B 2 4  ? 5.381   6.452   -1.555  1.00 40.30  ? 4   DG  A "O5'" 1 
ATOM   285 C "C5'" . DG  B 2 4  ? 6.688   6.942   -1.311  1.00 41.67  ? 4   DG  A "C5'" 1 
ATOM   286 C "C4'" . DG  B 2 4  ? 7.295   6.238   -0.111  1.00 35.60  ? 4   DG  A "C4'" 1 
ATOM   287 O "O4'" . DG  B 2 4  ? 6.499   6.512   1.066   1.00 36.31  ? 4   DG  A "O4'" 1 
ATOM   288 C "C3'" . DG  B 2 4  ? 7.295   4.726   -0.194  1.00 35.85  ? 4   DG  A "C3'" 1 
ATOM   289 O "O3'" . DG  B 2 4  ? 8.369   4.274   -0.987  1.00 41.46  ? 4   DG  A "O3'" 1 
ATOM   290 C "C2'" . DG  B 2 4  ? 7.478   4.369   1.272   1.00 33.94  ? 4   DG  A "C2'" 1 
ATOM   291 C "C1'" . DG  B 2 4  ? 6.521   5.366   1.912   1.00 39.21  ? 4   DG  A "C1'" 1 
ATOM   292 N N9    . DG  B 2 4  ? 5.154   4.857   2.068   1.00 34.29  ? 4   DG  A N9    1 
ATOM   293 C C8    . DG  B 2 4  ? 4.037   5.232   1.366   1.00 35.90  ? 4   DG  A C8    1 
ATOM   294 N N7    . DG  B 2 4  ? 2.949   4.607   1.755   1.00 35.94  ? 4   DG  A N7    1 
ATOM   295 C C5    . DG  B 2 4  ? 3.382   3.777   2.783   1.00 34.53  ? 4   DG  A C5    1 
ATOM   296 C C6    . DG  B 2 4  ? 2.661   2.868   3.599   1.00 36.93  ? 4   DG  A C6    1 
ATOM   297 O O6    . DG  B 2 4  ? 1.456   2.603   3.575   1.00 38.97  ? 4   DG  A O6    1 
ATOM   298 N N1    . DG  B 2 4  ? 3.485   2.239   4.516   1.00 36.14  ? 4   DG  A N1    1 
ATOM   299 C C2    . DG  B 2 4  ? 4.834   2.452   4.641   1.00 37.42  ? 4   DG  A C2    1 
ATOM   300 N N2    . DG  B 2 4  ? 5.464   1.740   5.587   1.00 37.58  ? 4   DG  A N2    1 
ATOM   301 N N3    . DG  B 2 4  ? 5.521   3.294   3.895   1.00 32.39  ? 4   DG  A N3    1 
ATOM   302 C C4    . DG  B 2 4  ? 4.731   3.925   2.990   1.00 35.36  ? 4   DG  A C4    1 
ATOM   303 P P     . DG  B 2 5  ? 8.308   2.819   -1.659  1.00 44.11  ? 5   DG  A P     1 
ATOM   304 O OP1   . DG  B 2 5  ? 9.465   2.722   -2.575  1.00 46.22  ? 5   DG  A OP1   1 
ATOM   305 O OP2   . DG  B 2 5  ? 6.946   2.514   -2.151  1.00 44.89  ? 5   DG  A OP2   1 
ATOM   306 O "O5'" . DG  B 2 5  ? 8.513   1.846   -0.422  1.00 37.63  ? 5   DG  A "O5'" 1 
ATOM   307 C "C5'" . DG  B 2 5  ? 9.745   1.801   0.256   1.00 32.75  ? 5   DG  A "C5'" 1 
ATOM   308 C "C4'" . DG  B 2 5  ? 9.691   0.723   1.313   1.00 38.62  ? 5   DG  A "C4'" 1 
ATOM   309 O "O4'" . DG  B 2 5  ? 8.703   1.085   2.307   1.00 43.74  ? 5   DG  A "O4'" 1 
ATOM   310 C "C3'" . DG  B 2 5  ? 9.242   -0.629  0.797   1.00 35.04  ? 5   DG  A "C3'" 1 
ATOM   311 O "O3'" . DG  B 2 5  ? 10.347  -1.347  0.342   1.00 38.91  ? 5   DG  A "O3'" 1 
ATOM   312 C "C2'" . DG  B 2 5  ? 8.663   -1.275  2.040   1.00 41.53  ? 5   DG  A "C2'" 1 
ATOM   313 C "C1'" . DG  B 2 5  ? 8.022   -0.086  2.742   1.00 42.20  ? 5   DG  A "C1'" 1 
ATOM   314 N N9    . DG  B 2 5  ? 6.603   0.051   2.460   1.00 34.16  ? 5   DG  A N9    1 
ATOM   315 C C8    . DG  B 2 5  ? 6.000   0.874   1.541   1.00 33.08  ? 5   DG  A C8    1 
ATOM   316 N N7    . DG  B 2 5  ? 4.700   0.770   1.526   1.00 36.41  ? 5   DG  A N7    1 
ATOM   317 C C5    . DG  B 2 5  ? 4.433   -0.190  2.510   1.00 34.41  ? 5   DG  A C5    1 
ATOM   318 C C6    . DG  B 2 5  ? 3.205   -0.721  2.965   1.00 35.14  ? 5   DG  A C6    1 
ATOM   319 O O6    . DG  B 2 5  ? 2.063   -0.450  2.579   1.00 39.96  ? 5   DG  A O6    1 
ATOM   320 N N1    . DG  B 2 5  ? 3.390   -1.675  3.974   1.00 35.92  ? 5   DG  A N1    1 
ATOM   321 C C2    . DG  B 2 5  ? 4.607   -2.062  4.472   1.00 39.34  ? 5   DG  A C2    1 
ATOM   322 N N2    . DG  B 2 5  ? 4.591   -2.996  5.445   1.00 37.65  ? 5   DG  A N2    1 
ATOM   323 N N3    . DG  B 2 5  ? 5.764   -1.559  4.066   1.00 37.13  ? 5   DG  A N3    1 
ATOM   324 C C4    . DG  B 2 5  ? 5.596   -0.635  3.079   1.00 36.62  ? 5   DG  A C4    1 
ATOM   325 P P     . DC  B 2 6  ? 10.191  -2.367  -0.882  1.00 42.42  ? 6   DC  A P     1 
ATOM   326 O OP1   . DC  B 2 6  ? 11.578  -2.619  -1.341  1.00 41.00  ? 6   DC  A OP1   1 
ATOM   327 O OP2   . DC  B 2 6  ? 9.144   -1.898  -1.816  1.00 41.98  ? 6   DC  A OP2   1 
ATOM   328 O "O5'" . DC  B 2 6  ? 9.682   -3.713  -0.187  1.00 42.39  ? 6   DC  A "O5'" 1 
ATOM   329 C "C5'" . DC  B 2 6  ? 10.529  -4.379  0.737   1.00 40.68  ? 6   DC  A "C5'" 1 
ATOM   330 C "C4'" . DC  B 2 6  ? 9.741   -5.367  1.573   1.00 40.42  ? 6   DC  A "C4'" 1 
ATOM   331 O "O4'" . DC  B 2 6  ? 8.770   -4.654  2.374   1.00 39.54  ? 6   DC  A "O4'" 1 
ATOM   332 C "C3'" . DC  B 2 6  ? 8.896   -6.352  0.785   1.00 40.51  ? 6   DC  A "C3'" 1 
ATOM   333 O "O3'" . DC  B 2 6  ? 9.667   -7.426  0.318   1.00 45.98  ? 6   DC  A "O3'" 1 
ATOM   334 C "C2'" . DC  B 2 6  ? 7.900   -6.792  1.838   1.00 44.05  ? 6   DC  A "C2'" 1 
ATOM   335 C "C1'" . DC  B 2 6  ? 7.596   -5.459  2.516   1.00 41.67  ? 6   DC  A "C1'" 1 
ATOM   336 N N1    . DC  B 2 6  ? 6.415   -4.743  1.939   1.00 38.39  ? 6   DC  A N1    1 
ATOM   337 C C2    . DC  B 2 6  ? 5.134   -5.047  2.412   1.00 37.38  ? 6   DC  A C2    1 
ATOM   338 O O2    . DC  B 2 6  ? 5.005   -5.917  3.297   1.00 38.94  ? 6   DC  A O2    1 
ATOM   339 N N3    . DC  B 2 6  ? 4.072   -4.393  1.895   1.00 37.42  ? 6   DC  A N3    1 
ATOM   340 C C4    . DC  B 2 6  ? 4.246   -3.472  0.947   1.00 34.95  ? 6   DC  A C4    1 
ATOM   341 N N4    . DC  B 2 6  ? 3.167   -2.853  0.484   1.00 32.99  ? 6   DC  A N4    1 
ATOM   342 C C5    . DC  B 2 6  ? 5.536   -3.147  0.446   1.00 39.54  ? 6   DC  A C5    1 
ATOM   343 C C6    . DC  B 2 6  ? 6.584   -3.798  0.967   1.00 38.55  ? 6   DC  A C6    1 
ATOM   344 P P     . DC  B 2 7  ? 9.358   -8.029  -1.137  1.00 50.58  ? 7   DC  A P     1 
ATOM   345 O OP1   . DC  B 2 7  ? 10.336  -9.120  -1.331  1.00 53.50  ? 7   DC  A OP1   1 
ATOM   346 O OP2   . DC  B 2 7  ? 9.273   -6.913  -2.109  1.00 49.55  ? 7   DC  A OP2   1 
ATOM   347 O "O5'" . DC  B 2 7  ? 7.896   -8.666  -0.981  1.00 46.03  ? 7   DC  A "O5'" 1 
ATOM   348 C "C5'" . DC  B 2 7  ? 7.709   -9.820  -0.162  1.00 41.18  ? 7   DC  A "C5'" 1 
ATOM   349 C "C4'" . DC  B 2 7  ? 6.225   -10.104 0.070   1.00 38.67  ? 7   DC  A "C4'" 1 
ATOM   350 O "O4'" . DC  B 2 7  ? 5.588   -8.955  0.695   1.00 39.44  ? 7   DC  A "O4'" 1 
ATOM   351 C "C3'" . DC  B 2 7  ? 5.382   -10.340 -1.173  1.00 38.79  ? 7   DC  A "C3'" 1 
ATOM   352 O "O3'" . DC  B 2 7  ? 5.582   -11.663 -1.696  1.00 44.21  ? 7   DC  A "O3'" 1 
ATOM   353 C "C2'" . DC  B 2 7  ? 3.986   -10.159 -0.583  1.00 34.93  ? 7   DC  A "C2'" 1 
ATOM   354 C "C1'" . DC  B 2 7  ? 4.206   -8.951  0.344   1.00 38.58  ? 7   DC  A "C1'" 1 
ATOM   355 N N1    . DC  B 2 7  ? 3.866   -7.673  -0.330  1.00 36.39  ? 7   DC  A N1    1 
ATOM   356 C C2    . DC  B 2 7  ? 2.533   -7.247  -0.349  1.00 36.13  ? 7   DC  A C2    1 
ATOM   357 O O2    . DC  B 2 7  ? 1.680   -7.918  0.244   1.00 35.52  ? 7   DC  A O2    1 
ATOM   358 N N3    . DC  B 2 7  ? 2.215   -6.100  -1.012  1.00 38.86  ? 7   DC  A N3    1 
ATOM   359 C C4    . DC  B 2 7  ? 3.175   -5.407  -1.630  1.00 41.20  ? 7   DC  A C4    1 
ATOM   360 N N4    . DC  B 2 7  ? 2.827   -4.284  -2.254  1.00 38.49  ? 7   DC  A N4    1 
ATOM   361 C C5    . DC  B 2 7  ? 4.538   -5.834  -1.628  1.00 38.43  ? 7   DC  A C5    1 
ATOM   362 C C6    . DC  B 2 7  ? 4.833   -6.966  -0.982  1.00 39.75  ? 7   DC  A C6    1 
ATOM   363 P P     . DC  B 2 8  ? 5.228   -11.994 -3.233  1.00 42.68  ? 8   DC  A P     1 
ATOM   364 O OP1   . DC  B 2 8  ? 5.698   -13.368 -3.484  1.00 48.51  ? 8   DC  A OP1   1 
ATOM   365 O OP2   . DC  B 2 8  ? 5.631   -10.887 -4.127  1.00 43.78  ? 8   DC  A OP2   1 
ATOM   366 O "O5'" . DC  B 2 8  ? 3.639   -12.036 -3.269  1.00 38.80  ? 8   DC  A "O5'" 1 
ATOM   367 C "C5'" . DC  B 2 8  ? 2.936   -12.990 -2.481  1.00 40.49  ? 8   DC  A "C5'" 1 
ATOM   368 C "C4'" . DC  B 2 8  ? 1.463   -12.639 -2.394  1.00 38.73  ? 8   DC  A "C4'" 1 
ATOM   369 O "O4'" . DC  B 2 8  ? 1.317   -11.278 -1.939  1.00 36.81  ? 8   DC  A "O4'" 1 
ATOM   370 C "C3'" . DC  B 2 8  ? 0.723   -12.659 -3.712  1.00 35.75  ? 8   DC  A "C3'" 1 
ATOM   371 O "O3'" . DC  B 2 8  ? 0.321   -13.963 -4.007  1.00 37.26  ? 8   DC  A "O3'" 1 
ATOM   372 C "C2'" . DC  B 2 8  ? -0.482  -11.786 -3.411  1.00 36.14  ? 8   DC  A "C2'" 1 
ATOM   373 C "C1'" . DC  B 2 8  ? 0.118   -10.739 -2.466  1.00 31.47  ? 8   DC  A "C1'" 1 
ATOM   374 N N1    . DC  B 2 8  ? 0.442   -9.446  -3.131  1.00 33.84  ? 8   DC  A N1    1 
ATOM   375 C C2    . DC  B 2 8  ? -0.592  -8.581  -3.494  1.00 32.68  ? 8   DC  A C2    1 
ATOM   376 O O2    . DC  B 2 8  ? -1.756  -8.914  -3.277  1.00 37.33  ? 8   DC  A O2    1 
ATOM   377 N N3    . DC  B 2 8  ? -0.281  -7.392  -4.075  1.00 37.06  ? 8   DC  A N3    1 
ATOM   378 C C4    . DC  B 2 8  ? 0.991   -7.065  -4.297  1.00 40.81  ? 8   DC  A C4    1 
ATOM   379 N N4    . DC  B 2 8  ? 1.244   -5.881  -4.884  1.00 38.14  ? 8   DC  A N4    1 
ATOM   380 C C5    . DC  B 2 8  ? 2.062   -7.933  -3.937  1.00 45.23  ? 8   DC  A C5    1 
ATOM   381 C C6    . DC  B 2 8  ? 1.743   -9.105  -3.357  1.00 41.36  ? 8   DC  A C6    1 
ATOM   382 P P     . DA  B 2 9  ? -0.051  -14.386 -5.499  1.00 40.47  ? 9   DA  A P     1 
ATOM   383 O OP1   . DA  B 2 9  ? -0.256  -15.853 -5.417  1.00 41.08  ? 9   DA  A OP1   1 
ATOM   384 O OP2   . DA  B 2 9  ? 0.908   -13.825 -6.477  1.00 39.62  ? 9   DA  A OP2   1 
ATOM   385 O "O5'" . DA  B 2 9  ? -1.457  -13.711 -5.771  1.00 38.62  ? 9   DA  A "O5'" 1 
ATOM   386 C "C5'" . DA  B 2 9  ? -2.608  -14.151 -5.099  1.00 38.98  ? 9   DA  A "C5'" 1 
ATOM   387 C "C4'" . DA  B 2 9  ? -3.790  -13.386 -5.618  1.00 36.03  ? 9   DA  A "C4'" 1 
ATOM   388 O "O4'" . DA  B 2 9  ? -3.575  -12.002 -5.308  1.00 43.62  ? 9   DA  A "O4'" 1 
ATOM   389 C "C3'" . DA  B 2 9  ? -3.932  -13.455 -7.129  1.00 42.32  ? 9   DA  A "C3'" 1 
ATOM   390 O "O3'" . DA  B 2 9  ? -4.914  -14.383 -7.459  1.00 44.14  ? 9   DA  A "O3'" 1 
ATOM   391 C "C2'" . DA  B 2 9  ? -4.355  -12.057 -7.548  1.00 42.11  ? 9   DA  A "C2'" 1 
ATOM   392 C "C1'" . DA  B 2 9  ? -3.997  -11.185 -6.377  1.00 42.49  ? 9   DA  A "C1'" 1 
ATOM   393 N N9    . DA  B 2 9  ? -2.950  -10.220 -6.670  1.00 41.35  ? 9   DA  A N9    1 
ATOM   394 C C8    . DA  B 2 9  ? -1.606  -10.360 -6.479  1.00 42.05  ? 9   DA  A C8    1 
ATOM   395 N N7    . DA  B 2 9  ? -0.913  -9.298  -6.821  1.00 46.88  ? 9   DA  A N7    1 
ATOM   396 C C5    . DA  B 2 9  ? -1.876  -8.408  -7.270  1.00 38.28  ? 9   DA  A C5    1 
ATOM   397 C C6    . DA  B 2 9  ? -1.798  -7.089  -7.767  1.00 40.41  ? 9   DA  A C6    1 
ATOM   398 N N6    . DA  B 2 9  ? -0.654  -6.419  -7.904  1.00 37.71  ? 9   DA  A N6    1 
ATOM   399 N N1    . DA  B 2 9  ? -2.947  -6.493  -8.122  1.00 41.35  ? 9   DA  A N1    1 
ATOM   400 C C2    . DA  B 2 9  ? -4.096  -7.169  -7.995  1.00 42.21  ? 9   DA  A C2    1 
ATOM   401 N N3    . DA  B 2 9  ? -4.294  -8.403  -7.534  1.00 43.92  ? 9   DA  A N3    1 
ATOM   402 C C4    . DA  B 2 9  ? -3.133  -8.967  -7.186  1.00 41.76  ? 9   DA  A C4    1 
ATOM   403 P P     . DC  B 2 10 ? -4.994  -14.953 -8.955  1.00 52.06  ? 10  DC  A P     1 
ATOM   404 O OP1   . DC  B 2 10 ? -5.990  -16.043 -8.985  1.00 56.98  ? 10  DC  A OP1   1 
ATOM   405 O OP2   . DC  B 2 10 ? -3.575  -15.159 -9.348  1.00 54.11  ? 10  DC  A OP2   1 
ATOM   406 O "O5'" . DC  B 2 10 ? -5.568  -13.719 -9.816  1.00 50.66  ? 10  DC  A "O5'" 1 
ATOM   407 C "C5'" . DC  B 2 10 ? -6.894  -13.224 -9.593  1.00 42.47  ? 10  DC  A "C5'" 1 
ATOM   408 C "C4'" . DC  B 2 10 ? -7.174  -12.038 -10.499 1.00 47.43  ? 10  DC  A "C4'" 1 
ATOM   409 O "O4'" . DC  B 2 10 ? -6.291  -10.948 -10.149 1.00 49.59  ? 10  DC  A "O4'" 1 
ATOM   410 C "C3'" . DC  B 2 10 ? -6.960  -12.328 -11.976 1.00 55.98  ? 10  DC  A "C3'" 1 
ATOM   411 O "O3'" . DC  B 2 10 ? -8.200  -12.254 -12.670 1.00 67.81  ? 10  DC  A "O3'" 1 
ATOM   412 C "C2'" . DC  B 2 10 ? -5.975  -11.257 -12.461 1.00 56.62  ? 10  DC  A "C2'" 1 
ATOM   413 C "C1'" . DC  B 2 10 ? -5.878  -10.272 -11.302 1.00 50.93  ? 10  DC  A "C1'" 1 
ATOM   414 N N1    . DC  B 2 10 ? -4.470  -9.779  -11.086 1.00 48.06  ? 10  DC  A N1    1 
ATOM   415 C C2    . DC  B 2 10 ? -4.151  -8.455  -11.403 1.00 43.11  ? 10  DC  A C2    1 
ATOM   416 O O2    . DC  B 2 10 ? -5.049  -7.707  -11.806 1.00 47.88  ? 10  DC  A O2    1 
ATOM   417 N N3    . DC  B 2 10 ? -2.876  -8.021  -11.225 1.00 43.56  ? 10  DC  A N3    1 
ATOM   418 C C4    . DC  B 2 10 ? -1.938  -8.862  -10.785 1.00 43.97  ? 10  DC  A C4    1 
ATOM   419 N N4    . DC  B 2 10 ? -0.692  -8.394  -10.647 1.00 39.61  ? 10  DC  A N4    1 
ATOM   420 C C5    . DC  B 2 10 ? -2.240  -10.218 -10.464 1.00 44.05  ? 10  DC  A C5    1 
ATOM   421 C C6    . DC  B 2 10 ? -3.505  -10.637 -10.649 1.00 48.88  ? 10  DC  A C6    1 
HETATM 422 S S     . SO4 C 3 .  ? -0.444  2.331   0.774   1.00 88.71  ? 101 SO4 A S     1 
HETATM 423 O O1    . SO4 C 3 .  ? -1.112  2.218   -0.527  1.00 84.66  ? 101 SO4 A O1    1 
HETATM 424 O O2    . SO4 C 3 .  ? -0.023  3.723   0.984   1.00 76.13  ? 101 SO4 A O2    1 
HETATM 425 O O3    . SO4 C 3 .  ? 0.728   1.455   0.810   1.00 82.91  ? 101 SO4 A O3    1 
HETATM 426 O O4    . SO4 C 3 .  ? -1.379  1.925   1.825   1.00 83.41  ? 101 SO4 A O4    1 
HETATM 427 O O     . HOH D 4 .  ? -5.717  -8.860  9.272   1.00 49.69  ? 101 HOH S O     1 
HETATM 428 O O     . HOH D 4 .  ? -3.351  -2.367  1.154   1.00 45.04  ? 102 HOH S O     1 
HETATM 429 O O     . HOH D 4 .  ? -0.356  -1.295  0.175   1.00 39.09  ? 103 HOH S O     1 
HETATM 430 O O     . HOH D 4 .  ? 3.992   -5.778  9.082   1.00 50.42  ? 104 HOH S O     1 
HETATM 431 O O     . HOH D 4 .  ? -7.257  -6.906  -5.137  1.00 45.38  ? 105 HOH S O     1 
HETATM 432 O O     . HOH D 4 .  ? -0.510  9.416   10.446  1.00 47.26  ? 106 HOH S O     1 
HETATM 433 O O     . HOH D 4 .  ? 6.740   4.828   6.487   1.00 42.92  ? 107 HOH S O     1 
HETATM 434 O O     . HOH D 4 .  ? 4.876   12.442  4.468   1.00 53.82  ? 108 HOH S O     1 
HETATM 435 O O     . HOH D 4 .  ? -10.206 2.289   -5.380  1.00 53.24  ? 109 HOH S O     1 
HETATM 436 O O     . HOH D 4 .  ? 1.169   5.941   9.887   1.00 48.03  ? 110 HOH S O     1 
HETATM 437 O O     . HOH E 4 .  ? -6.851  -9.273  -7.469  1.00 49.21  ? 201 HOH A O     1 
HETATM 438 O O     . HOH E 4 .  ? 3.918   -5.610  -5.658  1.00 54.72  ? 202 HOH A O     1 
HETATM 439 O O     . HOH E 4 .  ? -4.637  7.586   4.971   1.00 45.80  ? 203 HOH A O     1 
HETATM 440 O O     . HOH E 4 .  ? 1.711   -9.801  -10.015 1.00 38.38  ? 204 HOH A O     1 
HETATM 441 O O     . HOH E 4 .  ? 4.844   -6.035  6.217   1.00 53.72  ? 205 HOH A O     1 
HETATM 442 O O     . HOH E 4 .  ? 3.316   -0.817  -1.627  1.00 41.24  ? 206 HOH A O     1 
HETATM 443 O O     . HOH E 4 .  ? -4.176  6.060   2.526   1.00 54.06  ? 207 HOH A O     1 
# 
loop_
_atom_site_anisotrop.id 
_atom_site_anisotrop.type_symbol 
_atom_site_anisotrop.pdbx_label_atom_id 
_atom_site_anisotrop.pdbx_label_alt_id 
_atom_site_anisotrop.pdbx_label_comp_id 
_atom_site_anisotrop.pdbx_label_asym_id 
_atom_site_anisotrop.pdbx_label_seq_id 
_atom_site_anisotrop.pdbx_PDB_ins_code 
_atom_site_anisotrop.U[1][1] 
_atom_site_anisotrop.U[2][2] 
_atom_site_anisotrop.U[3][3] 
_atom_site_anisotrop.U[1][2] 
_atom_site_anisotrop.U[1][3] 
_atom_site_anisotrop.U[2][3] 
_atom_site_anisotrop.pdbx_auth_seq_id 
_atom_site_anisotrop.pdbx_auth_comp_id 
_atom_site_anisotrop.pdbx_auth_asym_id 
_atom_site_anisotrop.pdbx_auth_atom_id 
1   O OP3   . G  A 1  ? 2.3222 1.8944 1.7677 -0.2120 0.1431  -0.0042 1  G  S OP3   
2   P P     . G  A 1  ? 2.2146 1.8063 1.7147 -0.1760 0.1115  0.0059  1  G  S P     
3   O OP1   . G  A 1  ? 2.2858 1.8197 1.7472 -0.1820 0.0850  0.0212  1  G  S OP1   
4   O OP2   . G  A 1  ? 2.2041 1.8739 1.7851 -0.1598 0.1285  -0.0077 1  G  S OP2   
5   O "O5'" . G  A 1  ? 1.8453 1.4290 1.3509 -0.1519 0.0872  0.0122  1  G  S "O5'" 
6   C "C5'" . G  A 1  ? 1.3383 0.9668 0.9126 -0.1184 0.0709  0.0133  1  G  S "C5'" 
7   C "C4'" . G  A 1  ? 0.9743 0.5740 0.5390 -0.1016 0.0400  0.0232  1  G  S "C4'" 
8   O "O4'" . G  A 1  ? 0.8048 0.4183 0.3672 -0.1003 0.0511  0.0163  1  G  S "O4'" 
9   C "C3'" . G  A 1  ? 0.8443 0.4784 0.4728 -0.0718 0.0191  0.0261  1  G  S "C3'" 
10  O "O3'" . G  A 1  ? 0.8382 0.4449 0.4650 -0.0663 -0.0055 0.0332  1  G  S "O3'" 
11  C "C2'" . G  A 1  ? 0.7999 0.4288 0.4303 -0.0593 0.0040  0.0283  1  G  S "C2'" 
12  O "O2'" . G  A 1  ? 0.8315 0.3951 0.4138 -0.0620 -0.0260 0.0379  1  G  S "O2'" 
13  C "C1'" . G  A 1  ? 0.7568 0.3937 0.3634 -0.0740 0.0313  0.0193  1  G  S "C1'" 
14  N N9    . G  A 1  ? 0.7974 0.5009 0.4633 -0.0625 0.0505  0.0077  1  G  S N9    
15  C C8    . G  A 1  ? 0.7876 0.5270 0.4715 -0.0718 0.0788  -0.0056 1  G  S C8    
16  N N7    . G  A 1  ? 0.6561 0.4455 0.3922 -0.0565 0.0845  -0.0148 1  G  S N7    
17  C C5    . G  A 1  ? 0.6674 0.4538 0.4173 -0.0387 0.0614  -0.0057 1  G  S C5    
18  C C6    . G  A 1  ? 0.6876 0.5087 0.4809 -0.0209 0.0549  -0.0082 1  G  S C6    
19  O O6    . G  A 1  ? 0.5891 0.4475 0.4163 -0.0149 0.0646  -0.0192 1  G  S O6    
20  N N1    . G  A 1  ? 0.6350 0.4399 0.4283 -0.0105 0.0319  0.0028  1  G  S N1    
21  C C2    . G  A 1  ? 0.7484 0.5106 0.5102 -0.0136 0.0142  0.0130  1  G  S C2    
22  N N2    . G  A 1  ? 0.6663 0.4234 0.4421 -0.0017 -0.0078 0.0197  1  G  S N2    
23  N N3    . G  A 1  ? 0.6954 0.4195 0.4136 -0.0281 0.0158  0.0158  1  G  S N3    
24  C C4    . G  A 1  ? 0.7513 0.4890 0.4632 -0.0416 0.0412  0.0070  1  G  S C4    
25  P P     . U  A 2  ? 0.8183 0.4733 0.5117 -0.0471 -0.0081 0.0296  2  U  S P     
26  O OP1   . U  A 2  ? 0.8860 0.4981 0.5616 -0.0461 -0.0341 0.0346  2  U  S OP1   
27  O OP2   . U  A 2  ? 0.7526 0.4591 0.4771 -0.0511 0.0226  0.0212  2  U  S OP2   
28  O "O5'" . U  A 2  ? 0.7090 0.3975 0.4516 -0.0241 -0.0202 0.0282  2  U  S "O5'" 
29  C "C5'" . U  A 2  ? 0.8254 0.4819 0.5587 -0.0154 -0.0490 0.0324  2  U  S "C5'" 
30  C "C4'" . U  A 2  ? 0.7617 0.4613 0.5459 0.0011  -0.0511 0.0291  2  U  S "C4'" 
31  O "O4'" . U  A 2  ? 0.7188 0.4334 0.4935 -0.0043 -0.0331 0.0284  2  U  S "O4'" 
32  C "C3'" . U  A 2  ? 0.7524 0.5086 0.5958 0.0120  -0.0397 0.0228  2  U  S "C3'" 
33  O "O3'" . U  A 2  ? 0.6968 0.4549 0.5698 0.0232  -0.0576 0.0186  2  U  S "O3'" 
34  C "C2'" . U  A 2  ? 0.6870 0.4741 0.5555 0.0180  -0.0348 0.0218  2  U  S "C2'" 
35  O "O2'" . U  A 2  ? 0.7255 0.5018 0.6083 0.0271  -0.0586 0.0221  2  U  S "O2'" 
36  C "C1'" . U  A 2  ? 0.6773 0.4436 0.5026 0.0067  -0.0244 0.0243  2  U  S "C1'" 
37  N N1    . U  A 2  ? 0.6380 0.4357 0.4707 0.0008  0.0021  0.0186  2  U  S N1    
38  C C2    . U  A 2  ? 0.6287 0.4621 0.4921 0.0082  0.0083  0.0152  2  U  S C2    
39  O O2    . U  A 2  ? 0.5752 0.4140 0.4552 0.0161  -0.0042 0.0178  2  U  S O2    
40  N N3    . U  A 2  ? 0.5849 0.4443 0.4582 0.0052  0.0272  0.0075  2  U  S N3    
41  C C4    . U  A 2  ? 0.5093 0.3681 0.3701 -0.0051 0.0430  0.0019  2  U  S C4    
42  O O4    . U  A 2  ? 0.5570 0.4431 0.4357 -0.0055 0.0569  -0.0077 2  U  S O4    
43  C C5    . U  A 2  ? 0.5845 0.4068 0.4113 -0.0155 0.0392  0.0072  2  U  S C5    
44  C C6    . U  A 2  ? 0.6048 0.3952 0.4164 -0.0117 0.0176  0.0157  2  U  S C6    
45  P P     . G  A 3  ? 0.7621 0.5641 0.6787 0.0292  -0.0441 0.0110  3  G  S P     
46  O OP1   . G  A 3  ? 0.8051 0.6019 0.7493 0.0415  -0.0670 0.0033  3  G  S OP1   
47  O OP2   . G  A 3  ? 0.7166 0.5202 0.6135 0.0183  -0.0243 0.0126  3  G  S OP2   
48  O "O5'" . G  A 3  ? 0.6894 0.5399 0.6418 0.0328  -0.0283 0.0084  3  G  S "O5'" 
49  C "C5'" . G  A 3  ? 0.7615 0.6296 0.7479 0.0409  -0.0388 0.0041  3  G  S "C5'" 
50  C "C4'" . G  A 3  ? 0.6769 0.5765 0.6771 0.0381  -0.0238 0.0053  3  G  S "C4'" 
51  O "O4'" . G  A 3  ? 0.6477 0.5326 0.6141 0.0317  -0.0171 0.0122  3  G  S "O4'" 
52  C "C3'" . G  A 3  ? 0.6203 0.5541 0.6393 0.0357  -0.0044 0.0015  3  G  S "C3'" 
53  O "O3'" . G  A 3  ? 0.6982 0.6576 0.7541 0.0392  -0.0037 -0.0079 3  G  S "O3'" 
54  C "C2'" . G  A 3  ? 0.5405 0.4827 0.5509 0.0310  0.0030  0.0063  3  G  S "C2'" 
55  O "O2'" . G  A 3  ? 0.5679 0.5191 0.5965 0.0312  -0.0045 0.0058  3  G  S "O2'" 
56  C "C1'" . G  A 3  ? 0.5522 0.4646 0.5282 0.0292  -0.0018 0.0115  3  G  S "C1'" 
57  N N9    . G  A 3  ? 0.5694 0.4813 0.5279 0.0245  0.0124  0.0103  3  G  S N9    
58  C C8    . G  A 3  ? 0.5762 0.4718 0.5162 0.0198  0.0164  0.0097  3  G  S C8    
59  N N7    . G  A 3  ? 0.5055 0.4111 0.4401 0.0147  0.0313  0.0057  3  G  S N7    
60  C C5    . G  A 3  ? 0.4823 0.4086 0.4317 0.0184  0.0336  0.0036  3  G  S C5    
61  C C6    . G  A 3  ? 0.4814 0.4238 0.4367 0.0182  0.0424  -0.0034 3  G  S C6    
62  O O6    . G  A 3  ? 0.5292 0.4775 0.4839 0.0140  0.0531  -0.0110 3  G  S O6    
63  N N1    . G  A 3  ? 0.4837 0.4348 0.4483 0.0230  0.0355  -0.0028 3  G  S N1    
64  C C2    . G  A 3  ? 0.4759 0.4238 0.4441 0.0247  0.0255  0.0040  3  G  S C2    
65  N N2    . G  A 3  ? 0.4896 0.4414 0.4605 0.0257  0.0192  0.0049  3  G  S N2    
66  N N3    . G  A 3  ? 0.5240 0.4636 0.4937 0.0248  0.0197  0.0085  3  G  S N3    
67  C C4    . G  A 3  ? 0.5121 0.4400 0.4721 0.0230  0.0226  0.0077  3  G  S C4    
68  P P     . G  A 4  ? 0.6786 0.6614 0.7465 0.0375  0.0129  -0.0142 4  G  S P     
69  O OP1   . G  A 4  ? 0.7599 0.7682 0.8668 0.0401  0.0132  -0.0276 4  G  S OP1   
70  O OP2   . G  A 4  ? 0.8193 0.7845 0.8666 0.0383  0.0140  -0.0121 4  G  S OP2   
71  O "O5'" . G  A 4  ? 0.7304 0.7245 0.7851 0.0291  0.0269  -0.0087 4  G  S "O5'" 
72  C "C5'" . G  A 4  ? 0.6360 0.6449 0.7011 0.0229  0.0298  -0.0090 4  G  S "C5'" 
73  C "C4'" . G  A 4  ? 0.4665 0.4699 0.5078 0.0166  0.0340  -0.0018 4  G  S "C4'" 
74  O "O4'" . G  A 4  ? 0.4873 0.4719 0.5079 0.0208  0.0280  0.0037  4  G  S "O4'" 
75  C "C3'" . G  A 4  ? 0.4249 0.4328 0.4554 0.0121  0.0443  -0.0031 4  G  S "C3'" 
76  O "O3'" . G  A 4  ? 0.4898 0.5119 0.5271 0.0023  0.0536  -0.0077 4  G  S "O3'" 
77  C "C2'" . G  A 4  ? 0.5076 0.5011 0.5161 0.0114  0.0383  0.0029  4  G  S "C2'" 
78  O "O2'" . G  A 4  ? 0.5616 0.5521 0.5643 0.0037  0.0338  0.0067  4  G  S "O2'" 
79  C "C1'" . G  A 4  ? 0.4968 0.4798 0.5028 0.0186  0.0316  0.0047  4  G  S "C1'" 
80  N N9    . G  A 4  ? 0.4668 0.4459 0.4663 0.0219  0.0360  0.0018  4  G  S N9    
81  C C8    . G  A 4  ? 0.4612 0.4350 0.4609 0.0237  0.0382  0.0004  4  G  S C8    
82  N N7    . G  A 4  ? 0.5054 0.4776 0.4981 0.0227  0.0442  -0.0030 4  G  S N7    
83  C C5    . G  A 4  ? 0.4885 0.4670 0.4811 0.0231  0.0439  -0.0058 4  G  S C5    
84  C C6    . G  A 4  ? 0.5100 0.4931 0.5044 0.0239  0.0469  -0.0136 4  G  S C6    
85  O O6    . G  A 4  ? 0.5012 0.4871 0.4979 0.0216  0.0546  -0.0195 4  G  S O6    
86  N N1    . G  A 4  ? 0.4813 0.4644 0.4758 0.0267  0.0382  -0.0161 4  G  S N1    
87  C C2    . G  A 4  ? 0.4023 0.3786 0.3893 0.0255  0.0296  -0.0093 4  G  S C2    
88  N N2    . G  A 4  ? 0.4280 0.3964 0.4092 0.0274  0.0178  -0.0122 4  G  S N2    
89  N N3    . G  A 4  ? 0.4317 0.4074 0.4182 0.0221  0.0308  -0.0019 4  G  S N3    
90  C C4    . G  A 4  ? 0.4837 0.4623 0.4762 0.0226  0.0373  -0.0017 4  G  S C4    
91  P P     . G  A 5  ? 0.5085 0.5332 0.5344 -0.0029 0.0647  -0.0120 5  G  S P     
92  O OP1   . G  A 5  ? 0.4715 0.5118 0.5050 -0.0162 0.0772  -0.0191 5  G  S OP1   
93  O OP2   . G  A 5  ? 0.4801 0.5048 0.5121 0.0071  0.0652  -0.0157 5  G  S OP2   
94  O "O5'" . G  A 5  ? 0.4934 0.4967 0.4875 -0.0067 0.0576  -0.0044 5  G  S "O5'" 
95  C "C5'" . G  A 5  ? 0.4774 0.4688 0.4519 -0.0183 0.0532  0.0009  5  G  S "C5'" 
96  C "C4'" . G  A 5  ? 0.5128 0.4789 0.4573 -0.0188 0.0414  0.0046  5  G  S "C4'" 
97  O "O4'" . G  A 5  ? 0.5571 0.5189 0.5088 -0.0048 0.0298  0.0047  5  G  S "O4'" 
98  C "C3'" . G  A 5  ? 0.5357 0.4956 0.4682 -0.0188 0.0444  0.0004  5  G  S "C3'" 
99  O "O3'" . G  A 5  ? 0.6132 0.5643 0.5213 -0.0359 0.0527  0.0001  5  G  S "O3'" 
100 C "C2'" . G  A 5  ? 0.5438 0.4833 0.4641 -0.0104 0.0255  0.0008  5  G  S "C2'" 
101 O "O2'" . G  A 5  ? 0.6201 0.5306 0.5078 -0.0203 0.0115  0.0060  5  G  S "O2'" 
102 C "C1'" . G  A 5  ? 0.5981 0.5498 0.5416 0.0009  0.0228  0.0005  5  G  S "C1'" 
103 N N9    . G  A 5  ? 0.5032 0.4710 0.4688 0.0107  0.0302  -0.0052 5  G  S N9    
104 C C8    . G  A 5  ? 0.4832 0.4662 0.4657 0.0125  0.0412  -0.0052 5  G  S C8    
105 N N7    . G  A 5  ? 0.4958 0.4836 0.4881 0.0184  0.0444  -0.0094 5  G  S N7    
106 C C5    . G  A 5  ? 0.4855 0.4677 0.4743 0.0215  0.0371  -0.0147 5  G  S C5    
107 C C6    . G  A 5  ? 0.4535 0.4413 0.4538 0.0259  0.0384  -0.0234 5  G  S C6    
108 O O6    . G  A 5  ? 0.4569 0.4523 0.4662 0.0255  0.0476  -0.0260 5  G  S O6    
109 N N1    . G  A 5  ? 0.4553 0.4369 0.4560 0.0299  0.0257  -0.0308 5  G  S N1    
110 C C2    . G  A 5  ? 0.4383 0.4024 0.4221 0.0293  0.0106  -0.0282 5  G  S C2    
111 N N2    . G  A 5  ? 0.4466 0.4016 0.4340 0.0358  -0.0064 -0.0383 5  G  S N2    
112 N N3    . G  A 5  ? 0.4518 0.4063 0.4172 0.0220  0.0108  -0.0176 5  G  S N3    
113 C C4    . G  A 5  ? 0.4770 0.4450 0.4496 0.0185  0.0258  -0.0124 5  G  S C4    
114 P P     . C  A 6  ? 0.5892 0.5491 0.4975 -0.0383 0.0672  -0.0079 6  C  S P     
115 O OP1   . C  A 6  ? 0.6122 0.5607 0.4886 -0.0609 0.0783  -0.0088 6  C  S OP1   
116 O OP2   . C  A 6  ? 0.5998 0.5899 0.5492 -0.0258 0.0764  -0.0143 6  C  S OP2   
117 O "O5'" . C  A 6  ? 0.5973 0.5361 0.4904 -0.0289 0.0524  -0.0078 6  C  S "O5'" 
118 C "C5'" . C  A 6  ? 0.5954 0.4971 0.4487 -0.0359 0.0351  -0.0037 6  C  S "C5'" 
119 C "C4'" . C  A 6  ? 0.5655 0.4559 0.4232 -0.0212 0.0174  -0.0077 6  C  S "C4'" 
120 O "O4'" . C  A 6  ? 0.4988 0.4084 0.3920 -0.0058 0.0125  -0.0102 6  C  S "O4'" 
121 C "C3'" . C  A 6  ? 0.5674 0.4684 0.4365 -0.0156 0.0255  -0.0145 6  C  S "C3'" 
122 O "O3'" . C  A 6  ? 0.6655 0.5411 0.4961 -0.0277 0.0260  -0.0150 6  C  S "O3'" 
123 C "C2'" . C  A 6  ? 0.5544 0.4564 0.4456 0.0003  0.0091  -0.0202 6  C  S "C2'" 
124 O "O2'" . C  A 6  ? 0.5677 0.4340 0.4318 0.0003  -0.0161 -0.0217 6  C  S "O2'" 
125 C "C1'" . C  A 6  ? 0.5468 0.4656 0.4611 0.0060  0.0097  -0.0183 6  C  S "C1'" 
126 N N1    . C  A 6  ? 0.4842 0.4336 0.4304 0.0114  0.0268  -0.0199 6  C  S N1    
127 C C2    . C  A 6  ? 0.4845 0.4453 0.4541 0.0204  0.0257  -0.0275 6  C  S C2    
128 O O2    . C  A 6  ? 0.4996 0.4508 0.4709 0.0255  0.0110  -0.0347 6  C  S O2    
129 N N3    . C  A 6  ? 0.4398 0.4190 0.4289 0.0224  0.0388  -0.0278 6  C  S N3    
130 C C4    . C  A 6  ? 0.4394 0.4253 0.4289 0.0192  0.0488  -0.0223 6  C  S C4    
131 N N4    . C  A 6  ? 0.4431 0.4382 0.4464 0.0215  0.0561  -0.0227 6  C  S N4    
132 C C5    . C  A 6  ? 0.5010 0.4828 0.4768 0.0122  0.0506  -0.0175 6  C  S C5    
133 C C6    . C  A 6  ? 0.4929 0.4565 0.4451 0.0066  0.0416  -0.0158 6  C  S C6    
134 P P     . C  A 7  ? 0.6432 0.5342 0.4807 -0.0281 0.0440  -0.0219 7  C  S P     
135 O OP1   . C  A 7  ? 0.6778 0.5364 0.4630 -0.0464 0.0462  -0.0217 7  C  S OP1   
136 O OP2   . C  A 7  ? 0.6048 0.5354 0.4819 -0.0237 0.0640  -0.0252 7  C  S OP2   
137 O "O5'" . C  A 7  ? 0.6289 0.5215 0.4886 -0.0113 0.0307  -0.0272 7  C  S "O5'" 
138 C "C5'" . C  A 7  ? 0.6929 0.5539 0.5334 -0.0076 0.0055  -0.0289 7  C  S "C5'" 
139 C "C4'" . C  A 7  ? 0.5939 0.4712 0.4739 0.0083  -0.0034 -0.0369 7  C  S "C4'" 
140 O "O4'" . C  A 7  ? 0.6453 0.5513 0.5626 0.0158  0.0020  -0.0375 7  C  S "O4'" 
141 C "C3'" . C  A 7  ? 0.6308 0.5250 0.5287 0.0120  0.0090  -0.0419 7  C  S "C3'" 
142 O "O3'" . C  A 7  ? 0.7115 0.5786 0.5808 0.0090  -0.0001 -0.0450 7  C  S "O3'" 
143 C "C2'" . C  A 7  ? 0.5766 0.4939 0.5183 0.0232  0.0052  -0.0484 7  C  S "C2'" 
144 O "O2'" . C  A 7  ? 0.5901 0.4917 0.5361 0.0295  -0.0182 -0.0570 7  C  S "O2'" 
145 C "C1'" . C  A 7  ? 0.6344 0.5642 0.5866 0.0235  0.0088  -0.0442 7  C  S "C1'" 
146 N N1    . C  A 7  ? 0.5542 0.5082 0.5223 0.0219  0.0293  -0.0397 7  C  S N1    
147 C C2    . C  A 7  ? 0.5268 0.4995 0.5234 0.0260  0.0356  -0.0438 7  C  S C2    
148 O O2    . C  A 7  ? 0.5330 0.5087 0.5461 0.0298  0.0279  -0.0525 7  C  S O2    
149 N N3    . C  A 7  ? 0.4769 0.4619 0.4815 0.0246  0.0487  -0.0395 7  C  S N3    
150 C C4    . C  A 7  ? 0.4768 0.4624 0.4718 0.0218  0.0553  -0.0340 7  C  S C4    
151 N N4    . C  A 7  ? 0.4680 0.4623 0.4736 0.0227  0.0627  -0.0318 7  C  S N4    
152 C C5    . C  A 7  ? 0.4946 0.4693 0.4674 0.0165  0.0535  -0.0318 7  C  S C5    
153 C C6    . C  A 7  ? 0.5321 0.4879 0.4870 0.0153  0.0407  -0.0333 7  C  S C6    
154 P P     . G  A 8  ? 0.7873 0.6638 0.6575 0.0080  0.0161  -0.0486 8  G  S P     
155 O OP1   . G  A 8  ? 0.9194 0.7613 0.7594 0.0071  -0.0013 -0.0526 8  G  S OP1   
156 O OP2   . G  A 8  ? 0.8575 0.7487 0.7208 -0.0006 0.0396  -0.0466 8  G  S OP2   
157 O "O5'" . G  A 8  ? 0.7249 0.6333 0.6445 0.0188  0.0213  -0.0526 8  G  S "O5'" 
158 C "C5'" . G  A 8  ? 0.7776 0.6833 0.7143 0.0255  0.0081  -0.0597 8  G  S "C5'" 
159 C "C4'" . G  A 8  ? 0.6224 0.5566 0.6009 0.0298  0.0153  -0.0627 8  G  S "C4'" 
160 O "O4'" . G  A 8  ? 0.5826 0.5342 0.5742 0.0289  0.0244  -0.0580 8  G  S "O4'" 
161 C "C3'" . G  A 8  ? 0.5216 0.4662 0.5098 0.0295  0.0279  -0.0627 8  G  S "C3'" 
162 O "O3'" . G  A 8  ? 0.6208 0.5533 0.6060 0.0313  0.0197  -0.0686 8  G  S "O3'" 
163 C "C2'" . G  A 8  ? 0.4500 0.4149 0.4674 0.0286  0.0343  -0.0629 8  G  S "C2'" 
164 O "O2'" . G  A 8  ? 0.4560 0.4258 0.4958 0.0291  0.0254  -0.0722 8  G  S "O2'" 
165 C "C1'" . G  A 8  ? 0.4891 0.4590 0.5034 0.0283  0.0360  -0.0583 8  G  S "C1'" 
166 N N9    . G  A 8  ? 0.4414 0.4171 0.4498 0.0266  0.0484  -0.0509 8  G  S N9    
167 C C8    . G  A 8  ? 0.5111 0.4837 0.5027 0.0250  0.0527  -0.0468 8  G  S C8    
168 N N7    . G  A 8  ? 0.5106 0.4929 0.5094 0.0252  0.0617  -0.0441 8  G  S N7    
169 C C5    . G  A 8  ? 0.4694 0.4547 0.4829 0.0263  0.0617  -0.0444 8  G  S C5    
170 C C6    . G  A 8  ? 0.4708 0.4571 0.4906 0.0267  0.0646  -0.0418 8  G  S C6    
171 O O6    . G  A 8  ? 0.4900 0.4790 0.5118 0.0292  0.0663  -0.0406 8  G  S O6    
172 N N1    . G  A 8  ? 0.4255 0.4063 0.4488 0.0227  0.0637  -0.0418 8  G  S N1    
173 C C2    . G  A 8  ? 0.4614 0.4443 0.4910 0.0190  0.0626  -0.0466 8  G  S C2    
174 N N2    . G  A 8  ? 0.4348 0.4137 0.4672 0.0109  0.0654  -0.0475 8  G  S N2    
175 N N3    . G  A 8  ? 0.4831 0.4691 0.5150 0.0218  0.0576  -0.0512 8  G  S N3    
176 C C4    . G  A 8  ? 0.4601 0.4435 0.4796 0.0254  0.0563  -0.0486 8  G  S C4    
177 P P     . A  A 9  ? 0.5584 0.4914 0.5427 0.0318  0.0282  -0.0694 9  A  S P     
178 O OP1   . A  A 9  ? 0.5830 0.4980 0.5585 0.0336  0.0158  -0.0757 9  A  S OP1   
179 O OP2   . A  A 9  ? 0.5193 0.4566 0.4910 0.0313  0.0415  -0.0668 9  A  S OP2   
180 O "O5'" . A  A 9  ? 0.5189 0.4681 0.5314 0.0299  0.0337  -0.0685 9  A  S "O5'" 
181 C "C5'" . A  A 9  ? 0.5532 0.5083 0.5881 0.0266  0.0282  -0.0740 9  A  S "C5'" 
182 C "C4'" . A  A 9  ? 0.5387 0.5000 0.5848 0.0196  0.0371  -0.0716 9  A  S "C4'" 
183 O "O4'" . A  A 9  ? 0.4802 0.4496 0.5250 0.0169  0.0468  -0.0653 9  A  S "O4'" 
184 C "C3'" . A  A 9  ? 0.5580 0.5055 0.5910 0.0213  0.0370  -0.0690 9  A  S "C3'" 
185 O "O3'" . A  A 9  ? 0.5440 0.4811 0.5786 0.0212  0.0285  -0.0746 9  A  S "O3'" 
186 C "C2'" . A  A 9  ? 0.5847 0.5312 0.6184 0.0137  0.0437  -0.0633 9  A  S "C2'" 
187 O "O2'" . A  A 9  ? 0.5442 0.4913 0.5886 0.0010  0.0453  -0.0662 9  A  S "O2'" 
188 C "C1'" . A  A 9  ? 0.5508 0.5108 0.5872 0.0136  0.0506  -0.0599 9  A  S "C1'" 
189 N N9    . A  A 9  ? 0.5438 0.5027 0.5697 0.0209  0.0524  -0.0551 9  A  S N9    
190 C C8    . A  A 9  ? 0.4996 0.4643 0.5203 0.0269  0.0535  -0.0558 9  A  S C8    
191 N N7    . A  A 9  ? 0.4564 0.4238 0.4743 0.0305  0.0571  -0.0537 9  A  S N7    
192 C C5    . A  A 9  ? 0.4558 0.4149 0.4761 0.0291  0.0546  -0.0512 9  A  S C5    
193 C C6    . A  A 9  ? 0.5314 0.4855 0.5527 0.0331  0.0515  -0.0501 9  A  S C6    
194 N N6    . A  A 9  ? 0.5044 0.4701 0.5326 0.0393  0.0541  -0.0534 9  A  S N6    
195 N N1    . A  A 9  ? 0.5040 0.4381 0.5182 0.0291  0.0439  -0.0467 9  A  S N1    
196 C C2    . A  A 9  ? 0.5487 0.4729 0.5559 0.0189  0.0442  -0.0447 9  A  S C2    
197 N N3    . A  A 9  ? 0.5496 0.4844 0.5631 0.0142  0.0494  -0.0475 9  A  S N3    
198 C C4    . A  A 9  ? 0.4910 0.4421 0.5113 0.0214  0.0525  -0.0508 9  A  S C4    
199 P P     . C  A 10 ? 0.5378 0.4580 0.5554 0.0285  0.0237  -0.0763 10 C  S P     
200 O OP1   . C  A 10 ? 0.6002 0.5090 0.6209 0.0273  0.0129  -0.0821 10 C  S OP1   
201 O OP2   . C  A 10 ? 0.4847 0.4056 0.4863 0.0360  0.0281  -0.0771 10 C  S OP2   
202 O "O5'" . C  A 10 ? 0.4908 0.4044 0.5076 0.0255  0.0259  -0.0717 10 C  S "O5'" 
203 C "C5'" . C  A 10 ? 0.5295 0.4349 0.5509 0.0132  0.0239  -0.0695 10 C  S "C5'" 
204 C "C4'" . C  A 10 ? 0.4782 0.3653 0.4868 0.0111  0.0207  -0.0640 10 C  S "C4'" 
205 O "O4'" . C  A 10 ? 0.5093 0.4047 0.5164 0.0115  0.0278  -0.0587 10 C  S "O4'" 
206 C "C3'" . C  A 10 ? 0.4913 0.3642 0.4922 0.0251  0.0106  -0.0688 10 C  S "C3'" 
207 O "O3'" . C  A 10 ? 0.5550 0.4086 0.5509 0.0240  -0.0005 -0.0724 10 C  S "O3'" 
208 C "C2'" . C  A 10 ? 0.5005 0.3616 0.4945 0.0266  0.0064  -0.0645 10 C  S "C2'" 
209 O "O2'" . C  A 10 ? 0.6205 0.4502 0.5982 0.0150  -0.0045 -0.0591 10 C  S "O2'" 
210 C "C1'" . C  A 10 ? 0.5048 0.3847 0.5030 0.0198  0.0194  -0.0581 10 C  S "C1'" 
211 N N1    . C  A 10 ? 0.4919 0.3914 0.4987 0.0319  0.0251  -0.0614 10 C  S N1    
212 C C2    . C  A 10 ? 0.5412 0.4342 0.5486 0.0390  0.0189  -0.0619 10 C  S C2    
213 O O2    . C  A 10 ? 0.4928 0.3581 0.4885 0.0359  0.0057  -0.0588 10 C  S O2    
214 N N3    . C  A 10 ? 0.4694 0.3836 0.4889 0.0476  0.0255  -0.0667 10 C  S N3    
215 C C4    . C  A 10 ? 0.5065 0.4414 0.5287 0.0474  0.0378  -0.0687 10 C  S C4    
216 N N4    . C  A 10 ? 0.4684 0.4215 0.4986 0.0518  0.0456  -0.0732 10 C  S N4    
217 C C5    . C  A 10 ? 0.4500 0.3847 0.4660 0.0414  0.0405  -0.0671 10 C  S C5    
218 C C6    . C  A 10 ? 0.4672 0.3870 0.4797 0.0348  0.0340  -0.0644 10 C  S C6    
219 O OP3   . DG B 1  ? 1.4962 1.5900 1.8163 0.0216  -0.0424 -0.0831 1  DG A OP3   
220 P P     . DG B 1  ? 1.4439 1.5160 1.7577 0.0333  -0.0855 -0.0819 1  DG A P     
221 O OP1   . DG B 1  ? 1.4873 1.5342 1.7290 0.0310  -0.1018 -0.0664 1  DG A OP1   
222 O OP2   . DG B 1  ? 1.5329 1.6149 1.9317 0.0413  -0.1085 -0.1010 1  DG A OP2   
223 O "O5'" . DG B 1  ? 1.0904 1.1524 1.3826 0.0373  -0.0825 -0.0791 1  DG A "O5'" 
224 C "C5'" . DG B 1  ? 0.8065 0.8436 1.1006 0.0485  -0.1204 -0.0819 1  DG A "C5'" 
225 C "C4'" . DG B 1  ? 0.5723 0.5811 0.7863 0.0465  -0.1218 -0.0671 1  DG A "C4'" 
226 O "O4'" . DG B 1  ? 0.4263 0.4527 0.6410 0.0423  -0.0873 -0.0669 1  DG A "O4'" 
227 C "C3'" . DG B 1  ? 0.4975 0.4918 0.6372 0.0368  -0.1146 -0.0518 1  DG A "C3'" 
228 O "O3'" . DG B 1  ? 0.5092 0.4640 0.6120 0.0389  -0.1498 -0.0485 1  DG A "O3'" 
229 C "C2'" . DG B 1  ? 0.4481 0.4349 0.5391 0.0321  -0.0966 -0.0433 1  DG A "C2'" 
230 C "C1'" . DG B 1  ? 0.4711 0.4871 0.6133 0.0338  -0.0725 -0.0517 1  DG A "C1'" 
231 N N9    . DG B 1  ? 0.4812 0.5214 0.6240 0.0248  -0.0377 -0.0494 1  DG A N9    
232 C C8    . DG B 1  ? 0.5488 0.6105 0.7384 0.0217  -0.0194 -0.0583 1  DG A C8    
233 N N7    . DG B 1  ? 0.4929 0.5599 0.6572 0.0125  0.0078  -0.0529 1  DG A N7    
234 C C5    . DG B 1  ? 0.4681 0.5229 0.5758 0.0108  0.0055  -0.0409 1  DG A C5    
235 C C6    . DG B 1  ? 0.4710 0.5238 0.5378 0.0037  0.0218  -0.0326 1  DG A C6    
236 O O6    . DG B 1  ? 0.4430 0.4968 0.5039 -0.0026 0.0396  -0.0322 1  DG A O6    
237 N N1    . DG B 1  ? 0.4315 0.4746 0.4600 0.0035  0.0136  -0.0254 1  DG A N1    
238 C C2    . DG B 1  ? 0.4542 0.4840 0.4719 0.0073  -0.0047 -0.0248 1  DG A C2    
239 N N2    . DG B 1  ? 0.4656 0.4843 0.4431 0.0030  -0.0046 -0.0192 1  DG A N2    
240 N N3    . DG B 1  ? 0.4248 0.4476 0.4687 0.0145  -0.0236 -0.0306 1  DG A N3    
241 C C4    . DG B 1  ? 0.4558 0.4952 0.5498 0.0168  -0.0186 -0.0390 1  DG A C4    
242 P P     . DT B 2  ? 0.6131 0.5538 0.6630 0.0296  -0.1459 -0.0392 2  DT A P     
243 O OP1   . DT B 2  ? 0.7186 0.6041 0.7266 0.0315  -0.1863 -0.0381 2  DT A OP1   
244 O OP2   . DT B 2  ? 0.5779 0.5574 0.6704 0.0269  -0.1253 -0.0422 2  DT A OP2   
245 O "O5'" . DT B 2  ? 0.6020 0.5379 0.5915 0.0197  -0.1182 -0.0294 2  DT A "O5'" 
246 C "C5'" . DT B 2  ? 0.6134 0.5088 0.5473 0.0169  -0.1278 -0.0256 2  DT A "C5'" 
247 C "C4'" . DT B 2  ? 0.6021 0.5063 0.4992 0.0061  -0.0956 -0.0200 2  DT A "C4'" 
248 O "O4'" . DT B 2  ? 0.5748 0.5220 0.5133 0.0086  -0.0731 -0.0211 2  DT A "O4'" 
249 C "C3'" . DT B 2  ? 0.5868 0.4986 0.4664 -0.0021 -0.0783 -0.0178 2  DT A "C3'" 
250 O "O3'" . DT B 2  ? 0.7602 0.6211 0.5766 -0.0110 -0.0867 -0.0165 2  DT A "O3'" 
251 C "C2'" . DT B 2  ? 0.5601 0.5020 0.4436 -0.0071 -0.0484 -0.0164 2  DT A "C2'" 
252 C "C1'" . DT B 2  ? 0.5929 0.5605 0.5199 0.0009  -0.0473 -0.0178 2  DT A "C1'" 
253 N N1    . DT B 2  ? 0.5190 0.5221 0.4900 0.0039  -0.0346 -0.0195 2  DT A N1    
254 C C2    . DT B 2  ? 0.5151 0.5369 0.4836 -0.0004 -0.0142 -0.0173 2  DT A C2    
255 O O2    . DT B 2  ? 0.5690 0.5872 0.5124 -0.0055 -0.0064 -0.0154 2  DT A O2    
256 N N3    . DT B 2  ? 0.5297 0.5701 0.5256 0.0007  -0.0046 -0.0186 2  DT A N3    
257 C C4    . DT B 2  ? 0.4989 0.5462 0.5301 0.0039  -0.0081 -0.0234 2  DT A C4    
258 O O4    . DT B 2  ? 0.4618 0.5197 0.5095 0.0015  0.0053  -0.0253 2  DT A O4    
259 C C5    . DT B 2  ? 0.5067 0.5422 0.5525 0.0092  -0.0301 -0.0273 2  DT A C5    
260 C C7    . DT B 2  ? 0.5195 0.5650 0.6166 0.0130  -0.0377 -0.0360 2  DT A C7    
261 C C6    . DT B 2  ? 0.4819 0.4930 0.4936 0.0096  -0.0449 -0.0245 2  DT A C6    
262 P P     . DC B 3  ? 0.7690 0.6216 0.5616 -0.0195 -0.0751 -0.0168 3  DC A P     
263 O OP1   . DC B 3  ? 0.9144 0.6993 0.6292 -0.0316 -0.0814 -0.0169 3  DC A OP1   
264 O OP2   . DC B 3  ? 0.7001 0.5773 0.5377 -0.0112 -0.0864 -0.0175 3  DC A OP2   
265 O "O5'" . DC B 3  ? 0.7108 0.6014 0.5169 -0.0254 -0.0397 -0.0183 3  DC A "O5'" 
266 C "C5'" . DC B 3  ? 0.6199 0.5409 0.4520 -0.0249 -0.0256 -0.0199 3  DC A "C5'" 
267 C "C4'" . DC B 3  ? 0.5917 0.5484 0.4475 -0.0265 -0.0028 -0.0222 3  DC A "C4'" 
268 O "O4'" . DC B 3  ? 0.5555 0.5405 0.4466 -0.0179 -0.0067 -0.0190 3  DC A "O4'" 
269 C "C3'" . DC B 3  ? 0.5547 0.5359 0.4331 -0.0261 0.0101  -0.0257 3  DC A "C3'" 
270 O "O3'" . DC B 3  ? 0.5779 0.5409 0.4319 -0.0370 0.0269  -0.0335 3  DC A "O3'" 
271 C "C2'" . DC B 3  ? 0.5578 0.5731 0.4692 -0.0214 0.0167  -0.0256 3  DC A "C2'" 
272 C "C1'" . DC B 3  ? 0.6050 0.6211 0.5232 -0.0159 0.0054  -0.0199 3  DC A "C1'" 
273 N N1    . DC B 3  ? 0.4998 0.5319 0.4465 -0.0088 0.0000  -0.0174 3  DC A N1    
274 C C2    . DC B 3  ? 0.4732 0.5234 0.4361 -0.0070 0.0076  -0.0169 3  DC A C2    
275 O O2    . DC B 3  ? 0.4760 0.5318 0.4359 -0.0088 0.0135  -0.0189 3  DC A O2    
276 N N3    . DC B 3  ? 0.5107 0.5664 0.4901 -0.0043 0.0075  -0.0159 3  DC A N3    
277 C C4    . DC B 3  ? 0.5241 0.5770 0.5178 -0.0026 0.0006  -0.0169 3  DC A C4    
278 N N4    . DC B 3  ? 0.4872 0.5459 0.5013 -0.0027 0.0057  -0.0185 3  DC A N4    
279 C C5    . DC B 3  ? 0.5391 0.5774 0.5250 -0.0019 -0.0131 -0.0178 3  DC A C5    
280 C C6    . DC B 3  ? 0.5542 0.5781 0.5097 -0.0054 -0.0132 -0.0170 3  DC A C6    
281 P P     . DG B 4  ? 0.5892 0.5591 0.4549 -0.0378 0.0369  -0.0396 4  DG A P     
282 O OP1   . DG B 4  ? 0.6650 0.6050 0.4989 -0.0525 0.0587  -0.0501 4  DG A OP1   
283 O OP2   . DG B 4  ? 0.5284 0.4945 0.3958 -0.0306 0.0188  -0.0328 4  DG A OP2   
284 O "O5'" . DG B 4  ? 0.5336 0.5476 0.4499 -0.0303 0.0423  -0.0431 4  DG A "O5'" 
285 C "C5'" . DG B 4  ? 0.5408 0.5675 0.4747 -0.0356 0.0579  -0.0533 4  DG A "C5'" 
286 C "C4'" . DG B 4  ? 0.4374 0.4975 0.4177 -0.0255 0.0518  -0.0561 4  DG A "C4'" 
287 O "O4'" . DG B 4  ? 0.4434 0.5112 0.4251 -0.0175 0.0357  -0.0446 4  DG A "O4'" 
288 C "C3'" . DG B 4  ? 0.4334 0.4991 0.4296 -0.0190 0.0478  -0.0583 4  DG A "C3'" 
289 O "O3'" . DG B 4  ? 0.4992 0.5649 0.5112 -0.0247 0.0655  -0.0738 4  DG A "O3'" 
290 C "C2'" . DG B 4  ? 0.3940 0.4783 0.4172 -0.0083 0.0319  -0.0553 4  DG A "C2'" 
291 C "C1'" . DG B 4  ? 0.4697 0.5485 0.4716 -0.0085 0.0251  -0.0432 4  DG A "C1'" 
292 N N9    . DG B 4  ? 0.4151 0.4856 0.4024 -0.0052 0.0173  -0.0332 4  DG A N9    
293 C C8    . DG B 4  ? 0.4454 0.5037 0.4148 -0.0079 0.0163  -0.0281 4  DG A C8    
294 N N7    . DG B 4  ? 0.4452 0.5026 0.4179 -0.0045 0.0097  -0.0228 4  DG A N7    
295 C C5    . DG B 4  ? 0.4224 0.4854 0.4043 -0.0006 0.0079  -0.0229 4  DG A C5    
296 C C6    . DG B 4  ? 0.4551 0.5121 0.4362 0.0011  0.0050  -0.0193 4  DG A C6    
297 O O6    . DG B 4  ? 0.4816 0.5349 0.4642 -0.0008 0.0062  -0.0169 4  DG A O6    
298 N N1    . DG B 4  ? 0.4477 0.4991 0.4264 0.0045  -0.0006 -0.0204 4  DG A N1    
299 C C2    . DG B 4  ? 0.4583 0.5158 0.4477 0.0077  -0.0057 -0.0261 4  DG A C2    
300 N N2    . DG B 4  ? 0.4653 0.5104 0.4524 0.0126  -0.0188 -0.0274 4  DG A N2    
301 N N3    . DG B 4  ? 0.3862 0.4569 0.3877 0.0055  0.0006  -0.0317 4  DG A N3    
302 C C4    . DG B 4  ? 0.4275 0.4973 0.4188 0.0004  0.0088  -0.0289 4  DG A C4    
303 P P     . DG B 5  ? 0.5345 0.5932 0.5484 -0.0222 0.0682  -0.0779 5  DG A P     
304 O OP1   . DG B 5  ? 0.5577 0.6122 0.5862 -0.0322 0.0948  -0.0975 5  DG A OP1   
305 O OP2   . DG B 5  ? 0.5653 0.6015 0.5387 -0.0222 0.0581  -0.0644 5  DG A OP2   
306 O "O5'" . DG B 5  ? 0.4325 0.5136 0.4838 -0.0072 0.0484  -0.0767 5  DG A "O5'" 
307 C "C5'" . DG B 5  ? 0.3476 0.4497 0.4471 -0.0018 0.0452  -0.0898 5  DG A "C5'" 
308 C "C4'" . DG B 5  ? 0.4162 0.5209 0.5304 0.0124  0.0198  -0.0856 5  DG A "C4'" 
309 O "O4'" . DG B 5  ? 0.4949 0.5898 0.5774 0.0147  0.0045  -0.0683 5  DG A "O4'" 
310 C "C3'" . DG B 5  ? 0.3779 0.4715 0.4819 0.0161  0.0189  -0.0840 5  DG A "C3'" 
311 O "O3'" . DG B 5  ? 0.4096 0.5125 0.5560 0.0195  0.0257  -0.1028 5  DG A "O3'" 
312 C "C2'" . DG B 5  ? 0.4683 0.5514 0.5583 0.0256  -0.0065 -0.0720 5  DG A "C2'" 
313 C "C1'" . DG B 5  ? 0.4853 0.5662 0.5518 0.0209  -0.0088 -0.0603 5  DG A "C1'" 
314 N N9    . DG B 5  ? 0.3987 0.4690 0.4301 0.0152  -0.0030 -0.0475 5  DG A N9    
315 C C8    . DG B 5  ? 0.3904 0.4601 0.4065 0.0071  0.0095  -0.0446 5  DG A C8    
316 N N7    . DG B 5  ? 0.4420 0.5026 0.4385 0.0053  0.0067  -0.0350 5  DG A N7    
317 C C5    . DG B 5  ? 0.4193 0.4735 0.4145 0.0102  -0.0028 -0.0314 5  DG A C5    
318 C C6    . DG B 5  ? 0.4368 0.4799 0.4185 0.0082  -0.0047 -0.0242 5  DG A C6    
319 O O6    . DG B 5  ? 0.4986 0.5416 0.4779 0.0038  -0.0012 -0.0208 5  DG A O6    
320 N N1    . DG B 5  ? 0.4551 0.4824 0.4271 0.0115  -0.0127 -0.0231 5  DG A N1    
321 C C2    . DG B 5  ? 0.4981 0.5206 0.4761 0.0186  -0.0246 -0.0281 5  DG A C2    
322 N N2    . DG B 5  ? 0.4931 0.4877 0.4498 0.0209  -0.0365 -0.0256 5  DG A N2    
323 N N3    . DG B 5  ? 0.4557 0.4954 0.4596 0.0224  -0.0254 -0.0365 5  DG A N3    
324 C C4    . DG B 5  ? 0.4419 0.4974 0.4520 0.0166  -0.0109 -0.0378 5  DG A C4    
325 P P     . DC B 6  ? 0.4619 0.5519 0.5979 0.0160  0.0424  -0.1083 6  DC A P     
326 O OP1   . DC B 6  ? 0.4203 0.5251 0.6125 0.0161  0.0586  -0.1338 6  DC A OP1   
327 O OP2   . DC B 6  ? 0.4815 0.5506 0.5630 0.0036  0.0557  -0.0969 6  DC A OP2   
328 O "O5'" . DC B 6  ? 0.4671 0.5475 0.5958 0.0287  0.0173  -0.0995 6  DC A "O5'" 
329 C "C5'" . DC B 6  ? 0.4304 0.5167 0.5987 0.0427  -0.0052 -0.1082 6  DC A "C5'" 
330 C "C4'" . DC B 6  ? 0.4459 0.5089 0.5811 0.0506  -0.0300 -0.0937 6  DC A "C4'" 
331 O "O4'" . DC B 6  ? 0.4516 0.5045 0.5461 0.0455  -0.0366 -0.0760 6  DC A "O4'" 
332 C "C3'" . DC B 6  ? 0.4625 0.5100 0.5669 0.0472  -0.0211 -0.0875 6  DC A "C3'" 
333 O "O3'" . DC B 6  ? 0.5218 0.5686 0.6565 0.0549  -0.0210 -0.1023 6  DC A "O3'" 
334 C "C2'" . DC B 6  ? 0.5286 0.5528 0.5922 0.0489  -0.0405 -0.0707 6  DC A "C2'" 
335 C "C1'" . DC B 6  ? 0.4998 0.5306 0.5527 0.0434  -0.0402 -0.0627 6  DC A "C1'" 
336 N N1    . DC B 6  ? 0.4660 0.4998 0.4927 0.0318  -0.0234 -0.0524 6  DC A N1    
337 C C2    . DC B 6  ? 0.4694 0.4870 0.4640 0.0272  -0.0261 -0.0400 6  DC A C2    
338 O O2    . DC B 6  ? 0.5020 0.4973 0.4800 0.0305  -0.0387 -0.0368 6  DC A O2    
339 N N3    . DC B 6  ? 0.4720 0.4943 0.4555 0.0186  -0.0154 -0.0338 6  DC A N3    
340 C C4    . DC B 6  ? 0.4344 0.4689 0.4246 0.0146  -0.0053 -0.0370 6  DC A C4    
341 N N4    . DC B 6  ? 0.4141 0.4470 0.3925 0.0080  -0.0020 -0.0311 6  DC A N4    
342 C C5    . DC B 6  ? 0.4823 0.5271 0.4928 0.0163  0.0016  -0.0483 6  DC A C5    
343 C C6    . DC B 6  ? 0.4607 0.5089 0.4952 0.0249  -0.0063 -0.0568 6  DC A C6    
344 P P     . DC B 7  ? 0.5878 0.6266 0.7075 0.0468  0.0038  -0.1062 7  DC A P     
345 O OP1   . DC B 7  ? 0.6106 0.6501 0.7720 0.0575  0.0014  -0.1244 7  DC A OP1   
346 O OP2   . DC B 7  ? 0.5773 0.6208 0.6847 0.0320  0.0309  -0.1082 7  DC A OP2   
347 O "O5'" . DC B 7  ? 0.5561 0.5718 0.6211 0.0436  -0.0064 -0.0861 7  DC A "O5'" 
348 C "C5'" . DC B 7  ? 0.5040 0.5015 0.5593 0.0530  -0.0286 -0.0814 7  DC A "C5'" 
349 C "C4'" . DC B 7  ? 0.4945 0.4733 0.5014 0.0451  -0.0319 -0.0635 7  DC A "C4'" 
350 O "O4'" . DC B 7  ? 0.5061 0.4920 0.5005 0.0385  -0.0314 -0.0535 7  DC A "O4'" 
351 C "C3'" . DC B 7  ? 0.5052 0.4783 0.4903 0.0350  -0.0166 -0.0601 7  DC A "C3'" 
352 O "O3'" . DC B 7  ? 0.5803 0.5375 0.5620 0.0389  -0.0173 -0.0656 7  DC A "O3'" 
353 C "C2'" . DC B 7  ? 0.4682 0.4336 0.4254 0.0274  -0.0221 -0.0453 7  DC A "C2'" 
354 C "C1'" . DC B 7  ? 0.5065 0.4856 0.4738 0.0282  -0.0248 -0.0430 7  DC A "C1'" 
355 N N1    . DC B 7  ? 0.4728 0.4673 0.4425 0.0206  -0.0132 -0.0415 7  DC A N1    
356 C C2    . DC B 7  ? 0.4746 0.4673 0.4306 0.0125  -0.0125 -0.0328 7  DC A C2    
357 O O2    . DC B 7  ? 0.4740 0.4559 0.4197 0.0099  -0.0167 -0.0276 7  DC A O2    
358 N N3    . DC B 7  ? 0.5069 0.5071 0.4628 0.0072  -0.0075 -0.0319 7  DC A N3    
359 C C4    . DC B 7  ? 0.5333 0.5385 0.4937 0.0070  0.0008  -0.0385 7  DC A C4    
360 N N4    . DC B 7  ? 0.5032 0.5061 0.4531 0.0008  0.0040  -0.0369 7  DC A N4    
361 C C5    . DC B 7  ? 0.4906 0.5008 0.4689 0.0128  0.0062  -0.0492 7  DC A C5    
362 C C6    . DC B 7  ? 0.5057 0.5123 0.4924 0.0207  -0.0030 -0.0507 7  DC A C6    
363 P P     . DC B 8  ? 0.5712 0.5164 0.5338 0.0297  -0.0004 -0.0682 8  DC A P     
364 O OP1   . DC B 8  ? 0.6490 0.5789 0.6153 0.0368  -0.0023 -0.0762 8  DC A OP1   
365 O OP2   . DC B 8  ? 0.5817 0.5341 0.5475 0.0217  0.0185  -0.0748 8  DC A OP2   
366 O "O5'" . DC B 8  ? 0.5374 0.4710 0.4657 0.0200  -0.0072 -0.0529 8  DC A "O5'" 
367 C "C5'" . DC B 8  ? 0.5674 0.4882 0.4827 0.0213  -0.0198 -0.0456 8  DC A "C5'" 
368 C "C4'" . DC B 8  ? 0.5499 0.4700 0.4515 0.0104  -0.0220 -0.0354 8  DC A "C4'" 
369 O "O4'" . DC B 8  ? 0.5150 0.4543 0.4295 0.0086  -0.0201 -0.0327 8  DC A "O4'" 
370 C "C3'" . DC B 8  ? 0.5202 0.4304 0.4076 0.0018  -0.0205 -0.0345 8  DC A "C3'" 
371 O "O3'" . DC B 8  ? 0.5516 0.4413 0.4229 -0.0001 -0.0244 -0.0339 8  DC A "O3'" 
372 C "C2'" . DC B 8  ? 0.5189 0.4398 0.4145 -0.0054 -0.0254 -0.0284 8  DC A "C2'" 
373 C "C1'" . DC B 8  ? 0.4476 0.3885 0.3595 -0.0006 -0.0213 -0.0283 8  DC A "C1'" 
374 N N1    . DC B 8  ? 0.4738 0.4233 0.3886 -0.0018 -0.0177 -0.0300 8  DC A N1    
375 C C2    . DC B 8  ? 0.4580 0.4090 0.3745 -0.0078 -0.0242 -0.0265 8  DC A C2    
376 O O2    . DC B 8  ? 0.5139 0.4647 0.4397 -0.0120 -0.0314 -0.0241 8  DC A O2    
377 N N3    . DC B 8  ? 0.5158 0.4661 0.4262 -0.0093 -0.0228 -0.0277 8  DC A N3    
378 C C4    . DC B 8  ? 0.5650 0.5158 0.4701 -0.0072 -0.0105 -0.0330 8  DC A C4    
379 N N4    . DC B 8  ? 0.5376 0.4815 0.4300 -0.0115 -0.0067 -0.0345 8  DC A N4    
380 C C5    . DC B 8  ? 0.6158 0.5718 0.5311 -0.0009 -0.0022 -0.0391 8  DC A C5    
381 C C6    . DC B 8  ? 0.5662 0.5202 0.4849 0.0028  -0.0086 -0.0367 8  DC A C6    
382 P P     . DA B 9  ? 0.6080 0.4745 0.4553 -0.0070 -0.0250 -0.0353 9  DA A P     
383 O OP1   . DA B 9  ? 0.6259 0.4742 0.4606 -0.0066 -0.0286 -0.0352 9  DA A OP1   
384 O OP2   . DA B 9  ? 0.6031 0.4617 0.4404 -0.0070 -0.0132 -0.0425 9  DA A OP2   
385 O "O5'" . DA B 9  ? 0.5834 0.4513 0.4328 -0.0165 -0.0368 -0.0296 9  DA A "O5'" 
386 C "C5'" . DA B 9  ? 0.5811 0.4547 0.4453 -0.0215 -0.0437 -0.0264 9  DA A "C5'" 
387 C "C4'" . DA B 9  ? 0.5382 0.4143 0.4163 -0.0284 -0.0573 -0.0256 9  DA A "C4'" 
388 O "O4'" . DA B 9  ? 0.6230 0.5180 0.5162 -0.0254 -0.0551 -0.0252 9  DA A "O4'" 
389 C "C3'" . DA B 9  ? 0.6387 0.4831 0.4862 -0.0324 -0.0704 -0.0262 9  DA A "C3'" 
390 O "O3'" . DA B 9  ? 0.6659 0.4966 0.5146 -0.0389 -0.0832 -0.0265 9  DA A "O3'" 
391 C "C2'" . DA B 9  ? 0.6336 0.4789 0.4874 -0.0336 -0.0834 -0.0257 9  DA A "C2'" 
392 C "C1'" . DA B 9  ? 0.6167 0.4972 0.5004 -0.0283 -0.0703 -0.0253 9  DA A "C1'" 
393 N N9    . DA B 9  ? 0.6097 0.4871 0.4745 -0.0250 -0.0615 -0.0256 9  DA A N9    
394 C C8    . DA B 9  ? 0.6207 0.5017 0.4754 -0.0205 -0.0426 -0.0282 9  DA A C8    
395 N N7    . DA B 9  ? 0.6864 0.5647 0.5303 -0.0208 -0.0355 -0.0302 9  DA A N7    
396 C C5    . DA B 9  ? 0.5827 0.4500 0.4217 -0.0250 -0.0534 -0.0270 9  DA A C5    
397 C C6    . DA B 9  ? 0.6204 0.4734 0.4415 -0.0278 -0.0580 -0.0268 9  DA A C6    
398 N N6    . DA B 9  ? 0.5930 0.4425 0.3975 -0.0292 -0.0392 -0.0305 9  DA A N6    
399 N N1    . DA B 9  ? 0.6360 0.4760 0.4592 -0.0295 -0.0838 -0.0244 9  DA A N1    
400 C C2    . DA B 9  ? 0.6355 0.4821 0.4861 -0.0292 -0.1015 -0.0242 9  DA A C2    
401 N N3    . DA B 9  ? 0.6461 0.5074 0.5152 -0.0290 -0.0950 -0.0247 9  DA A N3    
402 C C4    . DA B 9  ? 0.6203 0.4889 0.4774 -0.0267 -0.0712 -0.0250 9  DA A C4    
403 P P     . DC B 10 ? 0.7966 0.5815 0.6001 -0.0441 -0.0973 -0.0268 10 DC A P     
404 O OP1   . DC B 10 ? 0.8577 0.6356 0.6718 -0.0504 -0.1089 -0.0277 10 DC A OP1   
405 O OP2   . DC B 10 ? 0.8405 0.6087 0.6068 -0.0402 -0.0773 -0.0284 10 DC A OP2   
406 O "O5'" . DC B 10 ? 0.7878 0.5541 0.5831 -0.0471 -0.1209 -0.0265 10 DC A "O5'" 
407 C "C5'" . DC B 10 ? 0.6633 0.4458 0.5048 -0.0489 -0.1445 -0.0286 10 DC A "C5'" 
408 C "C4'" . DC B 10 ? 0.7424 0.4957 0.5639 -0.0492 -0.1706 -0.0284 10 DC A "C4'" 
409 O "O4'" . DC B 10 ? 0.7680 0.5342 0.5819 -0.0445 -0.1531 -0.0265 10 DC A "O4'" 
410 C "C3'" . DC B 10 ? 0.8980 0.5837 0.6452 -0.0557 -0.1870 -0.0265 10 DC A "C3'" 
411 O "O3'" . DC B 10 ? 1.0548 0.7125 0.8091 -0.0589 -0.2301 -0.0287 10 DC A "O3'" 
412 C "C2'" . DC B 10 ? 0.9324 0.5904 0.6285 -0.0561 -0.1761 -0.0246 10 DC A "C2'" 
413 C "C1'" . DC B 10 ? 0.8231 0.5370 0.5749 -0.0482 -0.1639 -0.0249 10 DC A "C1'" 
414 N N1    . DC B 10 ? 0.7926 0.5128 0.5206 -0.0469 -0.1304 -0.0247 10 DC A N1    
415 C C2    . DC B 10 ? 0.7442 0.4462 0.4477 -0.0482 -0.1327 -0.0243 10 DC A C2    
416 O O2    . DC B 10 ? 0.8126 0.4929 0.5136 -0.0485 -0.1652 -0.0232 10 DC A O2    
417 N N3    . DC B 10 ? 0.7527 0.4615 0.4408 -0.0488 -0.1009 -0.0265 10 DC A N3    
418 C C4    . DC B 10 ? 0.7459 0.4783 0.4465 -0.0463 -0.0718 -0.0301 10 DC A C4    
419 N N4    . DC B 10 ? 0.6896 0.4300 0.3853 -0.0467 -0.0431 -0.0353 10 DC A N4    
420 C C5    . DC B 10 ? 0.7351 0.4821 0.4564 -0.0433 -0.0724 -0.0297 10 DC A C5    
421 C C6    . DC B 10 ? 0.7960 0.5347 0.5263 -0.0448 -0.1002 -0.0266 10 DC A C6    
# 
loop_
_pdbx_poly_seq_scheme.asym_id 
_pdbx_poly_seq_scheme.entity_id 
_pdbx_poly_seq_scheme.seq_id 
_pdbx_poly_seq_scheme.mon_id 
_pdbx_poly_seq_scheme.ndb_seq_num 
_pdbx_poly_seq_scheme.pdb_seq_num 
_pdbx_poly_seq_scheme.auth_seq_num 
_pdbx_poly_seq_scheme.pdb_mon_id 
_pdbx_poly_seq_scheme.auth_mon_id 
_pdbx_poly_seq_scheme.pdb_strand_id 
_pdbx_poly_seq_scheme.pdb_ins_code 
_pdbx_poly_seq_scheme.hetero 
A 1 1  G  1  1  1  G  G  S . n 
A 1 2  U  2  2  2  U  U  S . n 
A 1 3  G  3  3  3  G  G  S . n 
A 1 4  G  4  4  4  G  G  S . n 
A 1 5  G  5  5  5  G  G  S . n 
A 1 6  C  6  6  6  C  C  S . n 
A 1 7  C  7  7  7  C  C  S . n 
A 1 8  G  8  8  8  G  G  S . n 
A 1 9  A  9  9  9  A  A  S . n 
A 1 10 C  10 10 10 C  C  S . n 
B 2 1  DG 1  1  1  DG DG A . n 
B 2 2  DT 2  2  2  DT DT A . n 
B 2 3  DC 3  3  3  DC DC A . n 
B 2 4  DG 4  4  4  DG DG A . n 
B 2 5  DG 5  5  5  DG DG A . n 
B 2 6  DC 6  6  6  DC DC A . n 
B 2 7  DC 7  7  7  DC DC A . n 
B 2 8  DC 8  8  8  DC DC A . n 
B 2 9  DA 9  9  9  DA DA A . n 
B 2 10 DC 10 10 10 DC DC A . n 
# 
loop_
_pdbx_nonpoly_scheme.asym_id 
_pdbx_nonpoly_scheme.entity_id 
_pdbx_nonpoly_scheme.mon_id 
_pdbx_nonpoly_scheme.ndb_seq_num 
_pdbx_nonpoly_scheme.pdb_seq_num 
_pdbx_nonpoly_scheme.auth_seq_num 
_pdbx_nonpoly_scheme.pdb_mon_id 
_pdbx_nonpoly_scheme.auth_mon_id 
_pdbx_nonpoly_scheme.pdb_strand_id 
_pdbx_nonpoly_scheme.pdb_ins_code 
C 3 SO4 1  101 1  SO4 SO4 A . 
D 4 HOH 1  101 20 HOH HOH S . 
D 4 HOH 2  102 1  HOH HOH S . 
D 4 HOH 3  103 2  HOH HOH S . 
D 4 HOH 4  104 16 HOH HOH S . 
D 4 HOH 5  105 17 HOH HOH S . 
D 4 HOH 6  106 9  HOH HOH S . 
D 4 HOH 7  107 14 HOH HOH S . 
D 4 HOH 8  108 22 HOH HOH S . 
D 4 HOH 9  109 19 HOH HOH S . 
D 4 HOH 10 110 21 HOH HOH S . 
E 4 HOH 1  201 18 HOH HOH A . 
E 4 HOH 2  202 4  HOH HOH A . 
E 4 HOH 3  203 8  HOH HOH A . 
E 4 HOH 4  204 6  HOH HOH A . 
E 4 HOH 5  205 15 HOH HOH A . 
E 4 HOH 6  206 3  HOH HOH A . 
E 4 HOH 7  207 7  HOH HOH A . 
# 
_pdbx_struct_assembly.id                   1 
_pdbx_struct_assembly.details              author_and_software_defined_assembly 
_pdbx_struct_assembly.method_details       PISA 
_pdbx_struct_assembly.oligomeric_details   dimeric 
_pdbx_struct_assembly.oligomeric_count     2 
# 
_pdbx_struct_assembly_gen.assembly_id       1 
_pdbx_struct_assembly_gen.oper_expression   1 
_pdbx_struct_assembly_gen.asym_id_list      A,B,C,D,E 
# 
loop_
_pdbx_struct_assembly_prop.biol_id 
_pdbx_struct_assembly_prop.type 
_pdbx_struct_assembly_prop.value 
_pdbx_struct_assembly_prop.details 
1 'ABSA (A^2)' 1200 ? 
1 MORE         -22  ? 
1 'SSA (A^2)'  3900 ? 
# 
_pdbx_struct_oper_list.id                   1 
_pdbx_struct_oper_list.type                 'identity operation' 
_pdbx_struct_oper_list.name                 1_555 
_pdbx_struct_oper_list.symmetry_operation   x,y,z 
_pdbx_struct_oper_list.matrix[1][1]         1.0000000000 
_pdbx_struct_oper_list.matrix[1][2]         0.0000000000 
_pdbx_struct_oper_list.matrix[1][3]         0.0000000000 
_pdbx_struct_oper_list.vector[1]            0.0000000000 
_pdbx_struct_oper_list.matrix[2][1]         0.0000000000 
_pdbx_struct_oper_list.matrix[2][2]         1.0000000000 
_pdbx_struct_oper_list.matrix[2][3]         0.0000000000 
_pdbx_struct_oper_list.vector[2]            0.0000000000 
_pdbx_struct_oper_list.matrix[3][1]         0.0000000000 
_pdbx_struct_oper_list.matrix[3][2]         0.0000000000 
_pdbx_struct_oper_list.matrix[3][3]         1.0000000000 
_pdbx_struct_oper_list.vector[3]            0.0000000000 
# 
loop_
_pdbx_audit_revision_history.ordinal 
_pdbx_audit_revision_history.data_content_type 
_pdbx_audit_revision_history.major_revision 
_pdbx_audit_revision_history.minor_revision 
_pdbx_audit_revision_history.revision_date 
1 'Structure model' 1 0 2021-03-03 
2 'Structure model' 1 1 2021-05-26 
3 'Structure model' 1 2 2021-10-06 
4 'Structure model' 1 3 2023-11-29 
# 
_pdbx_audit_revision_details.ordinal             1 
_pdbx_audit_revision_details.revision_ordinal    1 
_pdbx_audit_revision_details.data_content_type   'Structure model' 
_pdbx_audit_revision_details.provider            repository 
_pdbx_audit_revision_details.type                'Initial release' 
_pdbx_audit_revision_details.description         ? 
_pdbx_audit_revision_details.details             ? 
# 
loop_
_pdbx_audit_revision_group.ordinal 
_pdbx_audit_revision_group.revision_ordinal 
_pdbx_audit_revision_group.data_content_type 
_pdbx_audit_revision_group.group 
1 2 'Structure model' 'Database references'    
2 3 'Structure model' 'Database references'    
3 4 'Structure model' 'Data collection'        
4 4 'Structure model' 'Refinement description' 
# 
loop_
_pdbx_audit_revision_category.ordinal 
_pdbx_audit_revision_category.revision_ordinal 
_pdbx_audit_revision_category.data_content_type 
_pdbx_audit_revision_category.category 
1 2 'Structure model' citation                      
2 2 'Structure model' citation_author               
3 3 'Structure model' citation                      
4 3 'Structure model' citation_author               
5 3 'Structure model' database_2                    
6 4 'Structure model' chem_comp_atom                
7 4 'Structure model' chem_comp_bond                
8 4 'Structure model' pdbx_initial_refinement_model 
# 
loop_
_pdbx_audit_revision_item.ordinal 
_pdbx_audit_revision_item.revision_ordinal 
_pdbx_audit_revision_item.data_content_type 
_pdbx_audit_revision_item.item 
1  2 'Structure model' '_citation.country'                   
2  2 'Structure model' '_citation.journal_abbrev'            
3  2 'Structure model' '_citation.journal_id_ASTM'           
4  2 'Structure model' '_citation.journal_id_CSD'            
5  2 'Structure model' '_citation.journal_id_ISSN'           
6  2 'Structure model' '_citation.pdbx_database_id_DOI'      
7  2 'Structure model' '_citation.pdbx_database_id_PubMed'   
8  2 'Structure model' '_citation.title'                     
9  2 'Structure model' '_citation.year'                      
10 3 'Structure model' '_citation.journal_volume'            
11 3 'Structure model' '_citation.page_first'                
12 3 'Structure model' '_citation.page_last'                 
13 3 'Structure model' '_citation_author.identifier_ORCID'   
14 3 'Structure model' '_database_2.pdbx_DOI'                
15 3 'Structure model' '_database_2.pdbx_database_accession' 
# 
loop_
_pdbx_refine_tls.id 
_pdbx_refine_tls.pdbx_refine_id 
_pdbx_refine_tls.details 
_pdbx_refine_tls.method 
_pdbx_refine_tls.origin_x 
_pdbx_refine_tls.origin_y 
_pdbx_refine_tls.origin_z 
_pdbx_refine_tls.T[1][1] 
_pdbx_refine_tls.T[1][1]_esd 
_pdbx_refine_tls.T[1][2] 
_pdbx_refine_tls.T[1][2]_esd 
_pdbx_refine_tls.T[1][3] 
_pdbx_refine_tls.T[1][3]_esd 
_pdbx_refine_tls.T[2][2] 
_pdbx_refine_tls.T[2][2]_esd 
_pdbx_refine_tls.T[2][3] 
_pdbx_refine_tls.T[2][3]_esd 
_pdbx_refine_tls.T[3][3] 
_pdbx_refine_tls.T[3][3]_esd 
_pdbx_refine_tls.L[1][1] 
_pdbx_refine_tls.L[1][1]_esd 
_pdbx_refine_tls.L[1][2] 
_pdbx_refine_tls.L[1][2]_esd 
_pdbx_refine_tls.L[1][3] 
_pdbx_refine_tls.L[1][3]_esd 
_pdbx_refine_tls.L[2][2] 
_pdbx_refine_tls.L[2][2]_esd 
_pdbx_refine_tls.L[2][3] 
_pdbx_refine_tls.L[2][3]_esd 
_pdbx_refine_tls.L[3][3] 
_pdbx_refine_tls.L[3][3]_esd 
_pdbx_refine_tls.S[1][1] 
_pdbx_refine_tls.S[1][1]_esd 
_pdbx_refine_tls.S[1][2] 
_pdbx_refine_tls.S[1][2]_esd 
_pdbx_refine_tls.S[1][3] 
_pdbx_refine_tls.S[1][3]_esd 
_pdbx_refine_tls.S[2][1] 
_pdbx_refine_tls.S[2][1]_esd 
_pdbx_refine_tls.S[2][2] 
_pdbx_refine_tls.S[2][2]_esd 
_pdbx_refine_tls.S[2][3] 
_pdbx_refine_tls.S[2][3]_esd 
_pdbx_refine_tls.S[3][1] 
_pdbx_refine_tls.S[3][1]_esd 
_pdbx_refine_tls.S[3][2] 
_pdbx_refine_tls.S[3][2]_esd 
_pdbx_refine_tls.S[3][3] 
_pdbx_refine_tls.S[3][3]_esd 
1 'X-RAY DIFFRACTION' ? refined -0.9770 0.3780  1.1751  0.3543 ? 0.0220  ? 0.0628  ? 0.3463 ? -0.0192 ? 0.3672 ? 1.2481 ? 1.2590 ? 1.8498 ? 4.6695 ? 2.3007 ? 2.7857 ? 0.0001  ? -0.0571 ? 0.1256  ? -0.1019 ? 0.1198 ? 0.0250 ? -0.0959 ? 0.0021 ? -0.0733 ? 
2 'X-RAY DIFFRACTION' ? refined 1.0961  -0.3863 -1.4841 0.3724 ? -0.0056 ? -0.0064 ? 0.3894 ? -0.0245 ? 0.3250 ? 0.2222 ? 1.2954 ? 0.4079 ? 7.5025 ? 2.1637 ? 1.9425 ? -0.0592 ? 0.0312  ? -0.0823 ? -0.4625 ? 0.0901 ? 0.0984 ? 0.0199  ? 0.0765 ? -0.0631 ? 
# 
loop_
_pdbx_refine_tls_group.id 
_pdbx_refine_tls_group.pdbx_refine_id 
_pdbx_refine_tls_group.refine_tls_id 
_pdbx_refine_tls_group.beg_label_asym_id 
_pdbx_refine_tls_group.beg_label_seq_id 
_pdbx_refine_tls_group.beg_auth_asym_id 
_pdbx_refine_tls_group.beg_auth_seq_id 
_pdbx_refine_tls_group.end_label_asym_id 
_pdbx_refine_tls_group.end_label_seq_id 
_pdbx_refine_tls_group.end_auth_asym_id 
_pdbx_refine_tls_group.end_auth_seq_id 
_pdbx_refine_tls_group.selection 
_pdbx_refine_tls_group.selection_details 
1 'X-RAY DIFFRACTION' 1 ? ? S 1 ? ? S 10 ? 
;chain 'S' and (resid 1 through 10 )
;
2 'X-RAY DIFFRACTION' 2 ? ? A 1 ? ? A 10 ? 
;chain 'A' and (resid 1 through 10 )
;
# 
loop_
_software.citation_id 
_software.classification 
_software.compiler_name 
_software.compiler_version 
_software.contact_author 
_software.contact_author_email 
_software.date 
_software.description 
_software.dependencies 
_software.hardware 
_software.language 
_software.location 
_software.mods 
_software.name 
_software.os 
_software.os_version 
_software.type 
_software.version 
_software.pdbx_ordinal 
? 'data scaling'    ? ? ? ? ? ? ? ? ? ? ? HKL-2000    ? ? ? .           1 
? refinement        ? ? ? ? ? ? ? ? ? ? ? PHENIX      ? ? ? 1.15.2_3472 2 
? 'data extraction' ? ? ? ? ? ? ? ? ? ? ? PDB_EXTRACT ? ? ? 3.25        3 
? 'data reduction'  ? ? ? ? ? ? ? ? ? ? ? HKL-2000    ? ? ? .           4 
? phasing           ? ? ? ? ? ? ? ? ? ? ? PHENIX      ? ? ? .           5 
# 
_pdbx_entry_details.entry_id                 7BPV 
_pdbx_entry_details.has_ligand_of_interest   N 
_pdbx_entry_details.compound_details         ? 
_pdbx_entry_details.source_details           ? 
_pdbx_entry_details.nonpolymer_details       ? 
_pdbx_entry_details.sequence_details         ? 
# 
loop_
_pdbx_validate_rmsd_bond.id 
_pdbx_validate_rmsd_bond.PDB_model_num 
_pdbx_validate_rmsd_bond.auth_atom_id_1 
_pdbx_validate_rmsd_bond.auth_asym_id_1 
_pdbx_validate_rmsd_bond.auth_comp_id_1 
_pdbx_validate_rmsd_bond.auth_seq_id_1 
_pdbx_validate_rmsd_bond.PDB_ins_code_1 
_pdbx_validate_rmsd_bond.label_alt_id_1 
_pdbx_validate_rmsd_bond.auth_atom_id_2 
_pdbx_validate_rmsd_bond.auth_asym_id_2 
_pdbx_validate_rmsd_bond.auth_comp_id_2 
_pdbx_validate_rmsd_bond.auth_seq_id_2 
_pdbx_validate_rmsd_bond.PDB_ins_code_2 
_pdbx_validate_rmsd_bond.label_alt_id_2 
_pdbx_validate_rmsd_bond.bond_value 
_pdbx_validate_rmsd_bond.bond_target_value 
_pdbx_validate_rmsd_bond.bond_deviation 
_pdbx_validate_rmsd_bond.bond_standard_deviation 
_pdbx_validate_rmsd_bond.linker_flag 
1 1 P S G  1 ? ? OP3 S G  1 ? ? 1.482 1.607 -0.125 0.012 N 
2 1 P A DG 1 ? ? OP3 A DG 1 ? ? 1.482 1.607 -0.125 0.012 N 
# 
loop_
_chem_comp_atom.comp_id 
_chem_comp_atom.atom_id 
_chem_comp_atom.type_symbol 
_chem_comp_atom.pdbx_aromatic_flag 
_chem_comp_atom.pdbx_stereo_config 
_chem_comp_atom.pdbx_ordinal 
A   OP3    O N N 1   
A   P      P N N 2   
A   OP1    O N N 3   
A   OP2    O N N 4   
A   "O5'"  O N N 5   
A   "C5'"  C N N 6   
A   "C4'"  C N R 7   
A   "O4'"  O N N 8   
A   "C3'"  C N S 9   
A   "O3'"  O N N 10  
A   "C2'"  C N R 11  
A   "O2'"  O N N 12  
A   "C1'"  C N R 13  
A   N9     N Y N 14  
A   C8     C Y N 15  
A   N7     N Y N 16  
A   C5     C Y N 17  
A   C6     C Y N 18  
A   N6     N N N 19  
A   N1     N Y N 20  
A   C2     C Y N 21  
A   N3     N Y N 22  
A   C4     C Y N 23  
A   HOP3   H N N 24  
A   HOP2   H N N 25  
A   "H5'"  H N N 26  
A   "H5''" H N N 27  
A   "H4'"  H N N 28  
A   "H3'"  H N N 29  
A   "HO3'" H N N 30  
A   "H2'"  H N N 31  
A   "HO2'" H N N 32  
A   "H1'"  H N N 33  
A   H8     H N N 34  
A   H61    H N N 35  
A   H62    H N N 36  
A   H2     H N N 37  
C   OP3    O N N 38  
C   P      P N N 39  
C   OP1    O N N 40  
C   OP2    O N N 41  
C   "O5'"  O N N 42  
C   "C5'"  C N N 43  
C   "C4'"  C N R 44  
C   "O4'"  O N N 45  
C   "C3'"  C N S 46  
C   "O3'"  O N N 47  
C   "C2'"  C N R 48  
C   "O2'"  O N N 49  
C   "C1'"  C N R 50  
C   N1     N N N 51  
C   C2     C N N 52  
C   O2     O N N 53  
C   N3     N N N 54  
C   C4     C N N 55  
C   N4     N N N 56  
C   C5     C N N 57  
C   C6     C N N 58  
C   HOP3   H N N 59  
C   HOP2   H N N 60  
C   "H5'"  H N N 61  
C   "H5''" H N N 62  
C   "H4'"  H N N 63  
C   "H3'"  H N N 64  
C   "HO3'" H N N 65  
C   "H2'"  H N N 66  
C   "HO2'" H N N 67  
C   "H1'"  H N N 68  
C   H41    H N N 69  
C   H42    H N N 70  
C   H5     H N N 71  
C   H6     H N N 72  
DA  OP3    O N N 73  
DA  P      P N N 74  
DA  OP1    O N N 75  
DA  OP2    O N N 76  
DA  "O5'"  O N N 77  
DA  "C5'"  C N N 78  
DA  "C4'"  C N R 79  
DA  "O4'"  O N N 80  
DA  "C3'"  C N S 81  
DA  "O3'"  O N N 82  
DA  "C2'"  C N N 83  
DA  "C1'"  C N R 84  
DA  N9     N Y N 85  
DA  C8     C Y N 86  
DA  N7     N Y N 87  
DA  C5     C Y N 88  
DA  C6     C Y N 89  
DA  N6     N N N 90  
DA  N1     N Y N 91  
DA  C2     C Y N 92  
DA  N3     N Y N 93  
DA  C4     C Y N 94  
DA  HOP3   H N N 95  
DA  HOP2   H N N 96  
DA  "H5'"  H N N 97  
DA  "H5''" H N N 98  
DA  "H4'"  H N N 99  
DA  "H3'"  H N N 100 
DA  "HO3'" H N N 101 
DA  "H2'"  H N N 102 
DA  "H2''" H N N 103 
DA  "H1'"  H N N 104 
DA  H8     H N N 105 
DA  H61    H N N 106 
DA  H62    H N N 107 
DA  H2     H N N 108 
DC  OP3    O N N 109 
DC  P      P N N 110 
DC  OP1    O N N 111 
DC  OP2    O N N 112 
DC  "O5'"  O N N 113 
DC  "C5'"  C N N 114 
DC  "C4'"  C N R 115 
DC  "O4'"  O N N 116 
DC  "C3'"  C N S 117 
DC  "O3'"  O N N 118 
DC  "C2'"  C N N 119 
DC  "C1'"  C N R 120 
DC  N1     N N N 121 
DC  C2     C N N 122 
DC  O2     O N N 123 
DC  N3     N N N 124 
DC  C4     C N N 125 
DC  N4     N N N 126 
DC  C5     C N N 127 
DC  C6     C N N 128 
DC  HOP3   H N N 129 
DC  HOP2   H N N 130 
DC  "H5'"  H N N 131 
DC  "H5''" H N N 132 
DC  "H4'"  H N N 133 
DC  "H3'"  H N N 134 
DC  "HO3'" H N N 135 
DC  "H2'"  H N N 136 
DC  "H2''" H N N 137 
DC  "H1'"  H N N 138 
DC  H41    H N N 139 
DC  H42    H N N 140 
DC  H5     H N N 141 
DC  H6     H N N 142 
DG  OP3    O N N 143 
DG  P      P N N 144 
DG  OP1    O N N 145 
DG  OP2    O N N 146 
DG  "O5'"  O N N 147 
DG  "C5'"  C N N 148 
DG  "C4'"  C N R 149 
DG  "O4'"  O N N 150 
DG  "C3'"  C N S 151 
DG  "O3'"  O N N 152 
DG  "C2'"  C N N 153 
DG  "C1'"  C N R 154 
DG  N9     N Y N 155 
DG  C8     C Y N 156 
DG  N7     N Y N 157 
DG  C5     C Y N 158 
DG  C6     C N N 159 
DG  O6     O N N 160 
DG  N1     N N N 161 
DG  C2     C N N 162 
DG  N2     N N N 163 
DG  N3     N N N 164 
DG  C4     C Y N 165 
DG  HOP3   H N N 166 
DG  HOP2   H N N 167 
DG  "H5'"  H N N 168 
DG  "H5''" H N N 169 
DG  "H4'"  H N N 170 
DG  "H3'"  H N N 171 
DG  "HO3'" H N N 172 
DG  "H2'"  H N N 173 
DG  "H2''" H N N 174 
DG  "H1'"  H N N 175 
DG  H8     H N N 176 
DG  H1     H N N 177 
DG  H21    H N N 178 
DG  H22    H N N 179 
DT  OP3    O N N 180 
DT  P      P N N 181 
DT  OP1    O N N 182 
DT  OP2    O N N 183 
DT  "O5'"  O N N 184 
DT  "C5'"  C N N 185 
DT  "C4'"  C N R 186 
DT  "O4'"  O N N 187 
DT  "C3'"  C N S 188 
DT  "O3'"  O N N 189 
DT  "C2'"  C N N 190 
DT  "C1'"  C N R 191 
DT  N1     N N N 192 
DT  C2     C N N 193 
DT  O2     O N N 194 
DT  N3     N N N 195 
DT  C4     C N N 196 
DT  O4     O N N 197 
DT  C5     C N N 198 
DT  C7     C N N 199 
DT  C6     C N N 200 
DT  HOP3   H N N 201 
DT  HOP2   H N N 202 
DT  "H5'"  H N N 203 
DT  "H5''" H N N 204 
DT  "H4'"  H N N 205 
DT  "H3'"  H N N 206 
DT  "HO3'" H N N 207 
DT  "H2'"  H N N 208 
DT  "H2''" H N N 209 
DT  "H1'"  H N N 210 
DT  H3     H N N 211 
DT  H71    H N N 212 
DT  H72    H N N 213 
DT  H73    H N N 214 
DT  H6     H N N 215 
G   OP3    O N N 216 
G   P      P N N 217 
G   OP1    O N N 218 
G   OP2    O N N 219 
G   "O5'"  O N N 220 
G   "C5'"  C N N 221 
G   "C4'"  C N R 222 
G   "O4'"  O N N 223 
G   "C3'"  C N S 224 
G   "O3'"  O N N 225 
G   "C2'"  C N R 226 
G   "O2'"  O N N 227 
G   "C1'"  C N R 228 
G   N9     N Y N 229 
G   C8     C Y N 230 
G   N7     N Y N 231 
G   C5     C Y N 232 
G   C6     C N N 233 
G   O6     O N N 234 
G   N1     N N N 235 
G   C2     C N N 236 
G   N2     N N N 237 
G   N3     N N N 238 
G   C4     C Y N 239 
G   HOP3   H N N 240 
G   HOP2   H N N 241 
G   "H5'"  H N N 242 
G   "H5''" H N N 243 
G   "H4'"  H N N 244 
G   "H3'"  H N N 245 
G   "HO3'" H N N 246 
G   "H2'"  H N N 247 
G   "HO2'" H N N 248 
G   "H1'"  H N N 249 
G   H8     H N N 250 
G   H1     H N N 251 
G   H21    H N N 252 
G   H22    H N N 253 
HOH O      O N N 254 
HOH H1     H N N 255 
HOH H2     H N N 256 
SO4 S      S N N 257 
SO4 O1     O N N 258 
SO4 O2     O N N 259 
SO4 O3     O N N 260 
SO4 O4     O N N 261 
U   OP3    O N N 262 
U   P      P N N 263 
U   OP1    O N N 264 
U   OP2    O N N 265 
U   "O5'"  O N N 266 
U   "C5'"  C N N 267 
U   "C4'"  C N R 268 
U   "O4'"  O N N 269 
U   "C3'"  C N S 270 
U   "O3'"  O N N 271 
U   "C2'"  C N R 272 
U   "O2'"  O N N 273 
U   "C1'"  C N R 274 
U   N1     N N N 275 
U   C2     C N N 276 
U   O2     O N N 277 
U   N3     N N N 278 
U   C4     C N N 279 
U   O4     O N N 280 
U   C5     C N N 281 
U   C6     C N N 282 
U   HOP3   H N N 283 
U   HOP2   H N N 284 
U   "H5'"  H N N 285 
U   "H5''" H N N 286 
U   "H4'"  H N N 287 
U   "H3'"  H N N 288 
U   "HO3'" H N N 289 
U   "H2'"  H N N 290 
U   "HO2'" H N N 291 
U   "H1'"  H N N 292 
U   H3     H N N 293 
U   H5     H N N 294 
U   H6     H N N 295 
# 
loop_
_chem_comp_bond.comp_id 
_chem_comp_bond.atom_id_1 
_chem_comp_bond.atom_id_2 
_chem_comp_bond.value_order 
_chem_comp_bond.pdbx_aromatic_flag 
_chem_comp_bond.pdbx_stereo_config 
_chem_comp_bond.pdbx_ordinal 
A   OP3   P      sing N N 1   
A   OP3   HOP3   sing N N 2   
A   P     OP1    doub N N 3   
A   P     OP2    sing N N 4   
A   P     "O5'"  sing N N 5   
A   OP2   HOP2   sing N N 6   
A   "O5'" "C5'"  sing N N 7   
A   "C5'" "C4'"  sing N N 8   
A   "C5'" "H5'"  sing N N 9   
A   "C5'" "H5''" sing N N 10  
A   "C4'" "O4'"  sing N N 11  
A   "C4'" "C3'"  sing N N 12  
A   "C4'" "H4'"  sing N N 13  
A   "O4'" "C1'"  sing N N 14  
A   "C3'" "O3'"  sing N N 15  
A   "C3'" "C2'"  sing N N 16  
A   "C3'" "H3'"  sing N N 17  
A   "O3'" "HO3'" sing N N 18  
A   "C2'" "O2'"  sing N N 19  
A   "C2'" "C1'"  sing N N 20  
A   "C2'" "H2'"  sing N N 21  
A   "O2'" "HO2'" sing N N 22  
A   "C1'" N9     sing N N 23  
A   "C1'" "H1'"  sing N N 24  
A   N9    C8     sing Y N 25  
A   N9    C4     sing Y N 26  
A   C8    N7     doub Y N 27  
A   C8    H8     sing N N 28  
A   N7    C5     sing Y N 29  
A   C5    C6     sing Y N 30  
A   C5    C4     doub Y N 31  
A   C6    N6     sing N N 32  
A   C6    N1     doub Y N 33  
A   N6    H61    sing N N 34  
A   N6    H62    sing N N 35  
A   N1    C2     sing Y N 36  
A   C2    N3     doub Y N 37  
A   C2    H2     sing N N 38  
A   N3    C4     sing Y N 39  
C   OP3   P      sing N N 40  
C   OP3   HOP3   sing N N 41  
C   P     OP1    doub N N 42  
C   P     OP2    sing N N 43  
C   P     "O5'"  sing N N 44  
C   OP2   HOP2   sing N N 45  
C   "O5'" "C5'"  sing N N 46  
C   "C5'" "C4'"  sing N N 47  
C   "C5'" "H5'"  sing N N 48  
C   "C5'" "H5''" sing N N 49  
C   "C4'" "O4'"  sing N N 50  
C   "C4'" "C3'"  sing N N 51  
C   "C4'" "H4'"  sing N N 52  
C   "O4'" "C1'"  sing N N 53  
C   "C3'" "O3'"  sing N N 54  
C   "C3'" "C2'"  sing N N 55  
C   "C3'" "H3'"  sing N N 56  
C   "O3'" "HO3'" sing N N 57  
C   "C2'" "O2'"  sing N N 58  
C   "C2'" "C1'"  sing N N 59  
C   "C2'" "H2'"  sing N N 60  
C   "O2'" "HO2'" sing N N 61  
C   "C1'" N1     sing N N 62  
C   "C1'" "H1'"  sing N N 63  
C   N1    C2     sing N N 64  
C   N1    C6     sing N N 65  
C   C2    O2     doub N N 66  
C   C2    N3     sing N N 67  
C   N3    C4     doub N N 68  
C   C4    N4     sing N N 69  
C   C4    C5     sing N N 70  
C   N4    H41    sing N N 71  
C   N4    H42    sing N N 72  
C   C5    C6     doub N N 73  
C   C5    H5     sing N N 74  
C   C6    H6     sing N N 75  
DA  OP3   P      sing N N 76  
DA  OP3   HOP3   sing N N 77  
DA  P     OP1    doub N N 78  
DA  P     OP2    sing N N 79  
DA  P     "O5'"  sing N N 80  
DA  OP2   HOP2   sing N N 81  
DA  "O5'" "C5'"  sing N N 82  
DA  "C5'" "C4'"  sing N N 83  
DA  "C5'" "H5'"  sing N N 84  
DA  "C5'" "H5''" sing N N 85  
DA  "C4'" "O4'"  sing N N 86  
DA  "C4'" "C3'"  sing N N 87  
DA  "C4'" "H4'"  sing N N 88  
DA  "O4'" "C1'"  sing N N 89  
DA  "C3'" "O3'"  sing N N 90  
DA  "C3'" "C2'"  sing N N 91  
DA  "C3'" "H3'"  sing N N 92  
DA  "O3'" "HO3'" sing N N 93  
DA  "C2'" "C1'"  sing N N 94  
DA  "C2'" "H2'"  sing N N 95  
DA  "C2'" "H2''" sing N N 96  
DA  "C1'" N9     sing N N 97  
DA  "C1'" "H1'"  sing N N 98  
DA  N9    C8     sing Y N 99  
DA  N9    C4     sing Y N 100 
DA  C8    N7     doub Y N 101 
DA  C8    H8     sing N N 102 
DA  N7    C5     sing Y N 103 
DA  C5    C6     sing Y N 104 
DA  C5    C4     doub Y N 105 
DA  C6    N6     sing N N 106 
DA  C6    N1     doub Y N 107 
DA  N6    H61    sing N N 108 
DA  N6    H62    sing N N 109 
DA  N1    C2     sing Y N 110 
DA  C2    N3     doub Y N 111 
DA  C2    H2     sing N N 112 
DA  N3    C4     sing Y N 113 
DC  OP3   P      sing N N 114 
DC  OP3   HOP3   sing N N 115 
DC  P     OP1    doub N N 116 
DC  P     OP2    sing N N 117 
DC  P     "O5'"  sing N N 118 
DC  OP2   HOP2   sing N N 119 
DC  "O5'" "C5'"  sing N N 120 
DC  "C5'" "C4'"  sing N N 121 
DC  "C5'" "H5'"  sing N N 122 
DC  "C5'" "H5''" sing N N 123 
DC  "C4'" "O4'"  sing N N 124 
DC  "C4'" "C3'"  sing N N 125 
DC  "C4'" "H4'"  sing N N 126 
DC  "O4'" "C1'"  sing N N 127 
DC  "C3'" "O3'"  sing N N 128 
DC  "C3'" "C2'"  sing N N 129 
DC  "C3'" "H3'"  sing N N 130 
DC  "O3'" "HO3'" sing N N 131 
DC  "C2'" "C1'"  sing N N 132 
DC  "C2'" "H2'"  sing N N 133 
DC  "C2'" "H2''" sing N N 134 
DC  "C1'" N1     sing N N 135 
DC  "C1'" "H1'"  sing N N 136 
DC  N1    C2     sing N N 137 
DC  N1    C6     sing N N 138 
DC  C2    O2     doub N N 139 
DC  C2    N3     sing N N 140 
DC  N3    C4     doub N N 141 
DC  C4    N4     sing N N 142 
DC  C4    C5     sing N N 143 
DC  N4    H41    sing N N 144 
DC  N4    H42    sing N N 145 
DC  C5    C6     doub N N 146 
DC  C5    H5     sing N N 147 
DC  C6    H6     sing N N 148 
DG  OP3   P      sing N N 149 
DG  OP3   HOP3   sing N N 150 
DG  P     OP1    doub N N 151 
DG  P     OP2    sing N N 152 
DG  P     "O5'"  sing N N 153 
DG  OP2   HOP2   sing N N 154 
DG  "O5'" "C5'"  sing N N 155 
DG  "C5'" "C4'"  sing N N 156 
DG  "C5'" "H5'"  sing N N 157 
DG  "C5'" "H5''" sing N N 158 
DG  "C4'" "O4'"  sing N N 159 
DG  "C4'" "C3'"  sing N N 160 
DG  "C4'" "H4'"  sing N N 161 
DG  "O4'" "C1'"  sing N N 162 
DG  "C3'" "O3'"  sing N N 163 
DG  "C3'" "C2'"  sing N N 164 
DG  "C3'" "H3'"  sing N N 165 
DG  "O3'" "HO3'" sing N N 166 
DG  "C2'" "C1'"  sing N N 167 
DG  "C2'" "H2'"  sing N N 168 
DG  "C2'" "H2''" sing N N 169 
DG  "C1'" N9     sing N N 170 
DG  "C1'" "H1'"  sing N N 171 
DG  N9    C8     sing Y N 172 
DG  N9    C4     sing Y N 173 
DG  C8    N7     doub Y N 174 
DG  C8    H8     sing N N 175 
DG  N7    C5     sing Y N 176 
DG  C5    C6     sing N N 177 
DG  C5    C4     doub Y N 178 
DG  C6    O6     doub N N 179 
DG  C6    N1     sing N N 180 
DG  N1    C2     sing N N 181 
DG  N1    H1     sing N N 182 
DG  C2    N2     sing N N 183 
DG  C2    N3     doub N N 184 
DG  N2    H21    sing N N 185 
DG  N2    H22    sing N N 186 
DG  N3    C4     sing N N 187 
DT  OP3   P      sing N N 188 
DT  OP3   HOP3   sing N N 189 
DT  P     OP1    doub N N 190 
DT  P     OP2    sing N N 191 
DT  P     "O5'"  sing N N 192 
DT  OP2   HOP2   sing N N 193 
DT  "O5'" "C5'"  sing N N 194 
DT  "C5'" "C4'"  sing N N 195 
DT  "C5'" "H5'"  sing N N 196 
DT  "C5'" "H5''" sing N N 197 
DT  "C4'" "O4'"  sing N N 198 
DT  "C4'" "C3'"  sing N N 199 
DT  "C4'" "H4'"  sing N N 200 
DT  "O4'" "C1'"  sing N N 201 
DT  "C3'" "O3'"  sing N N 202 
DT  "C3'" "C2'"  sing N N 203 
DT  "C3'" "H3'"  sing N N 204 
DT  "O3'" "HO3'" sing N N 205 
DT  "C2'" "C1'"  sing N N 206 
DT  "C2'" "H2'"  sing N N 207 
DT  "C2'" "H2''" sing N N 208 
DT  "C1'" N1     sing N N 209 
DT  "C1'" "H1'"  sing N N 210 
DT  N1    C2     sing N N 211 
DT  N1    C6     sing N N 212 
DT  C2    O2     doub N N 213 
DT  C2    N3     sing N N 214 
DT  N3    C4     sing N N 215 
DT  N3    H3     sing N N 216 
DT  C4    O4     doub N N 217 
DT  C4    C5     sing N N 218 
DT  C5    C7     sing N N 219 
DT  C5    C6     doub N N 220 
DT  C7    H71    sing N N 221 
DT  C7    H72    sing N N 222 
DT  C7    H73    sing N N 223 
DT  C6    H6     sing N N 224 
G   OP3   P      sing N N 225 
G   OP3   HOP3   sing N N 226 
G   P     OP1    doub N N 227 
G   P     OP2    sing N N 228 
G   P     "O5'"  sing N N 229 
G   OP2   HOP2   sing N N 230 
G   "O5'" "C5'"  sing N N 231 
G   "C5'" "C4'"  sing N N 232 
G   "C5'" "H5'"  sing N N 233 
G   "C5'" "H5''" sing N N 234 
G   "C4'" "O4'"  sing N N 235 
G   "C4'" "C3'"  sing N N 236 
G   "C4'" "H4'"  sing N N 237 
G   "O4'" "C1'"  sing N N 238 
G   "C3'" "O3'"  sing N N 239 
G   "C3'" "C2'"  sing N N 240 
G   "C3'" "H3'"  sing N N 241 
G   "O3'" "HO3'" sing N N 242 
G   "C2'" "O2'"  sing N N 243 
G   "C2'" "C1'"  sing N N 244 
G   "C2'" "H2'"  sing N N 245 
G   "O2'" "HO2'" sing N N 246 
G   "C1'" N9     sing N N 247 
G   "C1'" "H1'"  sing N N 248 
G   N9    C8     sing Y N 249 
G   N9    C4     sing Y N 250 
G   C8    N7     doub Y N 251 
G   C8    H8     sing N N 252 
G   N7    C5     sing Y N 253 
G   C5    C6     sing N N 254 
G   C5    C4     doub Y N 255 
G   C6    O6     doub N N 256 
G   C6    N1     sing N N 257 
G   N1    C2     sing N N 258 
G   N1    H1     sing N N 259 
G   C2    N2     sing N N 260 
G   C2    N3     doub N N 261 
G   N2    H21    sing N N 262 
G   N2    H22    sing N N 263 
G   N3    C4     sing N N 264 
HOH O     H1     sing N N 265 
HOH O     H2     sing N N 266 
SO4 S     O1     doub N N 267 
SO4 S     O2     doub N N 268 
SO4 S     O3     sing N N 269 
SO4 S     O4     sing N N 270 
U   OP3   P      sing N N 271 
U   OP3   HOP3   sing N N 272 
U   P     OP1    doub N N 273 
U   P     OP2    sing N N 274 
U   P     "O5'"  sing N N 275 
U   OP2   HOP2   sing N N 276 
U   "O5'" "C5'"  sing N N 277 
U   "C5'" "C4'"  sing N N 278 
U   "C5'" "H5'"  sing N N 279 
U   "C5'" "H5''" sing N N 280 
U   "C4'" "O4'"  sing N N 281 
U   "C4'" "C3'"  sing N N 282 
U   "C4'" "H4'"  sing N N 283 
U   "O4'" "C1'"  sing N N 284 
U   "C3'" "O3'"  sing N N 285 
U   "C3'" "C2'"  sing N N 286 
U   "C3'" "H3'"  sing N N 287 
U   "O3'" "HO3'" sing N N 288 
U   "C2'" "O2'"  sing N N 289 
U   "C2'" "C1'"  sing N N 290 
U   "C2'" "H2'"  sing N N 291 
U   "O2'" "HO2'" sing N N 292 
U   "C1'" N1     sing N N 293 
U   "C1'" "H1'"  sing N N 294 
U   N1    C2     sing N N 295 
U   N1    C6     sing N N 296 
U   C2    O2     doub N N 297 
U   C2    N3     sing N N 298 
U   N3    C4     sing N N 299 
U   N3    H3     sing N N 300 
U   C4    O4     doub N N 301 
U   C4    C5     sing N N 302 
U   C5    C6     doub N N 303 
U   C5    H5     sing N N 304 
U   C6    H6     sing N N 305 
# 
_ndb_struct_conf_na.entry_id   7BPV 
_ndb_struct_conf_na.feature    'a-form double helix' 
# 
loop_
_ndb_struct_na_base_pair.model_number 
_ndb_struct_na_base_pair.i_label_asym_id 
_ndb_struct_na_base_pair.i_label_comp_id 
_ndb_struct_na_base_pair.i_label_seq_id 
_ndb_struct_na_base_pair.i_symmetry 
_ndb_struct_na_base_pair.j_label_asym_id 
_ndb_struct_na_base_pair.j_label_comp_id 
_ndb_struct_na_base_pair.j_label_seq_id 
_ndb_struct_na_base_pair.j_symmetry 
_ndb_struct_na_base_pair.shear 
_ndb_struct_na_base_pair.stretch 
_ndb_struct_na_base_pair.stagger 
_ndb_struct_na_base_pair.buckle 
_ndb_struct_na_base_pair.propeller 
_ndb_struct_na_base_pair.opening 
_ndb_struct_na_base_pair.pair_number 
_ndb_struct_na_base_pair.pair_name 
_ndb_struct_na_base_pair.i_auth_asym_id 
_ndb_struct_na_base_pair.i_auth_seq_id 
_ndb_struct_na_base_pair.i_PDB_ins_code 
_ndb_struct_na_base_pair.j_auth_asym_id 
_ndb_struct_na_base_pair.j_auth_seq_id 
_ndb_struct_na_base_pair.j_PDB_ins_code 
_ndb_struct_na_base_pair.hbond_type_28 
_ndb_struct_na_base_pair.hbond_type_12 
1 A G 1  1_555 B DC 10 1_555 -0.512 -0.121 0.083  -17.730 -10.831 1.202  1  S_G1:DC10_A S 1  ? A 10 ? 19 1 
1 A U 2  1_555 B DA 9  1_555 -0.110 -0.194 0.236  -8.478  -8.199  3.796  2  S_U2:DA9_A  S 2  ? A 9  ? 20 1 
1 A G 3  1_555 B DC 8  1_555 -0.135 -0.099 0.078  -4.734  -9.472  2.343  3  S_G3:DC8_A  S 3  ? A 8  ? 19 1 
1 A G 4  1_555 B DC 7  1_555 -0.472 -0.212 -0.059 -9.719  -13.713 1.558  4  S_G4:DC7_A  S 4  ? A 7  ? 19 1 
1 A G 5  1_555 B DC 6  1_555 -0.068 -0.249 -0.190 -12.207 -13.744 -4.082 5  S_G5:DC6_A  S 5  ? A 6  ? 19 1 
1 A C 6  1_555 B DG 5  1_555 0.325  -0.162 0.029  -2.631  -5.240  0.805  6  S_C6:DG5_A  S 6  ? A 5  ? 19 1 
1 A C 7  1_555 B DG 4  1_555 0.255  -0.155 -0.115 6.282   -7.132  0.440  7  S_C7:DG4_A  S 7  ? A 4  ? 19 1 
1 A G 8  1_555 B DC 3  1_555 -0.174 -0.188 -0.339 -8.646  -7.010  1.307  8  S_G8:DC3_A  S 8  ? A 3  ? 19 1 
1 A A 9  1_555 B DT 2  1_555 0.088  -0.142 0.080  -7.418  -3.262  5.349  9  S_A9:DT2_A  S 9  ? A 2  ? 20 1 
1 A C 10 1_555 B DG 1  1_555 0.376  -0.136 0.251  1.944   7.519   1.295  10 S_C10:DG1_A S 10 ? A 1  ? 19 1 
# 
loop_
_ndb_struct_na_base_pair_step.model_number 
_ndb_struct_na_base_pair_step.i_label_asym_id_1 
_ndb_struct_na_base_pair_step.i_label_comp_id_1 
_ndb_struct_na_base_pair_step.i_label_seq_id_1 
_ndb_struct_na_base_pair_step.i_symmetry_1 
_ndb_struct_na_base_pair_step.j_label_asym_id_1 
_ndb_struct_na_base_pair_step.j_label_comp_id_1 
_ndb_struct_na_base_pair_step.j_label_seq_id_1 
_ndb_struct_na_base_pair_step.j_symmetry_1 
_ndb_struct_na_base_pair_step.i_label_asym_id_2 
_ndb_struct_na_base_pair_step.i_label_comp_id_2 
_ndb_struct_na_base_pair_step.i_label_seq_id_2 
_ndb_struct_na_base_pair_step.i_symmetry_2 
_ndb_struct_na_base_pair_step.j_label_asym_id_2 
_ndb_struct_na_base_pair_step.j_label_comp_id_2 
_ndb_struct_na_base_pair_step.j_label_seq_id_2 
_ndb_struct_na_base_pair_step.j_symmetry_2 
_ndb_struct_na_base_pair_step.shift 
_ndb_struct_na_base_pair_step.slide 
_ndb_struct_na_base_pair_step.rise 
_ndb_struct_na_base_pair_step.tilt 
_ndb_struct_na_base_pair_step.roll 
_ndb_struct_na_base_pair_step.twist 
_ndb_struct_na_base_pair_step.x_displacement 
_ndb_struct_na_base_pair_step.y_displacement 
_ndb_struct_na_base_pair_step.helical_rise 
_ndb_struct_na_base_pair_step.inclination 
_ndb_struct_na_base_pair_step.tip 
_ndb_struct_na_base_pair_step.helical_twist 
_ndb_struct_na_base_pair_step.step_number 
_ndb_struct_na_base_pair_step.step_name 
_ndb_struct_na_base_pair_step.i_auth_asym_id_1 
_ndb_struct_na_base_pair_step.i_auth_seq_id_1 
_ndb_struct_na_base_pair_step.i_PDB_ins_code_1 
_ndb_struct_na_base_pair_step.j_auth_asym_id_1 
_ndb_struct_na_base_pair_step.j_auth_seq_id_1 
_ndb_struct_na_base_pair_step.j_PDB_ins_code_1 
_ndb_struct_na_base_pair_step.i_auth_asym_id_2 
_ndb_struct_na_base_pair_step.i_auth_seq_id_2 
_ndb_struct_na_base_pair_step.i_PDB_ins_code_2 
_ndb_struct_na_base_pair_step.j_auth_asym_id_2 
_ndb_struct_na_base_pair_step.j_auth_seq_id_2 
_ndb_struct_na_base_pair_step.j_PDB_ins_code_2 
1 A G 1 1_555 B DC 10 1_555 A U 2  1_555 B DA 9 1_555 0.354  -1.416 3.121 1.027  3.584 32.910 -3.048 -0.460 2.964 6.302  -1.806 
33.115 1 SS_G1U2:DA9DC10_AA S 1 ? A 10 ? S 2  ? A 9 ? 
1 A U 2 1_555 B DA 9  1_555 A G 3  1_555 B DC 8 1_555 0.692  -1.504 3.040 3.929  7.046 30.802 -3.894 -0.620 2.704 12.988 -7.243 
31.816 2 SS_U2G3:DC8DA9_AA  S 2 ? A 9  ? S 3  ? A 8 ? 
1 A G 3 1_555 B DC 8  1_555 A G 4  1_555 B DC 7 1_555 0.157  -2.077 3.374 1.755  5.719 25.813 -5.995 0.106  2.859 12.588 -3.862 
26.485 3 SS_G3G4:DC7DC8_AA  S 3 ? A 8  ? S 4  ? A 7 ? 
1 A G 4 1_555 B DC 7  1_555 A G 5  1_555 B DC 6 1_555 -1.219 -1.609 3.302 -2.141 9.118 35.742 -3.727 1.647  2.885 14.549 3.416  
36.910 4 SS_G4G5:DC6DC7_AA  S 4 ? A 7  ? S 5  ? A 6 ? 
1 A G 5 1_555 B DC 6  1_555 A C 6  1_555 B DG 5 1_555 0.763  -1.093 3.127 -0.076 7.300 31.540 -3.146 -1.382 2.808 13.210 0.138  
32.353 5 SS_G5C6:DG5DC6_AA  S 5 ? A 6  ? S 6  ? A 5 ? 
1 A C 6 1_555 B DG 5  1_555 A C 7  1_555 B DG 4 1_555 0.568  -1.693 3.018 3.740  6.066 29.214 -4.363 -0.418 2.670 11.806 -7.278 
30.052 6 SS_C6C7:DG4DG5_AA  S 6 ? A 5  ? S 7  ? A 4 ? 
1 A C 7 1_555 B DG 4  1_555 A G 8  1_555 B DC 3 1_555 1.141  -2.226 3.678 3.486  6.517 28.533 -5.869 -1.446 3.215 12.950 -6.926 
29.455 7 SS_C7G8:DC3DG4_AA  S 7 ? A 4  ? S 8  ? A 3 ? 
1 A G 8 1_555 B DC 3  1_555 A A 9  1_555 B DT 2 1_555 -0.782 -2.314 3.196 -4.173 4.606 29.104 -5.414 0.701  2.885 9.036  8.186  
29.746 8 SS_G8A9:DT2DC3_AA  S 8 ? A 3  ? S 9  ? A 2 ? 
1 A A 9 1_555 B DT 2  1_555 A C 10 1_555 B DG 1 1_555 -0.169 -1.640 3.155 -1.485 3.592 30.810 -3.710 0.049  2.955 6.728  2.782  
31.048 9 SS_A9C10:DG1DT2_AA S 9 ? A 2  ? S 10 ? A 1 ? 
# 
loop_
_pdbx_entity_nonpoly.entity_id 
_pdbx_entity_nonpoly.name 
_pdbx_entity_nonpoly.comp_id 
3 'SULFATE ION' SO4 
4 water         HOH 
# 
_pdbx_initial_refinement_model.id               1 
_pdbx_initial_refinement_model.entity_id_list   ? 
_pdbx_initial_refinement_model.type             'experimental model' 
_pdbx_initial_refinement_model.source_name      PDB 
_pdbx_initial_refinement_model.accession_code   6L75 
_pdbx_initial_refinement_model.details          ? 
# 
_pdbx_struct_assembly_auth_evidence.id                     1 
_pdbx_struct_assembly_auth_evidence.assembly_id            1 
_pdbx_struct_assembly_auth_evidence.experimental_support   none 
_pdbx_struct_assembly_auth_evidence.details                ? 
# 
